data_2JXC
#
_entry.id   2JXC
#
loop_
_entity.id
_entity.type
_entity.pdbx_description
1 polymer 'Epidermal growth factor receptor substrate 15'
2 polymer Stonin-2
3 non-polymer 'CALCIUM ION'
#
loop_
_entity_poly.entity_id
_entity_poly.type
_entity_poly.pdbx_seq_one_letter_code
_entity_poly.pdbx_strand_id
1 'polypeptide(L)'
;GPLGSPWAVKPEDKAKYDAIFDSLSPVNGFLSGDKVKPVLLNSKLPVDILGRVWELSDIDHDGMLDRDEFAVAMFLVYCA
LEKEPVPMSLPPALVPPSKR
;
A
2 'polypeptide(L)' GPLGSPSVTEASPWRATNPFLNETLQDVQPSPINPFSAFFEEQER B
#
loop_
_chem_comp.id
_chem_comp.type
_chem_comp.name
_chem_comp.formula
CA non-polymer 'CALCIUM ION' 'Ca 2'
#
# COMPACT_ATOMS: atom_id res chain seq x y z
N PRO A 6 -18.50 -1.47 8.13
CA PRO A 6 -17.55 -2.43 8.71
C PRO A 6 -16.19 -2.29 8.05
N TRP A 7 -15.50 -1.22 8.38
CA TRP A 7 -14.26 -0.89 7.73
C TRP A 7 -13.26 -2.02 7.85
N ALA A 8 -12.73 -2.42 6.68
CA ALA A 8 -11.94 -3.62 6.55
C ALA A 8 -10.78 -3.68 7.51
N VAL A 9 -10.14 -2.55 7.72
CA VAL A 9 -9.02 -2.50 8.64
C VAL A 9 -9.52 -2.48 10.05
N LYS A 10 -9.84 -3.66 10.56
CA LYS A 10 -10.21 -3.80 11.93
C LYS A 10 -9.15 -3.14 12.79
N PRO A 11 -9.61 -2.33 13.74
CA PRO A 11 -8.81 -1.66 14.75
C PRO A 11 -7.58 -2.45 15.24
N GLU A 12 -7.66 -3.78 15.26
CA GLU A 12 -6.51 -4.61 15.58
C GLU A 12 -5.43 -4.50 14.50
N ASP A 13 -5.86 -4.45 13.26
CA ASP A 13 -4.93 -4.43 12.13
C ASP A 13 -4.52 -3.01 11.89
N LYS A 14 -5.47 -2.11 12.12
CA LYS A 14 -5.21 -0.69 12.08
C LYS A 14 -4.10 -0.33 13.05
N ALA A 15 -4.23 -0.77 14.30
CA ALA A 15 -3.23 -0.43 15.30
C ALA A 15 -1.89 -1.06 14.94
N LYS A 16 -1.94 -2.26 14.39
CA LYS A 16 -0.76 -2.94 13.89
C LYS A 16 -0.13 -2.15 12.74
N TYR A 17 -0.98 -1.56 11.91
CA TYR A 17 -0.52 -0.76 10.79
C TYR A 17 -0.03 0.59 11.26
N ASP A 18 -0.61 1.09 12.34
CA ASP A 18 -0.12 2.29 12.99
C ASP A 18 1.27 2.05 13.56
N ALA A 19 1.57 0.79 13.87
CA ALA A 19 2.86 0.42 14.42
C ALA A 19 3.93 0.50 13.35
N ILE A 20 3.64 -0.08 12.18
CA ILE A 20 4.57 0.02 11.07
C ILE A 20 4.60 1.46 10.57
N PHE A 21 3.43 2.09 10.58
CA PHE A 21 3.27 3.51 10.22
C PHE A 21 4.26 4.37 11.01
N ASP A 22 4.13 4.31 12.33
CA ASP A 22 4.98 5.11 13.23
C ASP A 22 6.45 4.78 13.07
N SER A 23 6.73 3.54 12.72
CA SER A 23 8.10 3.06 12.62
C SER A 23 8.82 3.74 11.44
N LEU A 24 8.06 4.36 10.57
CA LEU A 24 8.62 5.01 9.40
C LEU A 24 8.84 6.50 9.65
N SER A 25 8.50 6.95 10.86
CA SER A 25 8.58 8.37 11.23
C SER A 25 7.70 9.22 10.29
N PRO A 26 6.38 9.07 10.40
CA PRO A 26 5.42 9.67 9.46
C PRO A 26 5.36 11.18 9.52
N VAL A 27 4.59 11.72 8.60
CA VAL A 27 4.36 13.14 8.48
C VAL A 27 2.95 13.48 8.93
N ASN A 28 2.80 13.91 10.17
CA ASN A 28 1.51 14.37 10.71
C ASN A 28 0.44 13.27 10.67
N GLY A 29 0.87 12.02 10.73
CA GLY A 29 -0.06 10.92 10.64
C GLY A 29 -0.31 10.50 9.19
N PHE A 30 0.52 11.00 8.30
CA PHE A 30 0.50 10.61 6.90
C PHE A 30 1.87 10.09 6.49
N LEU A 31 1.89 9.10 5.63
CA LEU A 31 3.14 8.65 5.05
C LEU A 31 3.10 8.77 3.54
N SER A 32 4.23 8.96 2.90
CA SER A 32 4.25 9.07 1.46
C SER A 32 5.04 7.97 0.78
N GLY A 33 4.90 7.94 -0.55
CA GLY A 33 5.32 6.81 -1.35
C GLY A 33 6.75 6.43 -1.18
N ASP A 34 7.61 7.41 -0.97
CA ASP A 34 9.02 7.14 -0.81
C ASP A 34 9.28 6.23 0.39
N LYS A 35 8.41 6.35 1.40
CA LYS A 35 8.48 5.50 2.60
C LYS A 35 7.52 4.32 2.48
N VAL A 36 6.32 4.62 2.01
CA VAL A 36 5.27 3.63 1.92
C VAL A 36 5.61 2.54 0.91
N LYS A 37 6.10 2.95 -0.26
CA LYS A 37 6.43 2.00 -1.31
C LYS A 37 7.32 0.85 -0.82
N PRO A 38 8.43 1.14 -0.15
CA PRO A 38 9.29 0.09 0.40
C PRO A 38 8.63 -0.72 1.51
N VAL A 39 7.61 -0.15 2.15
CA VAL A 39 6.78 -0.94 3.06
C VAL A 39 5.74 -1.75 2.25
N LEU A 40 5.51 -1.30 1.03
CA LEU A 40 4.74 -2.09 0.07
C LEU A 40 5.61 -3.23 -0.44
N LEU A 41 6.87 -2.90 -0.74
CA LEU A 41 7.86 -3.87 -1.18
C LEU A 41 8.27 -4.78 -0.01
N ASN A 42 7.61 -4.59 1.13
CA ASN A 42 7.71 -5.52 2.24
C ASN A 42 7.28 -6.91 1.82
N SER A 43 6.53 -6.95 0.72
CA SER A 43 5.99 -8.18 0.18
C SER A 43 6.77 -8.59 -1.08
N LYS A 44 6.42 -9.74 -1.63
CA LYS A 44 6.99 -10.21 -2.89
C LYS A 44 6.17 -9.66 -4.07
N LEU A 45 5.28 -8.73 -3.75
CA LEU A 45 4.37 -8.16 -4.74
C LEU A 45 5.10 -7.17 -5.64
N PRO A 46 4.68 -7.08 -6.90
CA PRO A 46 5.28 -6.17 -7.88
C PRO A 46 4.60 -4.79 -7.88
N VAL A 47 5.34 -3.79 -8.37
CA VAL A 47 4.91 -2.39 -8.26
C VAL A 47 3.60 -2.12 -9.00
N ASP A 48 3.23 -2.98 -9.93
CA ASP A 48 1.96 -2.83 -10.63
C ASP A 48 0.78 -3.00 -9.67
N ILE A 49 0.84 -4.02 -8.83
CA ILE A 49 -0.23 -4.23 -7.85
C ILE A 49 -0.06 -3.29 -6.68
N LEU A 50 1.18 -3.07 -6.28
CA LEU A 50 1.49 -2.18 -5.17
C LEU A 50 1.05 -0.76 -5.51
N GLY A 51 1.23 -0.38 -6.75
CA GLY A 51 0.82 0.91 -7.23
C GLY A 51 -0.68 1.02 -7.34
N ARG A 52 -1.32 -0.05 -7.81
CA ARG A 52 -2.76 -0.06 -7.92
C ARG A 52 -3.38 0.04 -6.54
N VAL A 53 -2.80 -0.71 -5.62
CA VAL A 53 -3.22 -0.68 -4.22
C VAL A 53 -3.06 0.74 -3.66
N TRP A 54 -1.91 1.36 -3.89
CA TRP A 54 -1.69 2.77 -3.52
C TRP A 54 -2.81 3.67 -4.03
N GLU A 55 -3.08 3.57 -5.33
CA GLU A 55 -4.02 4.46 -5.99
C GLU A 55 -5.43 4.28 -5.43
N LEU A 56 -5.74 3.07 -4.97
CA LEU A 56 -7.00 2.80 -4.30
C LEU A 56 -6.97 3.21 -2.84
N SER A 57 -5.85 2.92 -2.17
CA SER A 57 -5.74 3.09 -0.73
C SER A 57 -5.68 4.55 -0.31
N ASP A 58 -5.15 5.41 -1.16
CA ASP A 58 -5.11 6.83 -0.86
C ASP A 58 -6.41 7.48 -1.34
N ILE A 59 -7.42 7.38 -0.49
CA ILE A 59 -8.78 7.80 -0.80
C ILE A 59 -8.84 9.28 -1.17
N ASP A 60 -8.18 10.12 -0.40
CA ASP A 60 -8.26 11.56 -0.61
C ASP A 60 -7.35 12.00 -1.75
N HIS A 61 -6.47 11.07 -2.16
CA HIS A 61 -5.50 11.28 -3.23
C HIS A 61 -4.68 12.54 -3.01
N ASP A 62 -4.31 12.76 -1.76
CA ASP A 62 -3.49 13.92 -1.39
C ASP A 62 -2.02 13.61 -1.63
N GLY A 63 -1.74 12.40 -2.10
CA GLY A 63 -0.37 12.01 -2.37
C GLY A 63 0.28 11.39 -1.15
N MET A 64 -0.48 11.33 -0.07
CA MET A 64 0.01 10.73 1.16
C MET A 64 -1.00 9.72 1.68
N LEU A 65 -0.49 8.72 2.36
CA LEU A 65 -1.32 7.69 2.91
C LEU A 65 -1.56 8.00 4.37
N ASP A 66 -2.77 8.39 4.67
CA ASP A 66 -3.17 8.72 6.03
C ASP A 66 -3.22 7.45 6.85
N ARG A 67 -3.22 7.56 8.16
CA ARG A 67 -3.28 6.39 9.03
C ARG A 67 -4.38 5.41 8.55
N ASP A 68 -5.53 5.94 8.16
CA ASP A 68 -6.62 5.11 7.63
C ASP A 68 -6.32 4.63 6.22
N GLU A 69 -5.80 5.53 5.38
CA GLU A 69 -5.58 5.22 3.97
C GLU A 69 -4.53 4.14 3.81
N PHE A 70 -3.53 4.19 4.68
CA PHE A 70 -2.45 3.22 4.67
C PHE A 70 -2.91 1.90 5.25
N ALA A 71 -3.73 1.99 6.28
CA ALA A 71 -4.30 0.80 6.89
C ALA A 71 -5.04 0.03 5.80
N VAL A 72 -5.66 0.80 4.92
CA VAL A 72 -6.29 0.28 3.72
C VAL A 72 -5.26 -0.41 2.82
N ALA A 73 -4.18 0.29 2.53
CA ALA A 73 -3.13 -0.22 1.66
C ALA A 73 -2.55 -1.53 2.16
N MET A 74 -2.09 -1.52 3.40
CA MET A 74 -1.42 -2.68 3.98
C MET A 74 -2.39 -3.86 4.17
N PHE A 75 -3.66 -3.54 4.36
CA PHE A 75 -4.69 -4.58 4.43
C PHE A 75 -4.80 -5.28 3.08
N LEU A 76 -4.66 -4.50 2.02
CA LEU A 76 -4.74 -5.02 0.66
C LEU A 76 -3.46 -5.77 0.31
N VAL A 77 -2.36 -5.40 0.97
CA VAL A 77 -1.08 -6.04 0.73
C VAL A 77 -1.11 -7.46 1.29
N TYR A 78 -1.56 -7.61 2.55
CA TYR A 78 -1.74 -8.94 3.11
C TYR A 78 -2.75 -9.73 2.31
N CYS A 79 -3.76 -9.04 1.77
CA CYS A 79 -4.80 -9.69 0.97
C CYS A 79 -4.17 -10.49 -0.18
N ALA A 80 -3.20 -9.88 -0.86
CA ALA A 80 -2.53 -10.54 -1.97
C ALA A 80 -1.67 -11.71 -1.48
N LEU A 81 -0.96 -11.49 -0.38
CA LEU A 81 -0.10 -12.52 0.20
C LEU A 81 -0.91 -13.67 0.78
N GLU A 82 -2.09 -13.35 1.29
CA GLU A 82 -2.99 -14.31 1.91
C GLU A 82 -3.78 -15.07 0.84
N LYS A 83 -3.31 -14.98 -0.40
CA LYS A 83 -3.84 -15.76 -1.51
C LYS A 83 -5.27 -15.35 -1.83
N GLU A 84 -5.58 -14.07 -1.67
CA GLU A 84 -6.91 -13.56 -1.97
C GLU A 84 -6.81 -12.54 -3.09
N PRO A 85 -7.55 -12.75 -4.19
CA PRO A 85 -7.59 -11.82 -5.32
C PRO A 85 -7.96 -10.40 -4.91
N VAL A 86 -7.23 -9.43 -5.43
CA VAL A 86 -7.43 -8.03 -5.06
C VAL A 86 -8.28 -7.32 -6.10
N PRO A 87 -9.14 -6.40 -5.65
CA PRO A 87 -10.01 -5.63 -6.53
C PRO A 87 -9.32 -4.40 -7.11
N MET A 88 -9.81 -3.95 -8.25
CA MET A 88 -9.30 -2.74 -8.86
C MET A 88 -10.28 -1.61 -8.62
N SER A 89 -11.44 -1.96 -8.08
CA SER A 89 -12.43 -0.98 -7.71
C SER A 89 -12.46 -0.80 -6.20
N LEU A 90 -12.96 0.35 -5.79
CA LEU A 90 -12.97 0.72 -4.37
C LEU A 90 -14.10 0.01 -3.64
N PRO A 91 -13.75 -0.94 -2.76
CA PRO A 91 -14.70 -1.60 -1.89
C PRO A 91 -15.01 -0.73 -0.68
N PRO A 92 -16.24 -0.22 -0.60
CA PRO A 92 -16.65 0.75 0.42
C PRO A 92 -16.60 0.20 1.84
N ALA A 93 -16.47 -1.11 1.96
CA ALA A 93 -16.23 -1.72 3.26
C ALA A 93 -14.85 -1.30 3.79
N LEU A 94 -13.99 -0.83 2.91
CA LEU A 94 -12.66 -0.42 3.31
C LEU A 94 -12.38 1.03 2.96
N VAL A 95 -13.39 1.75 2.52
CA VAL A 95 -13.23 3.19 2.35
C VAL A 95 -13.36 3.84 3.73
N PRO A 96 -12.25 4.37 4.25
CA PRO A 96 -12.16 4.88 5.62
C PRO A 96 -13.32 5.80 5.97
N PRO A 97 -14.17 5.38 6.91
CA PRO A 97 -15.24 6.21 7.47
C PRO A 97 -14.77 7.62 7.85
N SER A 98 -13.47 7.78 8.12
CA SER A 98 -12.88 9.08 8.40
C SER A 98 -12.84 9.94 7.14
N LYS A 99 -12.68 9.28 6.01
CA LYS A 99 -12.51 9.95 4.73
C LYS A 99 -13.78 9.89 3.90
N ARG A 100 -14.89 9.60 4.55
CA ARG A 100 -16.18 9.57 3.87
C ARG A 100 -16.96 10.83 4.20
N PRO B 6 3.49 8.39 -31.80
CA PRO B 6 4.66 7.73 -31.25
C PRO B 6 5.16 8.37 -29.95
N SER B 7 4.45 9.38 -29.47
CA SER B 7 4.80 10.02 -28.21
C SER B 7 4.23 9.19 -27.05
N VAL B 8 4.97 8.16 -26.66
CA VAL B 8 4.49 7.24 -25.66
C VAL B 8 5.67 6.45 -25.04
N THR B 9 6.83 7.07 -25.00
CA THR B 9 7.99 6.48 -24.33
C THR B 9 7.79 6.62 -22.82
N GLU B 10 7.02 7.63 -22.44
CA GLU B 10 6.62 7.84 -21.06
C GLU B 10 5.12 7.61 -20.95
N ALA B 11 4.75 6.48 -20.37
CA ALA B 11 3.35 6.06 -20.36
C ALA B 11 2.98 5.49 -19.01
N SER B 12 3.54 6.08 -17.96
CA SER B 12 3.20 5.73 -16.58
C SER B 12 1.69 5.71 -16.39
N PRO B 13 1.11 4.52 -16.22
CA PRO B 13 -0.34 4.30 -16.24
C PRO B 13 -1.03 4.61 -14.90
N TRP B 14 -0.45 5.51 -14.13
CA TRP B 14 -1.03 5.88 -12.86
C TRP B 14 -1.38 7.35 -12.81
N ARG B 15 -1.95 7.76 -11.69
CA ARG B 15 -2.62 9.04 -11.61
C ARG B 15 -1.74 10.09 -10.93
N ALA B 16 -0.43 9.96 -11.13
CA ALA B 16 0.57 10.95 -10.67
C ALA B 16 0.80 10.89 -9.16
N THR B 17 -0.23 10.56 -8.41
CA THR B 17 -0.12 10.44 -6.96
C THR B 17 0.67 9.20 -6.57
N ASN B 18 0.91 8.33 -7.55
CA ASN B 18 1.51 7.04 -7.30
C ASN B 18 3.03 7.07 -7.41
N PRO B 19 3.74 6.48 -6.42
CA PRO B 19 5.20 6.41 -6.39
C PRO B 19 5.74 5.10 -6.98
N PHE B 20 4.87 4.33 -7.64
CA PHE B 20 5.25 3.06 -8.27
C PHE B 20 5.21 3.16 -9.79
N LEU B 21 4.52 4.20 -10.28
CA LEU B 21 4.40 4.43 -11.72
C LEU B 21 5.77 4.73 -12.33
N ASN B 22 6.73 4.96 -11.45
CA ASN B 22 8.11 5.12 -11.84
C ASN B 22 8.81 3.77 -11.76
N GLU B 23 8.33 2.81 -12.56
CA GLU B 23 8.85 1.46 -12.48
C GLU B 23 10.04 1.27 -13.42
N THR B 24 11.00 0.49 -12.98
CA THR B 24 12.15 0.12 -13.77
C THR B 24 12.98 1.36 -14.14
N LEU B 25 13.30 2.15 -13.13
CA LEU B 25 14.10 3.37 -13.33
C LEU B 25 14.68 3.88 -12.02
N GLN B 26 13.90 3.80 -10.95
CA GLN B 26 14.34 4.31 -9.65
C GLN B 26 13.42 3.77 -8.57
N ASP B 27 13.09 2.50 -8.68
CA ASP B 27 12.06 1.89 -7.84
C ASP B 27 12.64 0.86 -6.88
N VAL B 28 13.75 0.25 -7.27
CA VAL B 28 14.34 -0.84 -6.49
C VAL B 28 14.89 -0.34 -5.16
N GLN B 29 14.00 -0.24 -4.17
CA GLN B 29 14.35 0.21 -2.84
C GLN B 29 13.54 -0.55 -1.78
N PRO B 30 13.68 -1.88 -1.71
CA PRO B 30 12.95 -2.69 -0.73
C PRO B 30 13.45 -2.46 0.68
N SER B 31 12.54 -2.17 1.58
CA SER B 31 12.88 -1.90 2.96
C SER B 31 12.75 -3.16 3.81
N PRO B 32 13.72 -3.39 4.72
CA PRO B 32 13.70 -4.51 5.66
C PRO B 32 12.69 -4.28 6.79
N ILE B 33 11.53 -3.75 6.42
CA ILE B 33 10.46 -3.45 7.37
C ILE B 33 9.34 -4.46 7.17
N ASN B 34 9.64 -5.47 6.38
CA ASN B 34 8.63 -6.41 5.93
C ASN B 34 7.93 -7.14 7.07
N PRO B 35 6.60 -7.09 7.04
CA PRO B 35 5.73 -7.87 7.90
C PRO B 35 5.41 -9.21 7.25
N PHE B 36 6.06 -9.43 6.11
CA PHE B 36 5.80 -10.59 5.27
C PHE B 36 7.01 -11.50 5.28
N SER B 37 7.82 -11.31 6.28
CA SER B 37 9.06 -12.06 6.46
C SER B 37 8.79 -13.56 6.51
N ALA B 38 7.74 -13.94 7.25
CA ALA B 38 7.37 -15.34 7.39
C ALA B 38 6.66 -15.85 6.14
N PHE B 39 5.92 -14.96 5.49
CA PHE B 39 5.22 -15.29 4.25
C PHE B 39 6.16 -15.88 3.22
N PHE B 40 7.35 -15.31 3.11
CA PHE B 40 8.30 -15.71 2.09
C PHE B 40 8.91 -17.06 2.42
N GLU B 41 8.76 -17.46 3.68
CA GLU B 41 9.30 -18.72 4.15
C GLU B 41 8.36 -19.87 3.83
N GLU B 42 7.06 -19.56 3.76
CA GLU B 42 6.05 -20.56 3.46
C GLU B 42 5.68 -20.51 1.97
N GLN B 43 5.08 -19.39 1.58
CA GLN B 43 4.66 -19.14 0.19
C GLN B 43 3.50 -20.03 -0.25
N GLU B 44 3.76 -21.32 -0.42
CA GLU B 44 2.78 -22.21 -1.01
C GLU B 44 1.78 -22.71 0.03
N ARG B 45 0.53 -22.30 -0.16
CA ARG B 45 -0.55 -22.65 0.76
C ARG B 45 -1.86 -22.19 0.14
CA CA C . -4.32 10.54 1.16
N PRO A 6 -18.55 -1.79 7.80
CA PRO A 6 -17.70 -2.93 8.17
C PRO A 6 -16.28 -2.76 7.66
N TRP A 7 -15.62 -1.71 8.14
CA TRP A 7 -14.33 -1.35 7.62
C TRP A 7 -13.35 -2.50 7.74
N ALA A 8 -12.78 -2.85 6.58
CA ALA A 8 -11.92 -4.01 6.44
C ALA A 8 -10.82 -4.01 7.45
N VAL A 9 -10.21 -2.85 7.64
CA VAL A 9 -9.17 -2.70 8.61
C VAL A 9 -9.78 -2.68 9.99
N LYS A 10 -9.81 -3.80 10.63
CA LYS A 10 -10.20 -3.83 12.00
C LYS A 10 -9.16 -3.08 12.80
N PRO A 11 -9.62 -2.26 13.74
CA PRO A 11 -8.80 -1.58 14.74
C PRO A 11 -7.58 -2.40 15.20
N GLU A 12 -7.72 -3.72 15.22
CA GLU A 12 -6.61 -4.61 15.54
C GLU A 12 -5.50 -4.53 14.49
N ASP A 13 -5.91 -4.46 13.22
CA ASP A 13 -4.96 -4.42 12.12
C ASP A 13 -4.51 -2.99 11.94
N LYS A 14 -5.46 -2.11 12.16
CA LYS A 14 -5.22 -0.68 12.15
C LYS A 14 -4.14 -0.29 13.13
N ALA A 15 -4.26 -0.72 14.37
CA ALA A 15 -3.28 -0.35 15.38
C ALA A 15 -1.94 -1.01 15.08
N LYS A 16 -2.01 -2.23 14.56
CA LYS A 16 -0.84 -2.94 14.07
C LYS A 16 -0.17 -2.15 12.95
N TYR A 17 -1.00 -1.56 12.09
CA TYR A 17 -0.51 -0.75 10.99
C TYR A 17 -0.01 0.60 11.48
N ASP A 18 -0.60 1.07 12.56
CA ASP A 18 -0.14 2.26 13.25
C ASP A 18 1.29 2.05 13.76
N ALA A 19 1.62 0.79 14.05
CA ALA A 19 2.92 0.44 14.55
C ALA A 19 3.97 0.53 13.45
N ILE A 20 3.67 -0.09 12.31
CA ILE A 20 4.58 -0.01 11.17
C ILE A 20 4.64 1.43 10.66
N PHE A 21 3.49 2.08 10.70
CA PHE A 21 3.35 3.49 10.34
C PHE A 21 4.35 4.35 11.11
N ASP A 22 4.24 4.29 12.43
CA ASP A 22 5.07 5.10 13.33
C ASP A 22 6.55 4.78 13.17
N SER A 23 6.86 3.55 12.80
CA SER A 23 8.23 3.10 12.68
C SER A 23 8.92 3.76 11.49
N LEU A 24 8.15 4.38 10.62
CA LEU A 24 8.69 5.01 9.43
C LEU A 24 8.92 6.50 9.63
N SER A 25 8.57 6.99 10.82
CA SER A 25 8.64 8.42 11.12
C SER A 25 7.74 9.21 10.18
N PRO A 26 6.41 9.09 10.35
CA PRO A 26 5.42 9.67 9.43
C PRO A 26 5.36 11.18 9.45
N VAL A 27 4.68 11.70 8.45
CA VAL A 27 4.48 13.11 8.27
C VAL A 27 3.08 13.49 8.71
N ASN A 28 2.95 14.00 9.93
CA ASN A 28 1.67 14.49 10.47
C ASN A 28 0.63 13.36 10.62
N GLY A 29 1.11 12.12 10.71
CA GLY A 29 0.19 10.99 10.77
C GLY A 29 -0.14 10.47 9.38
N PHE A 30 0.62 10.94 8.41
CA PHE A 30 0.51 10.49 7.02
C PHE A 30 1.87 9.97 6.56
N LEU A 31 1.87 9.00 5.69
CA LEU A 31 3.12 8.54 5.07
C LEU A 31 3.04 8.67 3.57
N SER A 32 4.17 8.90 2.92
CA SER A 32 4.16 9.06 1.48
C SER A 32 5.04 8.05 0.76
N GLY A 33 5.04 8.15 -0.56
CA GLY A 33 5.56 7.11 -1.42
C GLY A 33 6.95 6.64 -1.09
N ASP A 34 7.88 7.55 -0.87
CA ASP A 34 9.28 7.16 -0.71
C ASP A 34 9.47 6.29 0.55
N LYS A 35 8.57 6.42 1.52
CA LYS A 35 8.61 5.59 2.70
C LYS A 35 7.65 4.40 2.55
N VAL A 36 6.45 4.72 2.11
CA VAL A 36 5.39 3.73 2.02
C VAL A 36 5.69 2.68 0.97
N LYS A 37 6.18 3.09 -0.17
CA LYS A 37 6.47 2.19 -1.27
C LYS A 37 7.34 1.01 -0.83
N PRO A 38 8.50 1.27 -0.19
CA PRO A 38 9.36 0.20 0.32
C PRO A 38 8.74 -0.59 1.46
N VAL A 39 7.72 -0.02 2.12
CA VAL A 39 6.92 -0.82 3.05
C VAL A 39 5.84 -1.59 2.27
N LEU A 40 5.55 -1.13 1.07
CA LEU A 40 4.72 -1.89 0.15
C LEU A 40 5.54 -3.04 -0.41
N LEU A 41 6.81 -2.73 -0.69
CA LEU A 41 7.77 -3.74 -1.09
C LEU A 41 8.18 -4.59 0.10
N ASN A 42 7.46 -4.44 1.22
CA ASN A 42 7.60 -5.33 2.35
C ASN A 42 7.13 -6.72 1.96
N SER A 43 6.36 -6.76 0.90
CA SER A 43 5.84 -8.00 0.37
C SER A 43 6.65 -8.40 -0.86
N LYS A 44 6.40 -9.60 -1.37
CA LYS A 44 7.03 -10.06 -2.60
C LYS A 44 6.25 -9.58 -3.82
N LEU A 45 5.36 -8.63 -3.58
CA LEU A 45 4.47 -8.10 -4.61
C LEU A 45 5.18 -7.12 -5.53
N PRO A 46 4.87 -7.19 -6.83
CA PRO A 46 5.37 -6.24 -7.84
C PRO A 46 4.72 -4.87 -7.74
N VAL A 47 5.30 -3.89 -8.43
CA VAL A 47 4.84 -2.50 -8.35
C VAL A 47 3.47 -2.30 -8.99
N ASP A 48 3.11 -3.19 -9.91
CA ASP A 48 1.81 -3.08 -10.60
C ASP A 48 0.65 -3.11 -9.61
N ILE A 49 0.68 -4.07 -8.71
CA ILE A 49 -0.38 -4.20 -7.72
C ILE A 49 -0.18 -3.19 -6.60
N LEU A 50 1.08 -2.92 -6.26
CA LEU A 50 1.40 -1.98 -5.19
C LEU A 50 0.93 -0.57 -5.58
N GLY A 51 1.12 -0.22 -6.84
CA GLY A 51 0.69 1.07 -7.34
C GLY A 51 -0.81 1.18 -7.45
N ARG A 52 -1.45 0.10 -7.85
CA ARG A 52 -2.90 0.05 -7.94
C ARG A 52 -3.50 0.16 -6.55
N VAL A 53 -2.84 -0.50 -5.60
CA VAL A 53 -3.20 -0.37 -4.19
C VAL A 53 -3.09 1.09 -3.73
N TRP A 54 -1.98 1.74 -4.05
CA TRP A 54 -1.79 3.17 -3.79
C TRP A 54 -2.95 4.00 -4.35
N GLU A 55 -3.29 3.75 -5.60
CA GLU A 55 -4.36 4.50 -6.29
C GLU A 55 -5.72 4.26 -5.62
N LEU A 56 -5.93 3.06 -5.09
CA LEU A 56 -7.17 2.72 -4.41
C LEU A 56 -7.19 3.21 -2.95
N SER A 57 -6.14 2.87 -2.21
CA SER A 57 -6.11 3.07 -0.76
C SER A 57 -6.03 4.55 -0.38
N ASP A 58 -5.31 5.35 -1.15
CA ASP A 58 -5.21 6.77 -0.88
C ASP A 58 -6.48 7.47 -1.33
N ILE A 59 -7.46 7.43 -0.44
CA ILE A 59 -8.82 7.90 -0.67
C ILE A 59 -8.87 9.32 -1.21
N ASP A 60 -8.10 10.20 -0.61
CA ASP A 60 -8.16 11.61 -0.96
C ASP A 60 -7.18 11.95 -2.08
N HIS A 61 -6.37 10.94 -2.45
CA HIS A 61 -5.44 11.06 -3.59
C HIS A 61 -4.48 12.23 -3.41
N ASP A 62 -4.06 12.46 -2.17
CA ASP A 62 -3.23 13.62 -1.85
C ASP A 62 -1.75 13.31 -2.02
N GLY A 63 -1.44 12.06 -2.32
CA GLY A 63 -0.05 11.66 -2.45
C GLY A 63 0.52 11.14 -1.16
N MET A 64 -0.33 11.12 -0.14
CA MET A 64 0.04 10.61 1.16
C MET A 64 -1.02 9.61 1.61
N LEU A 65 -0.60 8.68 2.43
CA LEU A 65 -1.51 7.71 2.98
C LEU A 65 -1.69 7.99 4.45
N ASP A 66 -2.89 8.41 4.81
CA ASP A 66 -3.20 8.67 6.20
C ASP A 66 -3.27 7.36 6.95
N ARG A 67 -3.24 7.41 8.26
CA ARG A 67 -3.30 6.20 9.06
C ARG A 67 -4.49 5.32 8.65
N ASP A 68 -5.60 5.93 8.24
CA ASP A 68 -6.75 5.18 7.70
C ASP A 68 -6.43 4.64 6.32
N GLU A 69 -5.92 5.51 5.44
CA GLU A 69 -5.69 5.17 4.04
C GLU A 69 -4.68 4.04 3.93
N PHE A 70 -3.66 4.10 4.76
CA PHE A 70 -2.59 3.13 4.73
C PHE A 70 -3.02 1.81 5.34
N ALA A 71 -3.85 1.88 6.37
CA ALA A 71 -4.40 0.68 6.97
C ALA A 71 -5.13 -0.09 5.88
N VAL A 72 -5.75 0.68 5.01
CA VAL A 72 -6.38 0.15 3.81
C VAL A 72 -5.34 -0.49 2.89
N ALA A 73 -4.29 0.27 2.59
CA ALA A 73 -3.24 -0.17 1.67
C ALA A 73 -2.62 -1.50 2.11
N MET A 74 -2.13 -1.52 3.35
CA MET A 74 -1.43 -2.68 3.87
C MET A 74 -2.35 -3.88 4.01
N PHE A 75 -3.65 -3.63 4.19
CA PHE A 75 -4.63 -4.70 4.24
C PHE A 75 -4.72 -5.39 2.88
N LEU A 76 -4.60 -4.61 1.81
CA LEU A 76 -4.63 -5.14 0.45
C LEU A 76 -3.34 -5.87 0.13
N VAL A 77 -2.26 -5.52 0.82
CA VAL A 77 -0.97 -6.15 0.58
C VAL A 77 -0.97 -7.59 1.07
N TYR A 78 -1.46 -7.82 2.28
CA TYR A 78 -1.60 -9.19 2.78
C TYR A 78 -2.62 -9.95 1.94
N CYS A 79 -3.64 -9.24 1.47
CA CYS A 79 -4.65 -9.83 0.61
C CYS A 79 -4.00 -10.50 -0.60
N ALA A 80 -3.03 -9.82 -1.19
CA ALA A 80 -2.30 -10.38 -2.32
C ALA A 80 -1.32 -11.46 -1.88
N LEU A 81 -0.81 -11.34 -0.65
CA LEU A 81 0.10 -12.35 -0.10
C LEU A 81 -0.62 -13.67 0.17
N GLU A 82 -1.88 -13.57 0.54
CA GLU A 82 -2.70 -14.77 0.74
C GLU A 82 -3.36 -15.17 -0.58
N LYS A 83 -2.94 -14.47 -1.65
CA LYS A 83 -3.41 -14.72 -3.00
C LYS A 83 -4.93 -14.64 -3.13
N GLU A 84 -5.50 -13.75 -2.35
CA GLU A 84 -6.88 -13.33 -2.54
C GLU A 84 -6.87 -12.19 -3.54
N PRO A 85 -7.57 -12.36 -4.69
CA PRO A 85 -7.57 -11.38 -5.78
C PRO A 85 -7.82 -9.95 -5.32
N VAL A 86 -6.97 -9.05 -5.74
CA VAL A 86 -7.11 -7.65 -5.38
C VAL A 86 -7.82 -6.87 -6.48
N PRO A 87 -8.83 -6.09 -6.10
CA PRO A 87 -9.72 -5.42 -7.05
C PRO A 87 -9.07 -4.24 -7.77
N MET A 88 -9.71 -3.82 -8.85
CA MET A 88 -9.33 -2.62 -9.55
C MET A 88 -10.23 -1.46 -9.11
N SER A 89 -11.34 -1.81 -8.48
CA SER A 89 -12.27 -0.82 -7.96
C SER A 89 -12.23 -0.82 -6.43
N LEU A 90 -12.74 0.24 -5.84
CA LEU A 90 -12.71 0.42 -4.39
C LEU A 90 -13.86 -0.28 -3.70
N PRO A 91 -13.54 -1.29 -2.88
CA PRO A 91 -14.50 -1.95 -2.01
C PRO A 91 -14.79 -1.05 -0.81
N PRO A 92 -16.03 -0.57 -0.71
CA PRO A 92 -16.43 0.44 0.28
C PRO A 92 -16.37 -0.08 1.70
N ALA A 93 -16.32 -1.39 1.85
CA ALA A 93 -16.09 -2.00 3.15
C ALA A 93 -14.71 -1.63 3.67
N LEU A 94 -13.81 -1.25 2.78
CA LEU A 94 -12.45 -0.89 3.20
C LEU A 94 -12.17 0.59 2.98
N VAL A 95 -13.17 1.35 2.56
CA VAL A 95 -12.99 2.77 2.47
C VAL A 95 -13.36 3.39 3.81
N PRO A 96 -12.36 3.90 4.53
CA PRO A 96 -12.50 4.39 5.90
C PRO A 96 -13.72 5.27 6.11
N PRO A 97 -14.68 4.78 6.91
CA PRO A 97 -15.87 5.53 7.33
C PRO A 97 -15.54 6.94 7.83
N SER A 98 -14.33 7.14 8.31
CA SER A 98 -13.89 8.45 8.77
C SER A 98 -13.69 9.41 7.60
N LYS A 99 -13.37 8.83 6.45
CA LYS A 99 -13.05 9.60 5.25
C LYS A 99 -14.23 9.62 4.28
N ARG A 100 -15.44 9.41 4.79
CA ARG A 100 -16.62 9.39 3.93
C ARG A 100 -17.02 10.81 3.52
N PRO B 6 -3.40 -3.55 -26.76
CA PRO B 6 -2.09 -4.13 -27.01
C PRO B 6 -0.97 -3.32 -26.37
N SER B 7 0.11 -4.00 -25.99
CA SER B 7 1.27 -3.35 -25.40
C SER B 7 0.90 -2.61 -24.11
N VAL B 8 0.32 -3.32 -23.17
CA VAL B 8 -0.14 -2.73 -21.92
C VAL B 8 0.59 -3.35 -20.74
N THR B 9 1.76 -3.88 -21.01
CA THR B 9 2.65 -4.38 -19.95
C THR B 9 3.33 -3.22 -19.24
N GLU B 10 2.55 -2.18 -18.98
CA GLU B 10 3.04 -0.93 -18.43
C GLU B 10 1.87 -0.08 -17.95
N ALA B 11 1.82 0.18 -16.65
CA ALA B 11 0.70 0.89 -16.06
C ALA B 11 1.15 2.27 -15.57
N SER B 12 2.30 2.69 -16.08
CA SER B 12 2.90 3.99 -15.75
C SER B 12 1.91 5.17 -15.68
N PRO B 13 0.91 5.26 -16.58
CA PRO B 13 -0.15 6.31 -16.50
C PRO B 13 -1.01 6.23 -15.23
N TRP B 14 -0.37 6.29 -14.07
CA TRP B 14 -1.06 6.43 -12.80
C TRP B 14 -1.31 7.88 -12.49
N ARG B 15 -1.77 8.13 -11.27
CA ARG B 15 -2.31 9.42 -10.89
C ARG B 15 -1.21 10.41 -10.52
N ALA B 16 0.00 10.17 -11.03
CA ALA B 16 1.18 11.00 -10.76
C ALA B 16 1.67 10.86 -9.32
N THR B 17 0.73 10.84 -8.38
CA THR B 17 1.04 10.70 -6.97
C THR B 17 1.49 9.29 -6.62
N ASN B 18 1.39 8.38 -7.59
CA ASN B 18 1.78 6.99 -7.37
C ASN B 18 3.29 6.83 -7.48
N PRO B 19 3.94 6.38 -6.41
CA PRO B 19 5.38 6.17 -6.38
C PRO B 19 5.75 4.77 -6.87
N PHE B 20 4.88 4.19 -7.71
CA PHE B 20 5.11 2.87 -8.32
C PHE B 20 4.93 2.94 -9.82
N LEU B 21 4.29 4.00 -10.30
CA LEU B 21 4.04 4.18 -11.73
C LEU B 21 5.36 4.26 -12.48
N ASN B 22 6.39 4.58 -11.72
CA ASN B 22 7.74 4.69 -12.21
C ASN B 22 8.33 3.29 -12.37
N GLU B 23 7.63 2.44 -13.12
CA GLU B 23 8.00 1.05 -13.27
C GLU B 23 8.75 0.82 -14.58
N THR B 24 9.22 1.91 -15.17
CA THR B 24 9.84 1.86 -16.48
C THR B 24 11.28 2.29 -16.32
N LEU B 25 11.73 2.14 -15.10
CA LEU B 25 13.04 2.54 -14.68
C LEU B 25 13.51 1.59 -13.60
N GLN B 26 14.78 1.64 -13.31
CA GLN B 26 15.36 0.74 -12.33
C GLN B 26 15.31 1.36 -10.93
N ASP B 27 14.23 1.11 -10.23
CA ASP B 27 14.08 1.57 -8.86
C ASP B 27 13.07 0.69 -8.15
N VAL B 28 13.43 0.22 -6.96
CA VAL B 28 12.53 -0.59 -6.19
C VAL B 28 12.64 -0.26 -4.71
N GLN B 29 13.88 -0.15 -4.20
CA GLN B 29 14.13 0.17 -2.80
C GLN B 29 13.32 -0.72 -1.86
N PRO B 30 13.70 -2.00 -1.75
CA PRO B 30 13.03 -2.95 -0.84
C PRO B 30 13.47 -2.74 0.61
N SER B 31 12.62 -2.13 1.40
CA SER B 31 12.97 -1.85 2.78
C SER B 31 12.79 -3.08 3.67
N PRO B 32 13.82 -3.41 4.47
CA PRO B 32 13.79 -4.50 5.45
C PRO B 32 12.89 -4.17 6.65
N ILE B 33 11.78 -3.52 6.36
CA ILE B 33 10.77 -3.20 7.36
C ILE B 33 9.65 -4.22 7.25
N ASN B 34 9.92 -5.23 6.44
CA ASN B 34 8.87 -6.07 5.91
C ASN B 34 8.19 -6.99 6.93
N PRO B 35 6.90 -6.72 7.19
CA PRO B 35 6.01 -7.61 7.94
C PRO B 35 5.83 -8.96 7.23
N PHE B 36 6.00 -8.93 5.91
CA PHE B 36 5.83 -10.11 5.06
C PHE B 36 7.10 -10.94 5.07
N SER B 37 7.88 -10.76 6.12
CA SER B 37 9.15 -11.46 6.29
C SER B 37 8.96 -12.99 6.18
N ALA B 38 7.95 -13.52 6.87
CA ALA B 38 7.65 -14.95 6.82
C ALA B 38 7.20 -15.36 5.41
N PHE B 39 6.64 -14.40 4.69
CA PHE B 39 6.20 -14.61 3.32
C PHE B 39 7.40 -14.73 2.38
N PHE B 40 8.52 -14.12 2.76
CA PHE B 40 9.76 -14.24 2.00
C PHE B 40 10.46 -15.55 2.33
N GLU B 41 10.30 -15.97 3.57
CA GLU B 41 10.93 -17.19 4.06
C GLU B 41 10.28 -18.41 3.41
N GLU B 42 9.01 -18.27 3.05
CA GLU B 42 8.27 -19.36 2.45
C GLU B 42 8.17 -19.20 0.94
N GLN B 43 7.69 -18.01 0.51
CA GLN B 43 7.53 -17.67 -0.91
C GLN B 43 6.40 -18.46 -1.59
N GLU B 44 6.28 -19.73 -1.24
CA GLU B 44 5.19 -20.58 -1.72
C GLU B 44 3.85 -19.98 -1.33
N ARG B 45 3.86 -19.22 -0.25
CA ARG B 45 2.68 -18.51 0.18
C ARG B 45 2.82 -17.04 -0.19
CA CA C . -4.36 10.46 1.07
N PRO A 6 -18.28 -2.01 8.56
CA PRO A 6 -17.26 -2.98 8.98
C PRO A 6 -15.93 -2.71 8.30
N TRP A 7 -15.29 -1.64 8.71
CA TRP A 7 -14.08 -1.18 8.05
C TRP A 7 -13.03 -2.26 8.03
N ALA A 8 -12.57 -2.57 6.83
CA ALA A 8 -11.71 -3.72 6.59
C ALA A 8 -10.62 -3.86 7.61
N VAL A 9 -9.93 -2.77 7.85
CA VAL A 9 -8.83 -2.76 8.77
C VAL A 9 -9.35 -2.72 10.18
N LYS A 10 -9.71 -3.88 10.69
CA LYS A 10 -10.11 -4.00 12.05
C LYS A 10 -9.06 -3.37 12.93
N PRO A 11 -9.55 -2.61 13.92
CA PRO A 11 -8.75 -1.93 14.94
C PRO A 11 -7.48 -2.67 15.37
N GLU A 12 -7.52 -4.01 15.41
CA GLU A 12 -6.33 -4.79 15.72
C GLU A 12 -5.27 -4.68 14.62
N ASP A 13 -5.73 -4.64 13.37
CA ASP A 13 -4.84 -4.62 12.23
C ASP A 13 -4.45 -3.19 11.98
N LYS A 14 -5.40 -2.30 12.20
CA LYS A 14 -5.17 -0.88 12.16
C LYS A 14 -4.07 -0.49 13.13
N ALA A 15 -4.19 -0.91 14.38
CA ALA A 15 -3.21 -0.56 15.38
C ALA A 15 -1.85 -1.17 15.02
N LYS A 16 -1.90 -2.37 14.48
CA LYS A 16 -0.72 -3.05 13.98
C LYS A 16 -0.09 -2.25 12.84
N TYR A 17 -0.94 -1.68 11.99
CA TYR A 17 -0.48 -0.85 10.88
C TYR A 17 0.00 0.50 11.37
N ASP A 18 -0.61 0.97 12.43
CA ASP A 18 -0.18 2.18 13.12
C ASP A 18 1.25 1.99 13.61
N ALA A 19 1.59 0.74 13.91
CA ALA A 19 2.90 0.39 14.43
C ALA A 19 3.95 0.49 13.33
N ILE A 20 3.67 -0.13 12.18
CA ILE A 20 4.60 -0.01 11.07
C ILE A 20 4.62 1.43 10.57
N PHE A 21 3.45 2.07 10.59
CA PHE A 21 3.28 3.47 10.20
C PHE A 21 4.21 4.38 11.03
N ASP A 22 4.01 4.36 12.34
CA ASP A 22 4.71 5.25 13.26
C ASP A 22 6.21 4.98 13.25
N SER A 23 6.60 3.76 12.94
CA SER A 23 8.00 3.37 12.98
C SER A 23 8.77 4.05 11.85
N LEU A 24 8.05 4.58 10.87
CA LEU A 24 8.69 5.19 9.71
C LEU A 24 8.91 6.69 9.91
N SER A 25 8.47 7.19 11.08
CA SER A 25 8.48 8.62 11.37
C SER A 25 7.64 9.38 10.34
N PRO A 26 6.31 9.24 10.41
CA PRO A 26 5.39 9.78 9.40
C PRO A 26 5.31 11.30 9.38
N VAL A 27 4.59 11.79 8.40
CA VAL A 27 4.37 13.19 8.20
C VAL A 27 2.93 13.56 8.56
N ASN A 28 2.73 14.07 9.77
CA ASN A 28 1.40 14.52 10.22
C ASN A 28 0.42 13.35 10.37
N GLY A 29 0.95 12.14 10.55
CA GLY A 29 0.09 10.97 10.57
C GLY A 29 -0.23 10.49 9.16
N PHE A 30 0.53 11.01 8.22
CA PHE A 30 0.45 10.58 6.83
C PHE A 30 1.82 10.08 6.40
N LEU A 31 1.86 9.08 5.56
CA LEU A 31 3.13 8.64 4.99
C LEU A 31 3.10 8.76 3.49
N SER A 32 4.25 8.96 2.88
CA SER A 32 4.28 9.11 1.44
C SER A 32 5.15 8.07 0.77
N GLY A 33 5.15 8.13 -0.56
CA GLY A 33 5.67 7.06 -1.39
C GLY A 33 7.07 6.61 -1.06
N ASP A 34 7.95 7.53 -0.74
CA ASP A 34 9.34 7.16 -0.53
C ASP A 34 9.52 6.29 0.71
N LYS A 35 8.59 6.39 1.66
CA LYS A 35 8.58 5.49 2.82
C LYS A 35 7.62 4.35 2.54
N VAL A 36 6.42 4.70 2.10
CA VAL A 36 5.35 3.76 1.95
C VAL A 36 5.63 2.71 0.88
N LYS A 37 6.13 3.13 -0.26
CA LYS A 37 6.37 2.22 -1.36
C LYS A 37 7.25 1.03 -0.95
N PRO A 38 8.41 1.26 -0.32
CA PRO A 38 9.26 0.17 0.17
C PRO A 38 8.58 -0.64 1.26
N VAL A 39 7.66 0.00 1.96
CA VAL A 39 6.87 -0.69 2.97
C VAL A 39 5.60 -1.25 2.31
N LEU A 40 5.56 -1.10 0.99
CA LEU A 40 4.63 -1.82 0.14
C LEU A 40 5.36 -3.01 -0.44
N LEU A 41 6.64 -2.77 -0.77
CA LEU A 41 7.56 -3.84 -1.13
C LEU A 41 7.84 -4.71 0.10
N ASN A 42 7.09 -4.43 1.17
CA ASN A 42 6.98 -5.32 2.32
C ASN A 42 6.70 -6.75 1.85
N SER A 43 5.90 -6.85 0.80
CA SER A 43 5.52 -8.11 0.22
C SER A 43 6.45 -8.41 -0.96
N LYS A 44 6.33 -9.59 -1.55
CA LYS A 44 7.09 -9.93 -2.75
C LYS A 44 6.31 -9.50 -3.99
N LEU A 45 5.23 -8.76 -3.75
CA LEU A 45 4.34 -8.32 -4.81
C LEU A 45 4.98 -7.25 -5.66
N PRO A 46 4.82 -7.37 -6.98
CA PRO A 46 5.34 -6.40 -7.96
C PRO A 46 4.67 -5.03 -7.85
N VAL A 47 5.30 -4.02 -8.47
CA VAL A 47 4.88 -2.63 -8.30
C VAL A 47 3.57 -2.31 -9.02
N ASP A 48 3.15 -3.16 -9.95
CA ASP A 48 1.88 -2.97 -10.63
C ASP A 48 0.73 -3.01 -9.64
N ILE A 49 0.73 -4.02 -8.81
CA ILE A 49 -0.33 -4.20 -7.84
C ILE A 49 -0.16 -3.20 -6.71
N LEU A 50 1.09 -2.94 -6.35
CA LEU A 50 1.42 -1.98 -5.30
C LEU A 50 0.96 -0.58 -5.69
N GLY A 51 1.17 -0.24 -6.96
CA GLY A 51 0.81 1.07 -7.46
C GLY A 51 -0.68 1.25 -7.57
N ARG A 52 -1.37 0.21 -8.01
CA ARG A 52 -2.82 0.27 -8.12
C ARG A 52 -3.45 0.28 -6.72
N VAL A 53 -2.85 -0.46 -5.79
CA VAL A 53 -3.27 -0.41 -4.40
C VAL A 53 -3.10 0.99 -3.83
N TRP A 54 -1.95 1.61 -4.11
CA TRP A 54 -1.69 3.01 -3.74
C TRP A 54 -2.84 3.92 -4.20
N GLU A 55 -3.22 3.80 -5.46
CA GLU A 55 -4.20 4.70 -6.05
C GLU A 55 -5.59 4.47 -5.45
N LEU A 56 -5.85 3.23 -5.02
CA LEU A 56 -7.12 2.90 -4.36
C LEU A 56 -7.12 3.26 -2.88
N SER A 57 -6.01 2.94 -2.20
CA SER A 57 -5.94 3.08 -0.75
C SER A 57 -5.82 4.53 -0.30
N ASP A 58 -5.22 5.37 -1.13
CA ASP A 58 -5.14 6.79 -0.83
C ASP A 58 -6.44 7.45 -1.30
N ILE A 59 -7.45 7.37 -0.43
CA ILE A 59 -8.80 7.83 -0.72
C ILE A 59 -8.82 9.27 -1.21
N ASP A 60 -8.05 10.13 -0.57
CA ASP A 60 -8.09 11.56 -0.88
C ASP A 60 -7.09 11.89 -1.99
N HIS A 61 -6.37 10.86 -2.44
CA HIS A 61 -5.45 10.93 -3.59
C HIS A 61 -4.52 12.14 -3.53
N ASP A 62 -4.01 12.42 -2.35
CA ASP A 62 -3.15 13.57 -2.12
C ASP A 62 -1.68 13.21 -2.31
N GLY A 63 -1.42 11.93 -2.54
CA GLY A 63 -0.05 11.48 -2.66
C GLY A 63 0.52 11.05 -1.32
N MET A 64 -0.31 11.10 -0.31
CA MET A 64 0.07 10.66 1.02
C MET A 64 -0.97 9.71 1.56
N LEU A 65 -0.52 8.74 2.32
CA LEU A 65 -1.41 7.75 2.88
C LEU A 65 -1.57 8.00 4.36
N ASP A 66 -2.77 8.39 4.73
CA ASP A 66 -3.11 8.68 6.10
C ASP A 66 -3.12 7.41 6.92
N ARG A 67 -3.09 7.52 8.23
CA ARG A 67 -3.20 6.37 9.12
C ARG A 67 -4.36 5.44 8.68
N ASP A 68 -5.48 6.04 8.29
CA ASP A 68 -6.64 5.29 7.79
C ASP A 68 -6.38 4.77 6.38
N GLU A 69 -5.86 5.65 5.51
CA GLU A 69 -5.67 5.30 4.10
C GLU A 69 -4.69 4.14 3.97
N PHE A 70 -3.66 4.17 4.79
CA PHE A 70 -2.60 3.19 4.75
C PHE A 70 -3.04 1.88 5.36
N ALA A 71 -3.86 1.97 6.41
CA ALA A 71 -4.42 0.78 7.02
C ALA A 71 -5.17 0.01 5.95
N VAL A 72 -5.80 0.77 5.07
CA VAL A 72 -6.44 0.26 3.87
C VAL A 72 -5.43 -0.44 2.96
N ALA A 73 -4.34 0.29 2.66
CA ALA A 73 -3.31 -0.19 1.75
C ALA A 73 -2.71 -1.51 2.21
N MET A 74 -2.19 -1.51 3.43
CA MET A 74 -1.49 -2.66 3.96
C MET A 74 -2.41 -3.86 4.16
N PHE A 75 -3.69 -3.59 4.42
CA PHE A 75 -4.68 -4.66 4.51
C PHE A 75 -4.83 -5.35 3.16
N LEU A 76 -4.76 -4.57 2.09
CA LEU A 76 -4.90 -5.09 0.75
C LEU A 76 -3.64 -5.83 0.32
N VAL A 77 -2.52 -5.50 0.94
CA VAL A 77 -1.25 -6.16 0.64
C VAL A 77 -1.27 -7.60 1.15
N TYR A 78 -1.64 -7.79 2.43
CA TYR A 78 -1.82 -9.13 2.96
C TYR A 78 -2.82 -9.89 2.12
N CYS A 79 -3.90 -9.22 1.77
CA CYS A 79 -5.00 -9.81 0.99
C CYS A 79 -4.46 -10.53 -0.24
N ALA A 80 -3.51 -9.91 -0.93
CA ALA A 80 -2.89 -10.52 -2.10
C ALA A 80 -2.00 -11.70 -1.70
N LEU A 81 -1.29 -11.58 -0.57
CA LEU A 81 -0.40 -12.66 -0.12
C LEU A 81 -1.19 -13.87 0.37
N GLU A 82 -2.37 -13.63 0.93
CA GLU A 82 -3.24 -14.70 1.40
C GLU A 82 -4.04 -15.26 0.24
N LYS A 83 -3.70 -14.72 -0.92
CA LYS A 83 -4.25 -15.13 -2.20
C LYS A 83 -5.75 -14.90 -2.27
N GLU A 84 -6.17 -13.68 -1.98
CA GLU A 84 -7.54 -13.28 -2.16
C GLU A 84 -7.63 -12.37 -3.39
N PRO A 85 -8.77 -12.34 -4.08
CA PRO A 85 -8.95 -11.49 -5.27
C PRO A 85 -8.94 -10.01 -4.91
N VAL A 86 -8.08 -9.26 -5.57
CA VAL A 86 -7.98 -7.82 -5.33
C VAL A 86 -8.94 -7.06 -6.24
N PRO A 87 -9.87 -6.30 -5.65
CA PRO A 87 -10.84 -5.51 -6.39
C PRO A 87 -10.21 -4.30 -7.07
N MET A 88 -10.71 -3.96 -8.26
CA MET A 88 -10.17 -2.83 -9.02
C MET A 88 -10.90 -1.54 -8.65
N SER A 89 -11.99 -1.68 -7.92
CA SER A 89 -12.76 -0.52 -7.48
C SER A 89 -12.90 -0.54 -5.97
N LEU A 90 -12.70 0.61 -5.34
CA LEU A 90 -12.63 0.71 -3.89
C LEU A 90 -13.88 0.20 -3.21
N PRO A 91 -13.71 -0.86 -2.41
CA PRO A 91 -14.75 -1.48 -1.62
C PRO A 91 -14.99 -0.64 -0.39
N PRO A 92 -16.20 -0.11 -0.26
CA PRO A 92 -16.55 0.88 0.76
C PRO A 92 -16.46 0.35 2.19
N ALA A 93 -16.38 -0.97 2.32
CA ALA A 93 -16.11 -1.58 3.61
C ALA A 93 -14.70 -1.26 4.07
N LEU A 94 -13.84 -0.86 3.13
CA LEU A 94 -12.47 -0.49 3.49
C LEU A 94 -12.25 0.99 3.30
N VAL A 95 -13.26 1.68 2.82
CA VAL A 95 -13.20 3.12 2.76
C VAL A 95 -13.46 3.66 4.16
N PRO A 96 -12.42 4.27 4.77
CA PRO A 96 -12.45 4.69 6.17
C PRO A 96 -13.69 5.50 6.54
N PRO A 97 -14.52 4.94 7.44
CA PRO A 97 -15.71 5.61 7.97
C PRO A 97 -15.47 7.07 8.38
N SER A 98 -14.29 7.35 8.94
CA SER A 98 -13.94 8.70 9.35
C SER A 98 -13.68 9.60 8.14
N LYS A 99 -13.32 8.96 7.03
CA LYS A 99 -12.96 9.68 5.81
C LYS A 99 -14.09 9.62 4.79
N ARG A 100 -15.27 9.21 5.24
CA ARG A 100 -16.42 9.08 4.38
C ARG A 100 -17.37 10.26 4.57
N PRO B 6 14.54 10.52 -27.12
CA PRO B 6 15.43 10.26 -25.98
C PRO B 6 14.80 10.65 -24.65
N SER B 7 13.79 11.50 -24.71
CA SER B 7 13.11 11.97 -23.51
C SER B 7 11.69 11.42 -23.42
N VAL B 8 11.57 10.13 -23.17
CA VAL B 8 10.28 9.53 -22.91
C VAL B 8 9.99 9.58 -21.43
N THR B 9 11.09 9.54 -20.64
CA THR B 9 11.09 9.65 -19.18
C THR B 9 9.85 9.04 -18.51
N GLU B 10 8.84 9.86 -18.23
CA GLU B 10 7.64 9.38 -17.58
C GLU B 10 6.61 8.91 -18.59
N ALA B 11 6.68 7.64 -18.93
CA ALA B 11 5.66 7.01 -19.76
C ALA B 11 4.74 6.22 -18.86
N SER B 12 4.90 6.46 -17.58
CA SER B 12 4.17 5.77 -16.54
C SER B 12 2.69 6.13 -16.57
N PRO B 13 1.82 5.13 -16.71
CA PRO B 13 0.37 5.32 -16.80
C PRO B 13 -0.29 5.47 -15.43
N TRP B 14 0.32 6.26 -14.55
CA TRP B 14 -0.23 6.46 -13.22
C TRP B 14 -0.55 7.93 -12.96
N ARG B 15 -1.30 8.14 -11.89
CA ARG B 15 -1.89 9.44 -11.57
C ARG B 15 -0.92 10.34 -10.82
N ALA B 16 0.37 10.22 -11.13
CA ALA B 16 1.43 11.06 -10.56
C ALA B 16 1.68 10.78 -9.07
N THR B 17 0.62 10.74 -8.29
CA THR B 17 0.71 10.52 -6.84
C THR B 17 1.39 9.20 -6.53
N ASN B 18 1.37 8.28 -7.48
CA ASN B 18 1.92 6.95 -7.28
C ASN B 18 3.45 6.98 -7.32
N PRO B 19 4.11 6.35 -6.34
CA PRO B 19 5.55 6.22 -6.31
C PRO B 19 6.02 4.86 -6.86
N PHE B 20 5.12 4.18 -7.59
CA PHE B 20 5.43 2.89 -8.22
C PHE B 20 5.40 3.04 -9.73
N LEU B 21 4.97 4.20 -10.21
CA LEU B 21 5.03 4.50 -11.62
C LEU B 21 6.49 4.65 -12.03
N ASN B 22 7.33 4.71 -11.01
CA ASN B 22 8.78 4.64 -11.13
C ASN B 22 9.20 3.27 -11.64
N GLU B 23 8.23 2.46 -12.05
CA GLU B 23 8.48 1.13 -12.58
C GLU B 23 9.14 1.21 -13.96
N THR B 24 8.98 2.35 -14.62
CA THR B 24 9.55 2.56 -15.94
C THR B 24 11.06 2.76 -15.85
N LEU B 25 11.53 2.96 -14.64
CA LEU B 25 12.95 3.22 -14.39
C LEU B 25 13.53 2.17 -13.43
N GLN B 26 12.70 1.17 -13.14
CA GLN B 26 13.05 0.08 -12.23
C GLN B 26 13.47 0.58 -10.85
N ASP B 27 12.49 0.89 -10.02
CA ASP B 27 12.76 1.20 -8.61
C ASP B 27 12.77 -0.08 -7.80
N VAL B 28 13.71 -0.21 -6.88
CA VAL B 28 13.76 -1.38 -6.02
C VAL B 28 14.23 -0.99 -4.62
N GLN B 29 13.42 -0.23 -3.91
CA GLN B 29 13.71 0.07 -2.52
C GLN B 29 12.99 -0.91 -1.62
N PRO B 30 13.73 -1.91 -1.13
CA PRO B 30 13.19 -3.03 -0.38
C PRO B 30 13.29 -2.85 1.14
N SER B 31 12.29 -2.20 1.71
CA SER B 31 12.27 -1.91 3.14
C SER B 31 12.16 -3.19 3.99
N PRO B 32 13.13 -3.37 4.91
CA PRO B 32 13.14 -4.48 5.88
C PRO B 32 12.06 -4.27 6.94
N ILE B 33 11.26 -3.25 6.72
CA ILE B 33 10.11 -2.93 7.55
C ILE B 33 8.94 -3.81 7.16
N ASN B 34 9.25 -5.02 6.73
CA ASN B 34 8.25 -5.85 6.11
C ASN B 34 7.80 -7.00 7.01
N PRO B 35 6.47 -7.10 7.20
CA PRO B 35 5.83 -8.16 7.99
C PRO B 35 5.70 -9.49 7.23
N PHE B 36 6.08 -9.46 5.96
CA PHE B 36 5.86 -10.59 5.07
C PHE B 36 7.12 -11.43 4.92
N SER B 37 8.10 -11.13 5.73
CA SER B 37 9.40 -11.81 5.69
C SER B 37 9.23 -13.32 5.95
N ALA B 38 8.55 -13.66 7.05
CA ALA B 38 8.24 -15.06 7.35
C ALA B 38 7.13 -15.55 6.44
N PHE B 39 6.32 -14.60 6.00
CA PHE B 39 5.15 -14.85 5.17
C PHE B 39 5.50 -15.63 3.91
N PHE B 40 6.56 -15.21 3.22
CA PHE B 40 6.96 -15.84 1.96
C PHE B 40 7.30 -17.30 2.19
N GLU B 41 7.83 -17.56 3.36
CA GLU B 41 8.30 -18.86 3.74
C GLU B 41 7.12 -19.78 4.07
N GLU B 42 6.10 -19.20 4.68
CA GLU B 42 4.94 -19.96 5.12
C GLU B 42 3.90 -20.04 4.00
N GLN B 43 4.10 -19.28 2.93
CA GLN B 43 3.18 -19.25 1.80
C GLN B 43 2.88 -20.65 1.28
N GLU B 44 3.89 -21.28 0.72
CA GLU B 44 3.72 -22.60 0.11
C GLU B 44 4.05 -23.70 1.13
N ARG B 45 3.78 -23.42 2.39
CA ARG B 45 4.05 -24.38 3.45
C ARG B 45 2.75 -24.82 4.10
CA CA C . -4.22 10.57 1.04
N PRO A 6 -18.32 -1.25 6.94
CA PRO A 6 -17.60 -2.44 7.46
C PRO A 6 -16.11 -2.31 7.15
N TRP A 7 -15.51 -1.25 7.66
CA TRP A 7 -14.20 -0.84 7.21
C TRP A 7 -13.20 -1.97 7.34
N ALA A 8 -12.59 -2.32 6.21
CA ALA A 8 -11.77 -3.51 6.10
C ALA A 8 -10.82 -3.68 7.26
N VAL A 9 -10.00 -2.67 7.46
CA VAL A 9 -9.01 -2.69 8.49
C VAL A 9 -9.66 -2.63 9.85
N LYS A 10 -9.79 -3.77 10.47
CA LYS A 10 -10.26 -3.79 11.80
C LYS A 10 -9.12 -3.36 12.71
N PRO A 11 -9.46 -2.57 13.72
CA PRO A 11 -8.54 -2.03 14.75
C PRO A 11 -7.39 -2.95 15.14
N GLU A 12 -7.55 -4.27 15.02
CA GLU A 12 -6.45 -5.20 15.26
C GLU A 12 -5.34 -4.98 14.23
N ASP A 13 -5.74 -4.89 12.97
CA ASP A 13 -4.80 -4.70 11.87
C ASP A 13 -4.43 -3.25 11.79
N LYS A 14 -5.41 -2.40 12.04
CA LYS A 14 -5.21 -0.97 12.06
C LYS A 14 -4.13 -0.58 13.06
N ALA A 15 -4.27 -1.01 14.31
CA ALA A 15 -3.33 -0.60 15.33
C ALA A 15 -1.96 -1.21 15.03
N LYS A 16 -1.99 -2.38 14.42
CA LYS A 16 -0.78 -3.02 13.92
C LYS A 16 -0.14 -2.13 12.85
N TYR A 17 -0.99 -1.49 12.06
CA TYR A 17 -0.53 -0.60 11.01
C TYR A 17 -0.03 0.72 11.59
N ASP A 18 -0.62 1.14 12.71
CA ASP A 18 -0.11 2.30 13.44
C ASP A 18 1.31 2.03 13.89
N ALA A 19 1.60 0.77 14.16
CA ALA A 19 2.91 0.38 14.63
C ALA A 19 3.92 0.45 13.51
N ILE A 20 3.59 -0.15 12.37
CA ILE A 20 4.48 -0.08 11.22
C ILE A 20 4.63 1.36 10.77
N PHE A 21 3.50 2.07 10.73
CA PHE A 21 3.44 3.49 10.39
C PHE A 21 4.47 4.29 11.18
N ASP A 22 4.42 4.12 12.49
CA ASP A 22 5.31 4.84 13.41
C ASP A 22 6.78 4.56 13.08
N SER A 23 7.06 3.35 12.61
CA SER A 23 8.43 2.96 12.28
C SER A 23 8.99 3.76 11.10
N LEU A 24 8.11 4.45 10.38
CA LEU A 24 8.51 5.16 9.18
C LEU A 24 8.75 6.64 9.43
N SER A 25 8.41 7.08 10.63
CA SER A 25 8.48 8.51 10.97
C SER A 25 7.60 9.31 10.02
N PRO A 26 6.27 9.11 10.10
CA PRO A 26 5.30 9.71 9.19
C PRO A 26 5.29 11.24 9.16
N VAL A 27 4.51 11.73 8.21
CA VAL A 27 4.31 13.14 7.99
C VAL A 27 2.88 13.54 8.30
N ASN A 28 2.65 14.09 9.49
CA ASN A 28 1.32 14.54 9.93
C ASN A 28 0.34 13.37 10.02
N GLY A 29 0.84 12.19 10.30
CA GLY A 29 -0.01 11.01 10.35
C GLY A 29 -0.26 10.44 8.97
N PHE A 30 0.53 10.91 8.02
CA PHE A 30 0.50 10.43 6.64
C PHE A 30 1.86 9.87 6.28
N LEU A 31 1.90 8.98 5.30
CA LEU A 31 3.17 8.52 4.77
C LEU A 31 3.18 8.65 3.26
N SER A 32 4.33 8.97 2.70
CA SER A 32 4.45 9.15 1.27
C SER A 32 5.17 7.99 0.63
N GLY A 33 5.01 7.89 -0.69
CA GLY A 33 5.40 6.72 -1.44
C GLY A 33 6.84 6.35 -1.32
N ASP A 34 7.70 7.34 -1.09
CA ASP A 34 9.12 7.10 -0.96
C ASP A 34 9.42 6.23 0.26
N LYS A 35 8.60 6.38 1.30
CA LYS A 35 8.68 5.55 2.50
C LYS A 35 7.73 4.38 2.39
N VAL A 36 6.53 4.69 1.88
CA VAL A 36 5.47 3.73 1.81
C VAL A 36 5.89 2.54 0.97
N LYS A 37 6.63 2.80 -0.10
CA LYS A 37 6.95 1.79 -1.06
C LYS A 37 7.76 0.66 -0.47
N PRO A 38 8.90 0.91 0.18
CA PRO A 38 9.67 -0.17 0.77
C PRO A 38 8.96 -0.86 1.93
N VAL A 39 7.93 -0.24 2.50
CA VAL A 39 7.08 -0.97 3.43
C VAL A 39 5.92 -1.63 2.65
N LEU A 40 5.78 -1.25 1.40
CA LEU A 40 4.86 -1.94 0.50
C LEU A 40 5.56 -3.10 -0.17
N LEU A 41 6.85 -2.93 -0.40
CA LEU A 41 7.71 -4.01 -0.84
C LEU A 41 8.05 -4.90 0.36
N ASN A 42 7.26 -4.75 1.42
CA ASN A 42 7.29 -5.65 2.57
C ASN A 42 6.88 -7.06 2.15
N SER A 43 6.29 -7.15 0.96
CA SER A 43 5.86 -8.40 0.37
C SER A 43 6.72 -8.68 -0.86
N LYS A 44 6.54 -9.83 -1.48
CA LYS A 44 7.23 -10.13 -2.73
C LYS A 44 6.41 -9.62 -3.92
N LEU A 45 5.39 -8.84 -3.60
CA LEU A 45 4.51 -8.21 -4.60
C LEU A 45 5.26 -7.18 -5.42
N PRO A 46 4.84 -6.97 -6.67
CA PRO A 46 5.46 -6.01 -7.58
C PRO A 46 4.80 -4.62 -7.53
N VAL A 47 5.47 -3.64 -8.14
CA VAL A 47 5.00 -2.25 -8.09
C VAL A 47 3.65 -2.09 -8.77
N ASP A 48 3.32 -3.01 -9.67
CA ASP A 48 2.03 -2.96 -10.36
C ASP A 48 0.87 -3.04 -9.38
N ILE A 49 0.94 -3.98 -8.45
CA ILE A 49 -0.11 -4.14 -7.48
C ILE A 49 0.00 -3.07 -6.40
N LEU A 50 1.24 -2.77 -6.01
CA LEU A 50 1.51 -1.81 -4.96
C LEU A 50 1.03 -0.41 -5.36
N GLY A 51 1.22 -0.07 -6.64
CA GLY A 51 0.79 1.21 -7.14
C GLY A 51 -0.71 1.29 -7.29
N ARG A 52 -1.32 0.21 -7.78
CA ARG A 52 -2.75 0.18 -7.95
C ARG A 52 -3.44 0.21 -6.59
N VAL A 53 -2.82 -0.42 -5.62
CA VAL A 53 -3.28 -0.34 -4.25
C VAL A 53 -3.15 1.09 -3.71
N TRP A 54 -2.02 1.74 -3.98
CA TRP A 54 -1.81 3.15 -3.63
C TRP A 54 -2.96 4.02 -4.14
N GLU A 55 -3.32 3.85 -5.41
CA GLU A 55 -4.32 4.70 -6.03
C GLU A 55 -5.69 4.51 -5.38
N LEU A 56 -5.97 3.28 -4.96
CA LEU A 56 -7.24 2.97 -4.32
C LEU A 56 -7.25 3.37 -2.85
N SER A 57 -6.15 3.04 -2.17
CA SER A 57 -6.09 3.19 -0.72
C SER A 57 -5.95 4.64 -0.29
N ASP A 58 -5.36 5.47 -1.13
CA ASP A 58 -5.27 6.89 -0.84
C ASP A 58 -6.58 7.57 -1.25
N ILE A 59 -7.54 7.52 -0.33
CA ILE A 59 -8.90 7.99 -0.55
C ILE A 59 -8.95 9.41 -1.07
N ASP A 60 -8.15 10.30 -0.48
CA ASP A 60 -8.23 11.71 -0.82
C ASP A 60 -7.25 12.08 -1.93
N HIS A 61 -6.39 11.13 -2.30
CA HIS A 61 -5.40 11.32 -3.36
C HIS A 61 -4.52 12.53 -3.09
N ASP A 62 -4.11 12.67 -1.84
CA ASP A 62 -3.29 13.80 -1.42
C ASP A 62 -1.82 13.56 -1.74
N GLY A 63 -1.52 12.37 -2.24
CA GLY A 63 -0.15 12.00 -2.54
C GLY A 63 0.50 11.29 -1.39
N MET A 64 -0.28 11.06 -0.35
CA MET A 64 0.19 10.35 0.83
C MET A 64 -0.89 9.40 1.32
N LEU A 65 -0.51 8.52 2.21
CA LEU A 65 -1.46 7.62 2.83
C LEU A 65 -1.57 7.96 4.28
N ASP A 66 -2.75 8.39 4.68
CA ASP A 66 -3.04 8.71 6.06
C ASP A 66 -3.10 7.42 6.85
N ARG A 67 -3.07 7.51 8.16
CA ARG A 67 -3.19 6.34 9.01
C ARG A 67 -4.33 5.41 8.55
N ASP A 68 -5.49 5.98 8.25
CA ASP A 68 -6.64 5.21 7.79
C ASP A 68 -6.45 4.75 6.35
N GLU A 69 -5.92 5.63 5.49
CA GLU A 69 -5.72 5.31 4.08
C GLU A 69 -4.76 4.14 3.94
N PHE A 70 -3.70 4.19 4.72
CA PHE A 70 -2.66 3.19 4.65
C PHE A 70 -3.09 1.88 5.27
N ALA A 71 -3.92 1.98 6.30
CA ALA A 71 -4.49 0.80 6.90
C ALA A 71 -5.23 0.04 5.81
N VAL A 72 -5.90 0.81 4.96
CA VAL A 72 -6.54 0.29 3.77
C VAL A 72 -5.52 -0.40 2.86
N ALA A 73 -4.43 0.31 2.56
CA ALA A 73 -3.40 -0.19 1.66
C ALA A 73 -2.80 -1.49 2.14
N MET A 74 -2.32 -1.49 3.38
CA MET A 74 -1.62 -2.64 3.93
C MET A 74 -2.55 -3.83 4.13
N PHE A 75 -3.84 -3.56 4.34
CA PHE A 75 -4.84 -4.62 4.41
C PHE A 75 -4.93 -5.34 3.06
N LEU A 76 -4.82 -4.56 1.99
CA LEU A 76 -4.89 -5.10 0.65
C LEU A 76 -3.60 -5.84 0.31
N VAL A 77 -2.52 -5.47 0.98
CA VAL A 77 -1.24 -6.11 0.75
C VAL A 77 -1.24 -7.53 1.33
N TYR A 78 -1.71 -7.69 2.59
CA TYR A 78 -1.88 -9.04 3.15
C TYR A 78 -2.80 -9.84 2.25
N CYS A 79 -3.84 -9.19 1.77
CA CYS A 79 -4.81 -9.80 0.88
C CYS A 79 -4.12 -10.54 -0.27
N ALA A 80 -3.09 -9.92 -0.82
CA ALA A 80 -2.32 -10.54 -1.90
C ALA A 80 -1.56 -11.77 -1.42
N LEU A 81 -0.90 -11.69 -0.26
CA LEU A 81 -0.16 -12.85 0.28
C LEU A 81 -1.14 -13.93 0.74
N GLU A 82 -2.33 -13.49 1.10
CA GLU A 82 -3.41 -14.36 1.55
C GLU A 82 -4.00 -15.11 0.36
N LYS A 83 -3.58 -14.69 -0.83
CA LYS A 83 -4.05 -15.23 -2.11
C LYS A 83 -5.52 -14.91 -2.36
N GLU A 84 -5.97 -13.81 -1.79
CA GLU A 84 -7.26 -13.24 -2.13
C GLU A 84 -7.03 -12.16 -3.19
N PRO A 85 -7.63 -12.31 -4.38
CA PRO A 85 -7.45 -11.36 -5.49
C PRO A 85 -7.66 -9.92 -5.09
N VAL A 86 -6.82 -9.04 -5.59
CA VAL A 86 -6.86 -7.62 -5.25
C VAL A 86 -7.70 -6.87 -6.27
N PRO A 87 -8.76 -6.20 -5.81
CA PRO A 87 -9.67 -5.45 -6.69
C PRO A 87 -8.99 -4.23 -7.31
N MET A 88 -9.51 -3.80 -8.46
CA MET A 88 -8.97 -2.64 -9.15
C MET A 88 -9.85 -1.43 -8.92
N SER A 89 -10.97 -1.66 -8.26
CA SER A 89 -11.92 -0.61 -8.01
C SER A 89 -12.13 -0.41 -6.52
N LEU A 90 -12.40 0.85 -6.14
CA LEU A 90 -12.58 1.23 -4.74
C LEU A 90 -13.68 0.41 -4.09
N PRO A 91 -13.30 -0.43 -3.12
CA PRO A 91 -14.22 -1.21 -2.31
C PRO A 91 -14.68 -0.40 -1.12
N PRO A 92 -15.95 0.02 -1.12
CA PRO A 92 -16.51 0.92 -0.11
C PRO A 92 -16.52 0.30 1.29
N ALA A 93 -16.34 -1.00 1.36
CA ALA A 93 -16.14 -1.68 2.63
C ALA A 93 -14.88 -1.15 3.31
N LEU A 94 -13.98 -0.58 2.53
CA LEU A 94 -12.74 -0.05 3.09
C LEU A 94 -12.56 1.43 2.81
N VAL A 95 -13.64 2.11 2.41
CA VAL A 95 -13.59 3.55 2.37
C VAL A 95 -13.89 4.06 3.78
N PRO A 96 -12.84 4.57 4.47
CA PRO A 96 -12.90 4.86 5.90
C PRO A 96 -14.09 5.73 6.26
N PRO A 97 -15.00 5.18 7.08
CA PRO A 97 -16.15 5.92 7.63
C PRO A 97 -15.77 7.28 8.21
N SER A 98 -14.52 7.40 8.66
CA SER A 98 -14.01 8.66 9.18
C SER A 98 -13.87 9.69 8.08
N LYS A 99 -13.49 9.22 6.91
CA LYS A 99 -13.17 10.07 5.78
C LYS A 99 -14.38 10.25 4.86
N ARG A 100 -15.56 10.05 5.41
CA ARG A 100 -16.80 10.22 4.67
C ARG A 100 -17.89 10.76 5.58
N PRO B 6 7.36 15.90 -27.91
CA PRO B 6 8.42 15.28 -28.70
C PRO B 6 9.41 14.51 -27.83
N SER B 7 9.53 13.22 -28.11
CA SER B 7 10.48 12.34 -27.44
C SER B 7 10.23 12.27 -25.93
N VAL B 8 9.08 11.75 -25.55
CA VAL B 8 8.78 11.52 -24.15
C VAL B 8 8.55 10.03 -23.88
N THR B 9 7.79 9.39 -24.78
CA THR B 9 7.53 7.95 -24.74
C THR B 9 7.36 7.41 -23.31
N GLU B 10 6.59 8.13 -22.50
CA GLU B 10 6.35 7.77 -21.11
C GLU B 10 5.47 8.82 -20.46
N ALA B 11 4.42 8.39 -19.79
CA ALA B 11 3.54 9.31 -19.10
C ALA B 11 3.10 8.74 -17.76
N SER B 12 3.84 7.73 -17.28
CA SER B 12 3.54 7.00 -16.04
C SER B 12 2.11 6.47 -16.03
N PRO B 13 1.93 5.16 -16.23
CA PRO B 13 0.62 4.51 -16.46
C PRO B 13 -0.33 4.50 -15.24
N TRP B 14 -0.14 5.42 -14.31
CA TRP B 14 -1.03 5.50 -13.16
C TRP B 14 -1.72 6.83 -13.08
N ARG B 15 -2.50 7.00 -12.02
CA ARG B 15 -3.42 8.12 -11.87
C ARG B 15 -2.71 9.35 -11.34
N ALA B 16 -1.40 9.41 -11.56
CA ALA B 16 -0.55 10.40 -10.91
C ALA B 16 -0.62 10.21 -9.40
N THR B 17 0.06 11.08 -8.65
CA THR B 17 0.15 10.99 -7.19
C THR B 17 0.66 9.64 -6.72
N ASN B 18 1.16 8.85 -7.66
CA ASN B 18 1.52 7.47 -7.39
C ASN B 18 3.05 7.28 -7.47
N PRO B 19 3.64 6.60 -6.47
CA PRO B 19 5.08 6.39 -6.40
C PRO B 19 5.50 4.99 -6.90
N PHE B 20 4.73 4.43 -7.83
CA PHE B 20 5.03 3.12 -8.42
C PHE B 20 4.91 3.13 -9.93
N LEU B 21 4.24 4.16 -10.45
CA LEU B 21 4.08 4.33 -11.89
C LEU B 21 5.42 4.59 -12.56
N ASN B 22 6.42 4.86 -11.73
CA ASN B 22 7.76 5.15 -12.17
C ASN B 22 8.60 3.88 -12.18
N GLU B 23 7.97 2.77 -12.54
CA GLU B 23 8.65 1.48 -12.57
C GLU B 23 9.69 1.43 -13.69
N THR B 24 9.54 2.30 -14.69
CA THR B 24 10.40 2.34 -15.84
C THR B 24 11.83 2.66 -15.47
N LEU B 25 11.94 3.63 -14.59
CA LEU B 25 13.22 4.21 -14.24
C LEU B 25 13.92 3.40 -13.15
N GLN B 26 13.23 2.37 -12.68
CA GLN B 26 13.76 1.38 -11.74
C GLN B 26 13.92 1.91 -10.32
N ASP B 27 13.74 0.98 -9.38
CA ASP B 27 14.01 1.21 -7.98
C ASP B 27 14.30 -0.11 -7.32
N VAL B 28 15.20 -0.10 -6.36
CA VAL B 28 15.51 -1.30 -5.61
C VAL B 28 15.70 -0.94 -4.13
N GLN B 29 14.59 -0.74 -3.44
CA GLN B 29 14.61 -0.47 -2.01
C GLN B 29 13.52 -1.26 -1.29
N PRO B 30 13.73 -2.56 -1.11
CA PRO B 30 12.85 -3.41 -0.30
C PRO B 30 13.28 -3.40 1.16
N SER B 31 12.65 -2.55 1.94
CA SER B 31 13.00 -2.40 3.35
C SER B 31 12.65 -3.64 4.15
N PRO B 32 13.59 -4.10 5.00
CA PRO B 32 13.38 -5.23 5.91
C PRO B 32 12.49 -4.85 7.09
N ILE B 33 11.58 -3.92 6.84
CA ILE B 33 10.56 -3.51 7.80
C ILE B 33 9.36 -4.42 7.63
N ASN B 34 9.56 -5.45 6.83
CA ASN B 34 8.47 -6.21 6.30
C ASN B 34 7.79 -7.11 7.34
N PRO B 35 6.48 -6.85 7.53
CA PRO B 35 5.59 -7.63 8.40
C PRO B 35 5.32 -9.03 7.84
N PHE B 36 5.81 -9.28 6.64
CA PHE B 36 5.61 -10.55 5.95
C PHE B 36 6.85 -11.40 6.09
N SER B 37 7.65 -11.08 7.10
CA SER B 37 8.88 -11.79 7.36
C SER B 37 8.61 -13.25 7.72
N ALA B 38 7.72 -13.46 8.68
CA ALA B 38 7.31 -14.81 9.05
C ALA B 38 6.36 -15.35 7.99
N PHE B 39 5.69 -14.44 7.32
CA PHE B 39 4.77 -14.75 6.24
C PHE B 39 5.44 -15.60 5.16
N PHE B 40 6.64 -15.19 4.74
CA PHE B 40 7.35 -15.87 3.66
C PHE B 40 7.83 -17.24 4.10
N GLU B 41 7.83 -17.46 5.41
CA GLU B 41 8.31 -18.69 5.99
C GLU B 41 7.32 -19.83 5.71
N GLU B 42 6.07 -19.48 5.42
CA GLU B 42 5.07 -20.46 5.04
C GLU B 42 4.16 -19.88 3.95
N GLN B 43 4.70 -18.85 3.27
CA GLN B 43 4.07 -18.21 2.10
C GLN B 43 2.85 -17.36 2.46
N GLU B 44 1.91 -17.90 3.23
CA GLU B 44 0.67 -17.19 3.51
C GLU B 44 0.35 -17.13 4.99
N ARG B 45 1.30 -17.53 5.81
CA ARG B 45 1.16 -17.47 7.27
C ARG B 45 2.47 -17.06 7.89
CA CA C . -4.50 10.48 1.11
N PRO A 6 -18.42 -1.89 6.83
CA PRO A 6 -17.55 -2.86 7.50
C PRO A 6 -16.10 -2.64 7.12
N TRP A 7 -15.53 -1.57 7.63
CA TRP A 7 -14.23 -1.11 7.19
C TRP A 7 -13.21 -2.22 7.29
N ALA A 8 -12.58 -2.52 6.16
CA ALA A 8 -11.73 -3.69 6.03
C ALA A 8 -10.78 -3.83 7.19
N VAL A 9 -10.03 -2.77 7.42
CA VAL A 9 -9.05 -2.75 8.47
C VAL A 9 -9.72 -2.82 9.80
N LYS A 10 -9.33 -3.79 10.54
CA LYS A 10 -9.87 -3.98 11.83
C LYS A 10 -8.89 -3.39 12.81
N PRO A 11 -9.42 -2.81 13.87
CA PRO A 11 -8.64 -2.16 14.93
C PRO A 11 -7.41 -2.95 15.40
N GLU A 12 -7.44 -4.28 15.26
CA GLU A 12 -6.25 -5.09 15.51
C GLU A 12 -5.20 -4.85 14.42
N ASP A 13 -5.65 -4.71 13.18
CA ASP A 13 -4.75 -4.47 12.06
C ASP A 13 -4.33 -3.02 12.06
N LYS A 14 -5.23 -2.15 12.50
CA LYS A 14 -4.93 -0.72 12.64
C LYS A 14 -3.82 -0.48 13.63
N ALA A 15 -3.90 -1.12 14.77
CA ALA A 15 -2.85 -1.01 15.77
C ALA A 15 -1.53 -1.51 15.18
N LYS A 16 -1.63 -2.59 14.42
CA LYS A 16 -0.48 -3.17 13.74
C LYS A 16 0.05 -2.21 12.68
N TYR A 17 -0.86 -1.53 11.98
CA TYR A 17 -0.48 -0.62 10.93
C TYR A 17 0.08 0.69 11.47
N ASP A 18 -0.47 1.12 12.60
CA ASP A 18 0.05 2.27 13.31
C ASP A 18 1.48 1.99 13.76
N ALA A 19 1.78 0.70 13.96
CA ALA A 19 3.11 0.29 14.40
C ALA A 19 4.12 0.43 13.27
N ILE A 20 3.77 -0.10 12.09
CA ILE A 20 4.65 0.03 10.96
C ILE A 20 4.70 1.50 10.52
N PHE A 21 3.54 2.16 10.62
CA PHE A 21 3.40 3.58 10.30
C PHE A 21 4.40 4.43 11.08
N ASP A 22 4.28 4.39 12.40
CA ASP A 22 5.10 5.22 13.29
C ASP A 22 6.58 4.85 13.20
N SER A 23 6.87 3.62 12.82
CA SER A 23 8.24 3.15 12.72
C SER A 23 8.98 3.87 11.58
N LEU A 24 8.23 4.53 10.72
CA LEU A 24 8.79 5.23 9.57
C LEU A 24 8.96 6.72 9.87
N SER A 25 8.46 7.14 11.03
CA SER A 25 8.40 8.56 11.39
C SER A 25 7.56 9.34 10.36
N PRO A 26 6.23 9.15 10.41
CA PRO A 26 5.31 9.71 9.43
C PRO A 26 5.20 11.23 9.47
N VAL A 27 4.50 11.75 8.49
CA VAL A 27 4.26 13.17 8.36
C VAL A 27 2.83 13.50 8.75
N ASN A 28 2.65 13.96 9.99
CA ASN A 28 1.33 14.36 10.51
C ASN A 28 0.31 13.21 10.46
N GLY A 29 0.79 11.98 10.57
CA GLY A 29 -0.09 10.83 10.48
C GLY A 29 -0.33 10.40 9.05
N PHE A 30 0.47 10.94 8.16
CA PHE A 30 0.44 10.58 6.74
C PHE A 30 1.82 10.11 6.32
N LEU A 31 1.89 9.06 5.52
CA LEU A 31 3.16 8.62 4.96
C LEU A 31 3.14 8.77 3.46
N SER A 32 4.30 8.96 2.85
CA SER A 32 4.37 9.11 1.42
C SER A 32 5.20 8.05 0.73
N GLY A 33 5.18 8.11 -0.60
CA GLY A 33 5.65 7.02 -1.43
C GLY A 33 7.04 6.52 -1.13
N ASP A 34 7.97 7.42 -0.93
CA ASP A 34 9.36 7.00 -0.75
C ASP A 34 9.54 6.24 0.58
N LYS A 35 8.60 6.41 1.50
CA LYS A 35 8.59 5.62 2.73
C LYS A 35 7.66 4.40 2.56
N VAL A 36 6.47 4.69 2.06
CA VAL A 36 5.41 3.70 1.99
C VAL A 36 5.70 2.60 0.99
N LYS A 37 6.24 2.97 -0.16
CA LYS A 37 6.53 2.01 -1.21
C LYS A 37 7.39 0.86 -0.70
N PRO A 38 8.56 1.14 -0.11
CA PRO A 38 9.44 0.10 0.40
C PRO A 38 8.85 -0.65 1.57
N VAL A 39 7.90 -0.04 2.25
CA VAL A 39 7.11 -0.78 3.22
C VAL A 39 6.15 -1.68 2.47
N LEU A 40 5.58 -1.16 1.39
CA LEU A 40 4.66 -1.91 0.56
C LEU A 40 5.34 -3.12 -0.08
N LEU A 41 6.62 -2.97 -0.38
CA LEU A 41 7.42 -4.09 -0.87
C LEU A 41 7.78 -5.02 0.29
N ASN A 42 7.00 -4.94 1.37
CA ASN A 42 7.08 -5.91 2.45
C ASN A 42 6.73 -7.30 1.95
N SER A 43 6.04 -7.31 0.82
CA SER A 43 5.44 -8.52 0.30
C SER A 43 6.20 -9.00 -0.92
N LYS A 44 5.78 -10.13 -1.43
CA LYS A 44 6.27 -10.69 -2.67
C LYS A 44 5.57 -10.04 -3.86
N LEU A 45 4.83 -8.98 -3.59
CA LEU A 45 3.97 -8.38 -4.59
C LEU A 45 4.71 -7.33 -5.41
N PRO A 46 4.44 -7.29 -6.72
CA PRO A 46 5.03 -6.34 -7.66
C PRO A 46 4.54 -4.90 -7.45
N VAL A 47 5.32 -3.93 -7.92
CA VAL A 47 4.96 -2.52 -7.83
C VAL A 47 3.69 -2.22 -8.62
N ASP A 48 3.35 -3.08 -9.56
CA ASP A 48 2.14 -2.93 -10.34
C ASP A 48 0.90 -2.99 -9.45
N ILE A 49 0.87 -3.96 -8.55
CA ILE A 49 -0.27 -4.11 -7.66
C ILE A 49 -0.18 -3.07 -6.55
N LEU A 50 1.05 -2.80 -6.12
CA LEU A 50 1.31 -1.82 -5.08
C LEU A 50 0.88 -0.44 -5.53
N GLY A 51 1.10 -0.17 -6.82
CA GLY A 51 0.70 1.10 -7.39
C GLY A 51 -0.80 1.22 -7.50
N ARG A 52 -1.45 0.15 -7.95
CA ARG A 52 -2.91 0.16 -8.07
C ARG A 52 -3.53 0.28 -6.68
N VAL A 53 -2.95 -0.42 -5.71
CA VAL A 53 -3.37 -0.34 -4.32
C VAL A 53 -3.21 1.09 -3.79
N TRP A 54 -2.03 1.68 -4.01
CA TRP A 54 -1.76 3.08 -3.64
C TRP A 54 -2.85 4.03 -4.15
N GLU A 55 -3.12 3.95 -5.45
CA GLU A 55 -4.06 4.86 -6.09
C GLU A 55 -5.48 4.67 -5.57
N LEU A 56 -5.80 3.45 -5.16
CA LEU A 56 -7.11 3.16 -4.57
C LEU A 56 -7.16 3.55 -3.09
N SER A 57 -6.17 3.10 -2.34
CA SER A 57 -6.15 3.27 -0.89
C SER A 57 -6.07 4.74 -0.49
N ASP A 58 -5.35 5.53 -1.28
CA ASP A 58 -5.27 6.95 -1.01
C ASP A 58 -6.56 7.62 -1.46
N ILE A 59 -7.51 7.59 -0.55
CA ILE A 59 -8.88 8.06 -0.75
C ILE A 59 -8.92 9.46 -1.36
N ASP A 60 -8.23 10.38 -0.73
CA ASP A 60 -8.33 11.77 -1.10
C ASP A 60 -7.31 12.14 -2.16
N HIS A 61 -6.44 11.18 -2.46
CA HIS A 61 -5.42 11.32 -3.49
C HIS A 61 -4.54 12.52 -3.23
N ASP A 62 -4.17 12.70 -1.98
CA ASP A 62 -3.34 13.83 -1.57
C ASP A 62 -1.87 13.54 -1.85
N GLY A 63 -1.59 12.34 -2.33
CA GLY A 63 -0.22 11.96 -2.61
C GLY A 63 0.42 11.29 -1.42
N MET A 64 -0.36 11.16 -0.36
CA MET A 64 0.09 10.52 0.86
C MET A 64 -0.96 9.56 1.34
N LEU A 65 -0.58 8.68 2.23
CA LEU A 65 -1.50 7.74 2.80
C LEU A 65 -1.66 8.03 4.27
N ASP A 66 -2.87 8.42 4.63
CA ASP A 66 -3.21 8.69 6.01
C ASP A 66 -3.32 7.38 6.76
N ARG A 67 -3.34 7.44 8.07
CA ARG A 67 -3.44 6.24 8.89
C ARG A 67 -4.59 5.32 8.43
N ASP A 68 -5.71 5.91 8.02
CA ASP A 68 -6.84 5.13 7.47
C ASP A 68 -6.53 4.65 6.07
N GLU A 69 -6.02 5.55 5.24
CA GLU A 69 -5.76 5.24 3.83
C GLU A 69 -4.76 4.10 3.71
N PHE A 70 -3.73 4.16 4.52
CA PHE A 70 -2.65 3.20 4.47
C PHE A 70 -3.08 1.87 5.06
N ALA A 71 -3.92 1.93 6.09
CA ALA A 71 -4.47 0.72 6.67
C ALA A 71 -5.21 -0.03 5.58
N VAL A 72 -5.85 0.74 4.72
CA VAL A 72 -6.50 0.22 3.52
C VAL A 72 -5.48 -0.49 2.63
N ALA A 73 -4.40 0.22 2.34
CA ALA A 73 -3.34 -0.28 1.44
C ALA A 73 -2.72 -1.57 1.97
N MET A 74 -2.25 -1.52 3.21
CA MET A 74 -1.52 -2.64 3.79
C MET A 74 -2.44 -3.83 4.03
N PHE A 75 -3.72 -3.56 4.25
CA PHE A 75 -4.72 -4.62 4.35
C PHE A 75 -4.82 -5.38 3.03
N LEU A 76 -4.70 -4.64 1.93
CA LEU A 76 -4.81 -5.22 0.61
C LEU A 76 -3.55 -6.02 0.28
N VAL A 77 -2.44 -5.65 0.91
CA VAL A 77 -1.18 -6.35 0.74
C VAL A 77 -1.24 -7.71 1.42
N TYR A 78 -1.80 -7.77 2.63
CA TYR A 78 -2.04 -9.06 3.27
C TYR A 78 -3.12 -9.83 2.55
N CYS A 79 -4.10 -9.12 2.02
CA CYS A 79 -5.21 -9.73 1.30
C CYS A 79 -4.68 -10.55 0.13
N ALA A 80 -3.70 -10.00 -0.59
CA ALA A 80 -3.09 -10.71 -1.71
C ALA A 80 -2.21 -11.85 -1.20
N LEU A 81 -1.63 -11.64 -0.02
CA LEU A 81 -0.77 -12.64 0.61
C LEU A 81 -1.58 -13.84 1.11
N GLU A 82 -2.83 -13.60 1.52
CA GLU A 82 -3.71 -14.67 1.94
C GLU A 82 -4.49 -15.21 0.73
N LYS A 83 -4.05 -14.79 -0.45
CA LYS A 83 -4.56 -15.29 -1.73
C LYS A 83 -6.02 -14.89 -1.98
N GLU A 84 -6.43 -13.78 -1.40
CA GLU A 84 -7.72 -13.19 -1.72
C GLU A 84 -7.57 -12.32 -2.96
N PRO A 85 -8.60 -12.27 -3.80
CA PRO A 85 -8.58 -11.46 -5.02
C PRO A 85 -8.60 -9.96 -4.70
N VAL A 86 -7.63 -9.24 -5.24
CA VAL A 86 -7.53 -7.81 -4.99
C VAL A 86 -8.33 -7.03 -6.03
N PRO A 87 -9.34 -6.27 -5.57
CA PRO A 87 -10.17 -5.45 -6.46
C PRO A 87 -9.39 -4.29 -7.05
N MET A 88 -9.75 -3.90 -8.26
CA MET A 88 -9.11 -2.79 -8.94
C MET A 88 -9.99 -1.55 -8.88
N SER A 89 -11.18 -1.74 -8.33
CA SER A 89 -12.09 -0.64 -8.06
C SER A 89 -12.20 -0.45 -6.56
N LEU A 90 -12.35 0.80 -6.13
CA LEU A 90 -12.40 1.14 -4.71
C LEU A 90 -13.52 0.39 -4.01
N PRO A 91 -13.15 -0.54 -3.12
CA PRO A 91 -14.08 -1.30 -2.32
C PRO A 91 -14.53 -0.48 -1.12
N PRO A 92 -15.78 -0.03 -1.13
CA PRO A 92 -16.32 0.89 -0.11
C PRO A 92 -16.34 0.27 1.27
N ALA A 93 -16.24 -1.05 1.33
CA ALA A 93 -16.04 -1.75 2.59
C ALA A 93 -14.77 -1.28 3.27
N LEU A 94 -13.86 -0.71 2.50
CA LEU A 94 -12.60 -0.21 3.06
C LEU A 94 -12.42 1.29 2.82
N VAL A 95 -13.49 1.98 2.43
CA VAL A 95 -13.41 3.42 2.39
C VAL A 95 -13.90 3.97 3.73
N PRO A 96 -12.96 4.46 4.55
CA PRO A 96 -13.23 4.89 5.92
C PRO A 96 -14.50 5.72 6.05
N PRO A 97 -15.52 5.15 6.70
CA PRO A 97 -16.80 5.82 6.94
C PRO A 97 -16.65 7.23 7.54
N SER A 98 -15.56 7.45 8.28
CA SER A 98 -15.28 8.76 8.85
C SER A 98 -14.86 9.75 7.77
N LYS A 99 -14.31 9.23 6.69
CA LYS A 99 -13.82 10.06 5.59
C LYS A 99 -14.82 10.09 4.45
N ARG A 100 -16.11 9.97 4.77
CA ARG A 100 -17.15 10.06 3.77
C ARG A 100 -17.69 11.48 3.69
N PRO B 6 0.05 8.27 -24.96
CA PRO B 6 -0.71 7.33 -24.14
C PRO B 6 -0.17 5.90 -24.28
N SER B 7 0.82 5.75 -25.16
CA SER B 7 1.45 4.46 -25.40
C SER B 7 2.45 4.11 -24.28
N VAL B 8 2.27 4.73 -23.12
CA VAL B 8 3.11 4.46 -21.96
C VAL B 8 2.34 3.53 -21.01
N THR B 9 1.23 3.02 -21.51
CA THR B 9 0.43 2.07 -20.77
C THR B 9 1.20 0.75 -20.60
N GLU B 10 2.04 0.73 -19.59
CA GLU B 10 2.80 -0.45 -19.21
C GLU B 10 2.79 -0.58 -17.70
N ALA B 11 3.58 0.27 -17.06
CA ALA B 11 3.63 0.36 -15.62
C ALA B 11 3.98 1.76 -15.20
N SER B 12 3.67 2.70 -16.07
CA SER B 12 3.88 4.10 -15.80
C SER B 12 2.65 5.00 -16.06
N PRO B 13 1.39 4.47 -16.19
CA PRO B 13 0.23 5.28 -16.53
C PRO B 13 -0.57 5.70 -15.30
N TRP B 14 0.10 5.73 -14.15
CA TRP B 14 -0.55 6.09 -12.91
C TRP B 14 -0.71 7.60 -12.79
N ARG B 15 -1.37 8.03 -11.74
CA ARG B 15 -1.95 9.36 -11.70
C ARG B 15 -1.06 10.35 -10.97
N ALA B 16 0.25 10.20 -11.17
CA ALA B 16 1.26 11.13 -10.64
C ALA B 16 1.45 11.02 -9.13
N THR B 17 0.37 10.77 -8.42
CA THR B 17 0.40 10.59 -6.98
C THR B 17 1.13 9.30 -6.62
N ASN B 18 1.30 8.43 -7.59
CA ASN B 18 1.82 7.10 -7.35
C ASN B 18 3.35 7.05 -7.45
N PRO B 19 4.00 6.45 -6.44
CA PRO B 19 5.45 6.29 -6.38
C PRO B 19 5.91 4.89 -6.85
N PHE B 20 5.09 4.25 -7.69
CA PHE B 20 5.43 2.94 -8.26
C PHE B 20 5.39 3.01 -9.78
N LEU B 21 4.77 4.07 -10.31
CA LEU B 21 4.67 4.26 -11.75
C LEU B 21 6.06 4.46 -12.34
N ASN B 22 7.01 4.76 -11.47
CA ASN B 22 8.42 4.83 -11.82
C ASN B 22 9.11 3.54 -11.40
N GLU B 23 8.65 2.44 -11.99
CA GLU B 23 9.07 1.12 -11.57
C GLU B 23 10.37 0.66 -12.25
N THR B 24 11.20 -0.02 -11.46
CA THR B 24 12.40 -0.70 -11.94
C THR B 24 13.53 0.27 -12.34
N LEU B 25 13.24 1.15 -13.28
CA LEU B 25 14.24 2.04 -13.89
C LEU B 25 15.28 2.58 -12.89
N GLN B 26 14.79 3.22 -11.85
CA GLN B 26 15.65 3.78 -10.82
C GLN B 26 15.02 3.55 -9.46
N ASP B 27 14.42 2.39 -9.29
CA ASP B 27 13.59 2.15 -8.12
C ASP B 27 13.62 0.68 -7.69
N VAL B 28 12.61 0.28 -6.91
CA VAL B 28 12.51 -1.04 -6.32
C VAL B 28 13.53 -1.22 -5.20
N GLN B 29 13.19 -0.70 -4.02
CA GLN B 29 14.03 -0.88 -2.83
C GLN B 29 13.20 -1.46 -1.70
N PRO B 30 13.02 -2.80 -1.66
CA PRO B 30 12.28 -3.47 -0.59
C PRO B 30 12.96 -3.29 0.77
N SER B 31 12.33 -2.53 1.64
CA SER B 31 12.91 -2.19 2.92
C SER B 31 12.78 -3.37 3.90
N PRO B 32 13.78 -3.57 4.77
CA PRO B 32 13.78 -4.65 5.78
C PRO B 32 12.78 -4.38 6.91
N ILE B 33 11.65 -3.80 6.56
CA ILE B 33 10.59 -3.48 7.52
C ILE B 33 9.48 -4.50 7.37
N ASN B 34 9.64 -5.34 6.37
CA ASN B 34 8.56 -6.15 5.83
C ASN B 34 7.83 -7.03 6.85
N PRO B 35 6.58 -6.65 7.20
CA PRO B 35 5.65 -7.48 7.99
C PRO B 35 5.41 -8.88 7.40
N PHE B 36 5.72 -9.04 6.12
CA PHE B 36 5.41 -10.26 5.39
C PHE B 36 6.57 -11.22 5.42
N SER B 37 7.51 -10.94 6.32
CA SER B 37 8.70 -11.76 6.50
C SER B 37 8.30 -13.22 6.76
N ALA B 38 7.22 -13.41 7.51
CA ALA B 38 6.70 -14.74 7.83
C ALA B 38 6.14 -15.43 6.58
N PHE B 39 5.72 -14.62 5.61
CA PHE B 39 5.14 -15.14 4.38
C PHE B 39 6.21 -15.68 3.45
N PHE B 40 7.43 -15.19 3.62
CA PHE B 40 8.55 -15.66 2.80
C PHE B 40 9.07 -16.99 3.32
N GLU B 41 8.59 -17.38 4.50
CA GLU B 41 8.97 -18.65 5.10
C GLU B 41 8.45 -19.83 4.28
N GLU B 42 7.13 -19.99 4.24
CA GLU B 42 6.52 -21.12 3.58
C GLU B 42 6.14 -20.77 2.14
N GLN B 43 5.59 -19.56 1.98
CA GLN B 43 5.17 -19.03 0.67
C GLN B 43 3.97 -19.77 0.09
N GLU B 44 4.04 -21.09 0.05
CA GLU B 44 2.93 -21.91 -0.43
C GLU B 44 1.75 -21.83 0.54
N ARG B 45 0.76 -21.06 0.15
CA ARG B 45 -0.42 -20.83 0.98
C ARG B 45 -1.45 -21.91 0.73
CA CA C . -4.74 10.47 0.97
N PRO A 6 -18.40 -1.53 7.32
CA PRO A 6 -17.55 -2.55 7.95
C PRO A 6 -16.12 -2.37 7.51
N TRP A 7 -15.50 -1.33 8.02
CA TRP A 7 -14.20 -0.91 7.53
C TRP A 7 -13.20 -2.04 7.60
N ALA A 8 -12.61 -2.35 6.45
CA ALA A 8 -11.80 -3.55 6.27
C ALA A 8 -10.82 -3.75 7.40
N VAL A 9 -10.01 -2.74 7.63
CA VAL A 9 -9.04 -2.79 8.69
C VAL A 9 -9.75 -2.84 10.01
N LYS A 10 -9.49 -3.86 10.78
CA LYS A 10 -10.04 -3.90 12.09
C LYS A 10 -9.07 -3.19 13.01
N PRO A 11 -9.56 -2.54 14.04
CA PRO A 11 -8.76 -1.91 15.09
C PRO A 11 -7.45 -2.67 15.39
N GLU A 12 -7.51 -4.00 15.46
CA GLU A 12 -6.32 -4.82 15.69
C GLU A 12 -5.30 -4.62 14.57
N ASP A 13 -5.78 -4.58 13.32
CA ASP A 13 -4.90 -4.45 12.18
C ASP A 13 -4.44 -3.02 12.08
N LYS A 14 -5.38 -2.12 12.31
CA LYS A 14 -5.12 -0.70 12.28
C LYS A 14 -4.03 -0.31 13.26
N ALA A 15 -4.16 -0.73 14.50
CA ALA A 15 -3.21 -0.35 15.52
C ALA A 15 -1.84 -0.95 15.20
N LYS A 16 -1.90 -2.13 14.59
CA LYS A 16 -0.69 -2.82 14.16
C LYS A 16 -0.07 -2.10 12.97
N TYR A 17 -0.92 -1.56 12.11
CA TYR A 17 -0.46 -0.78 10.97
C TYR A 17 0.02 0.58 11.41
N ASP A 18 -0.57 1.07 12.49
CA ASP A 18 -0.11 2.27 13.16
C ASP A 18 1.29 2.05 13.70
N ALA A 19 1.62 0.79 14.00
CA ALA A 19 2.92 0.44 14.54
C ALA A 19 3.97 0.52 13.45
N ILE A 20 3.70 -0.08 12.28
CA ILE A 20 4.62 0.03 11.18
C ILE A 20 4.66 1.48 10.69
N PHE A 21 3.50 2.12 10.72
CA PHE A 21 3.35 3.53 10.37
C PHE A 21 4.29 4.39 11.22
N ASP A 22 4.11 4.29 12.53
CA ASP A 22 4.86 5.07 13.51
C ASP A 22 6.36 4.87 13.38
N SER A 23 6.77 3.67 12.99
CA SER A 23 8.15 3.33 12.88
C SER A 23 8.82 4.08 11.74
N LEU A 24 8.04 4.45 10.72
CA LEU A 24 8.58 5.03 9.50
C LEU A 24 8.79 6.54 9.63
N SER A 25 8.42 7.09 10.77
CA SER A 25 8.46 8.54 11.00
C SER A 25 7.57 9.25 9.97
N PRO A 26 6.24 9.16 10.17
CA PRO A 26 5.26 9.71 9.24
C PRO A 26 5.23 11.22 9.19
N VAL A 27 4.52 11.73 8.20
CA VAL A 27 4.32 13.13 8.00
C VAL A 27 2.89 13.50 8.40
N ASN A 28 2.72 14.03 9.61
CA ASN A 28 1.42 14.51 10.08
C ASN A 28 0.42 13.37 10.25
N GLY A 29 0.91 12.14 10.39
CA GLY A 29 0.03 10.98 10.44
C GLY A 29 -0.26 10.46 9.05
N PHE A 30 0.50 10.94 8.10
CA PHE A 30 0.43 10.50 6.70
C PHE A 30 1.80 9.99 6.28
N LEU A 31 1.84 8.94 5.49
CA LEU A 31 3.10 8.49 4.93
C LEU A 31 3.08 8.65 3.42
N SER A 32 4.23 8.88 2.81
CA SER A 32 4.29 9.00 1.37
C SER A 32 5.16 7.93 0.73
N GLY A 33 5.14 7.90 -0.59
CA GLY A 33 5.58 6.75 -1.36
C GLY A 33 7.03 6.37 -1.18
N ASP A 34 7.90 7.33 -0.92
CA ASP A 34 9.31 7.02 -0.71
C ASP A 34 9.49 6.14 0.54
N LYS A 35 8.59 6.29 1.50
CA LYS A 35 8.59 5.45 2.70
C LYS A 35 7.63 4.29 2.50
N VAL A 36 6.46 4.59 1.96
CA VAL A 36 5.41 3.61 1.83
C VAL A 36 5.75 2.54 0.81
N LYS A 37 6.46 2.89 -0.26
CA LYS A 37 6.80 1.90 -1.27
C LYS A 37 7.55 0.72 -0.68
N PRO A 38 8.71 0.92 -0.03
CA PRO A 38 9.47 -0.19 0.48
C PRO A 38 8.73 -0.90 1.60
N VAL A 39 7.83 -0.16 2.24
CA VAL A 39 6.97 -0.74 3.25
C VAL A 39 5.66 -1.16 2.58
N LEU A 40 5.74 -1.28 1.25
CA LEU A 40 4.75 -1.96 0.42
C LEU A 40 5.43 -3.15 -0.24
N LEU A 41 6.70 -2.95 -0.59
CA LEU A 41 7.59 -4.04 -0.98
C LEU A 41 7.86 -4.93 0.23
N ASN A 42 7.15 -4.65 1.32
CA ASN A 42 7.04 -5.57 2.45
C ASN A 42 6.75 -6.97 1.93
N SER A 43 5.96 -7.01 0.87
CA SER A 43 5.49 -8.24 0.27
C SER A 43 6.35 -8.60 -0.93
N LYS A 44 6.07 -9.75 -1.52
CA LYS A 44 6.72 -10.18 -2.76
C LYS A 44 5.96 -9.63 -3.96
N LEU A 45 5.03 -8.71 -3.70
CA LEU A 45 4.16 -8.14 -4.72
C LEU A 45 4.91 -7.13 -5.59
N PRO A 46 4.63 -7.16 -6.91
CA PRO A 46 5.19 -6.20 -7.88
C PRO A 46 4.62 -4.79 -7.70
N VAL A 47 5.31 -3.81 -8.26
CA VAL A 47 4.93 -2.40 -8.08
C VAL A 47 3.71 -2.04 -8.89
N ASP A 48 3.36 -2.85 -9.86
CA ASP A 48 2.15 -2.62 -10.63
C ASP A 48 0.91 -2.71 -9.74
N ILE A 49 0.86 -3.74 -8.92
CA ILE A 49 -0.26 -3.92 -8.00
C ILE A 49 -0.12 -2.99 -6.81
N LEU A 50 1.12 -2.75 -6.37
CA LEU A 50 1.38 -1.83 -5.27
C LEU A 50 0.99 -0.42 -5.67
N GLY A 51 1.20 -0.09 -6.95
CA GLY A 51 0.79 1.19 -7.48
C GLY A 51 -0.71 1.29 -7.61
N ARG A 52 -1.35 0.20 -8.02
CA ARG A 52 -2.80 0.16 -8.08
C ARG A 52 -3.39 0.30 -6.68
N VAL A 53 -2.78 -0.39 -5.74
CA VAL A 53 -3.17 -0.30 -4.34
C VAL A 53 -3.03 1.12 -3.82
N TRP A 54 -1.89 1.75 -4.08
CA TRP A 54 -1.67 3.16 -3.77
C TRP A 54 -2.79 4.03 -4.31
N GLU A 55 -3.06 3.90 -5.60
CA GLU A 55 -4.00 4.79 -6.28
C GLU A 55 -5.44 4.53 -5.83
N LEU A 56 -5.75 3.30 -5.45
CA LEU A 56 -7.07 2.95 -4.93
C LEU A 56 -7.20 3.29 -3.44
N SER A 57 -6.20 2.90 -2.66
CA SER A 57 -6.27 2.95 -1.20
C SER A 57 -6.15 4.37 -0.65
N ASP A 58 -5.45 5.24 -1.37
CA ASP A 58 -5.33 6.62 -0.93
C ASP A 58 -6.61 7.37 -1.26
N ILE A 59 -7.53 7.35 -0.29
CA ILE A 59 -8.91 7.82 -0.46
C ILE A 59 -8.96 9.24 -1.00
N ASP A 60 -8.18 10.13 -0.41
CA ASP A 60 -8.23 11.54 -0.78
C ASP A 60 -7.31 11.86 -1.95
N HIS A 61 -6.56 10.85 -2.39
CA HIS A 61 -5.68 10.97 -3.55
C HIS A 61 -4.70 12.14 -3.41
N ASP A 62 -4.28 12.38 -2.18
CA ASP A 62 -3.44 13.52 -1.87
C ASP A 62 -1.97 13.19 -2.02
N GLY A 63 -1.69 11.96 -2.45
CA GLY A 63 -0.32 11.55 -2.65
C GLY A 63 0.31 11.05 -1.37
N MET A 64 -0.50 11.02 -0.32
CA MET A 64 -0.07 10.51 0.96
C MET A 64 -1.12 9.54 1.50
N LEU A 65 -0.66 8.60 2.29
CA LEU A 65 -1.54 7.62 2.89
C LEU A 65 -1.57 7.87 4.38
N ASP A 66 -2.69 8.36 4.89
CA ASP A 66 -2.79 8.63 6.30
C ASP A 66 -3.01 7.33 7.04
N ARG A 67 -3.04 7.40 8.35
CA ARG A 67 -3.15 6.20 9.17
C ARG A 67 -4.32 5.29 8.73
N ASP A 68 -5.45 5.88 8.36
CA ASP A 68 -6.60 5.12 7.89
C ASP A 68 -6.39 4.62 6.46
N GLU A 69 -5.89 5.51 5.59
CA GLU A 69 -5.70 5.17 4.17
C GLU A 69 -4.72 4.02 4.06
N PHE A 70 -3.67 4.09 4.85
CA PHE A 70 -2.62 3.11 4.79
C PHE A 70 -3.05 1.79 5.41
N ALA A 71 -3.88 1.88 6.45
CA ALA A 71 -4.44 0.70 7.07
C ALA A 71 -5.19 -0.08 6.00
N VAL A 72 -5.81 0.68 5.11
CA VAL A 72 -6.46 0.15 3.92
C VAL A 72 -5.45 -0.52 2.99
N ALA A 73 -4.38 0.20 2.67
CA ALA A 73 -3.36 -0.28 1.74
C ALA A 73 -2.72 -1.57 2.21
N MET A 74 -2.22 -1.57 3.44
CA MET A 74 -1.51 -2.72 3.98
C MET A 74 -2.45 -3.91 4.15
N PHE A 75 -3.73 -3.64 4.37
CA PHE A 75 -4.75 -4.69 4.43
C PHE A 75 -4.89 -5.38 3.08
N LEU A 76 -4.83 -4.58 2.01
CA LEU A 76 -4.98 -5.09 0.66
C LEU A 76 -3.73 -5.85 0.25
N VAL A 77 -2.60 -5.46 0.82
CA VAL A 77 -1.34 -6.10 0.52
C VAL A 77 -1.32 -7.51 1.12
N TYR A 78 -1.72 -7.64 2.39
CA TYR A 78 -1.85 -8.96 3.01
C TYR A 78 -2.82 -9.82 2.22
N CYS A 79 -3.90 -9.19 1.75
CA CYS A 79 -4.94 -9.88 0.98
C CYS A 79 -4.33 -10.58 -0.24
N ALA A 80 -3.37 -9.92 -0.86
CA ALA A 80 -2.68 -10.50 -2.00
C ALA A 80 -1.75 -11.65 -1.58
N LEU A 81 -1.15 -11.54 -0.40
CA LEU A 81 -0.26 -12.58 0.09
C LEU A 81 -1.04 -13.82 0.54
N GLU A 82 -2.23 -13.60 1.07
CA GLU A 82 -3.07 -14.72 1.52
C GLU A 82 -3.79 -15.35 0.34
N LYS A 83 -3.44 -14.89 -0.87
CA LYS A 83 -4.02 -15.40 -2.11
C LYS A 83 -5.53 -15.17 -2.15
N GLU A 84 -5.95 -14.00 -1.71
CA GLU A 84 -7.34 -13.62 -1.73
C GLU A 84 -7.53 -12.53 -2.79
N PRO A 85 -8.39 -12.77 -3.78
CA PRO A 85 -8.61 -11.83 -4.89
C PRO A 85 -8.86 -10.41 -4.41
N VAL A 86 -8.06 -9.49 -4.91
CA VAL A 86 -8.11 -8.10 -4.49
C VAL A 86 -9.00 -7.31 -5.46
N PRO A 87 -9.96 -6.55 -4.92
CA PRO A 87 -10.86 -5.73 -5.73
C PRO A 87 -10.10 -4.67 -6.53
N MET A 88 -10.42 -4.58 -7.81
CA MET A 88 -9.73 -3.66 -8.70
C MET A 88 -10.39 -2.28 -8.67
N SER A 89 -11.44 -2.17 -7.86
CA SER A 89 -12.17 -0.92 -7.71
C SER A 89 -12.26 -0.58 -6.23
N LEU A 90 -12.71 0.64 -5.94
CA LEU A 90 -12.82 1.13 -4.58
C LEU A 90 -13.84 0.32 -3.80
N PRO A 91 -13.37 -0.44 -2.81
CA PRO A 91 -14.22 -1.22 -1.92
C PRO A 91 -14.72 -0.35 -0.78
N PRO A 92 -16.01 -0.03 -0.80
CA PRO A 92 -16.60 0.92 0.16
C PRO A 92 -16.53 0.44 1.58
N ALA A 93 -16.38 -0.87 1.75
CA ALA A 93 -16.14 -1.45 3.06
C ALA A 93 -14.85 -0.89 3.68
N LEU A 94 -13.95 -0.40 2.84
CA LEU A 94 -12.67 0.10 3.34
C LEU A 94 -12.44 1.55 2.98
N VAL A 95 -13.47 2.24 2.55
CA VAL A 95 -13.40 3.69 2.44
C VAL A 95 -13.81 4.28 3.79
N PRO A 96 -12.82 4.81 4.54
CA PRO A 96 -13.01 5.27 5.92
C PRO A 96 -14.30 6.04 6.10
N PRO A 97 -15.20 5.51 6.94
CA PRO A 97 -16.45 6.16 7.33
C PRO A 97 -16.28 7.65 7.68
N SER A 98 -15.09 8.02 8.17
CA SER A 98 -14.79 9.42 8.49
C SER A 98 -14.73 10.26 7.21
N LYS A 99 -14.44 9.61 6.10
CA LYS A 99 -14.31 10.26 4.81
C LYS A 99 -15.56 10.03 3.98
N ARG A 100 -16.62 9.60 4.64
CA ARG A 100 -17.90 9.39 4.01
C ARG A 100 -18.90 10.39 4.56
N PRO B 6 1.64 19.42 -23.97
CA PRO B 6 2.08 19.06 -22.63
C PRO B 6 1.50 17.72 -22.18
N SER B 7 0.57 17.20 -22.97
CA SER B 7 -0.12 15.95 -22.67
C SER B 7 0.82 14.76 -22.79
N VAL B 8 2.01 15.03 -23.28
CA VAL B 8 3.01 14.00 -23.52
C VAL B 8 4.32 14.41 -22.85
N THR B 9 4.21 15.28 -21.84
CA THR B 9 5.36 15.78 -21.12
C THR B 9 6.09 14.64 -20.40
N GLU B 10 5.33 13.59 -20.08
CA GLU B 10 5.90 12.39 -19.49
C GLU B 10 5.02 11.19 -19.83
N ALA B 11 5.45 10.00 -19.46
CA ALA B 11 4.79 8.78 -19.89
C ALA B 11 4.47 7.91 -18.68
N SER B 12 4.26 8.56 -17.55
CA SER B 12 3.85 7.88 -16.33
C SER B 12 2.45 7.28 -16.49
N PRO B 13 2.27 6.05 -15.98
CA PRO B 13 1.02 5.29 -16.07
C PRO B 13 0.08 5.53 -14.89
N TRP B 14 0.54 6.31 -13.93
CA TRP B 14 -0.23 6.62 -12.74
C TRP B 14 -0.44 8.11 -12.61
N ARG B 15 -1.20 8.50 -11.60
CA ARG B 15 -1.74 9.86 -11.50
C ARG B 15 -0.76 10.80 -10.79
N ALA B 16 0.54 10.59 -11.02
CA ALA B 16 1.61 11.44 -10.48
C ALA B 16 1.78 11.28 -8.96
N THR B 17 0.66 11.16 -8.25
CA THR B 17 0.67 10.96 -6.81
C THR B 17 1.30 9.62 -6.44
N ASN B 18 1.40 8.74 -7.42
CA ASN B 18 1.91 7.41 -7.20
C ASN B 18 3.44 7.38 -7.28
N PRO B 19 4.10 6.64 -6.37
CA PRO B 19 5.55 6.51 -6.35
C PRO B 19 6.05 5.21 -7.00
N PHE B 20 5.13 4.45 -7.61
CA PHE B 20 5.47 3.19 -8.27
C PHE B 20 5.42 3.33 -9.77
N LEU B 21 4.89 4.46 -10.21
CA LEU B 21 4.79 4.78 -11.63
C LEU B 21 6.18 4.98 -12.23
N ASN B 22 7.15 5.07 -11.34
CA ASN B 22 8.54 5.15 -11.71
C ASN B 22 9.21 3.81 -11.44
N GLU B 23 8.74 2.80 -12.16
CA GLU B 23 9.27 1.46 -12.02
C GLU B 23 10.44 1.28 -13.00
N THR B 24 11.20 0.21 -12.79
CA THR B 24 12.29 -0.18 -13.68
C THR B 24 13.52 0.73 -13.57
N LEU B 25 13.31 2.04 -13.53
CA LEU B 25 14.42 3.00 -13.44
C LEU B 25 15.26 2.76 -12.18
N GLN B 26 14.63 2.91 -11.03
CA GLN B 26 15.28 2.67 -9.74
C GLN B 26 14.20 2.40 -8.71
N ASP B 27 13.65 1.20 -8.80
CA ASP B 27 12.40 0.87 -8.13
C ASP B 27 12.55 -0.32 -7.19
N VAL B 28 13.54 -1.17 -7.44
CA VAL B 28 13.76 -2.36 -6.63
C VAL B 28 14.33 -1.98 -5.26
N GLN B 29 13.45 -1.54 -4.36
CA GLN B 29 13.86 -1.09 -3.03
C GLN B 29 12.88 -1.56 -1.97
N PRO B 30 13.20 -2.70 -1.31
CA PRO B 30 12.40 -3.26 -0.21
C PRO B 30 12.73 -2.59 1.12
N SER B 31 12.06 -3.03 2.19
CA SER B 31 12.26 -2.45 3.50
C SER B 31 12.61 -3.53 4.51
N PRO B 32 13.42 -3.18 5.53
CA PRO B 32 13.62 -4.02 6.72
C PRO B 32 12.46 -3.82 7.70
N ILE B 33 11.30 -3.49 7.13
CA ILE B 33 10.12 -3.13 7.89
C ILE B 33 8.97 -4.05 7.47
N ASN B 34 9.33 -5.15 6.85
CA ASN B 34 8.34 -5.96 6.17
C ASN B 34 7.80 -7.07 7.05
N PRO B 35 6.47 -7.06 7.25
CA PRO B 35 5.74 -8.06 8.03
C PRO B 35 5.48 -9.34 7.24
N PHE B 36 6.01 -9.41 6.02
CA PHE B 36 5.75 -10.54 5.13
C PHE B 36 7.00 -11.38 4.96
N SER B 37 7.89 -11.20 5.91
CA SER B 37 9.16 -11.90 5.92
C SER B 37 8.97 -13.42 5.92
N ALA B 38 8.17 -13.90 6.87
CA ALA B 38 7.85 -15.32 6.95
C ALA B 38 6.94 -15.72 5.81
N PHE B 39 6.19 -14.76 5.28
CA PHE B 39 5.28 -14.99 4.17
C PHE B 39 6.00 -15.48 2.92
N PHE B 40 7.24 -15.07 2.74
CA PHE B 40 8.01 -15.48 1.58
C PHE B 40 8.40 -16.95 1.73
N GLU B 41 8.41 -17.40 2.97
CA GLU B 41 8.75 -18.77 3.30
C GLU B 41 7.49 -19.62 3.29
N GLU B 42 6.55 -19.25 4.16
CA GLU B 42 5.28 -19.93 4.27
C GLU B 42 4.19 -19.12 3.60
N GLN B 43 4.02 -19.34 2.32
CA GLN B 43 3.09 -18.57 1.51
C GLN B 43 1.66 -19.10 1.64
N GLU B 44 1.48 -20.05 2.54
CA GLU B 44 0.17 -20.66 2.78
C GLU B 44 -0.01 -20.97 4.26
N ARG B 45 -1.18 -21.52 4.58
CA ARG B 45 -1.51 -21.96 5.93
C ARG B 45 -1.45 -20.80 6.91
CA CA C . -4.36 10.38 1.04
N PRO A 6 -18.42 -2.28 8.26
CA PRO A 6 -17.38 -3.22 8.72
C PRO A 6 -16.03 -2.91 8.09
N TRP A 7 -15.44 -1.79 8.50
CA TRP A 7 -14.23 -1.31 7.86
C TRP A 7 -13.15 -2.38 7.89
N ALA A 8 -12.62 -2.67 6.70
CA ALA A 8 -11.73 -3.80 6.50
C ALA A 8 -10.67 -3.92 7.56
N VAL A 9 -9.95 -2.84 7.76
CA VAL A 9 -8.87 -2.82 8.72
C VAL A 9 -9.44 -2.73 10.11
N LYS A 10 -9.74 -3.87 10.69
CA LYS A 10 -10.17 -3.89 12.06
C LYS A 10 -9.06 -3.31 12.92
N PRO A 11 -9.47 -2.51 13.89
CA PRO A 11 -8.62 -1.80 14.85
C PRO A 11 -7.34 -2.55 15.25
N GLU A 12 -7.39 -3.87 15.35
CA GLU A 12 -6.20 -4.66 15.68
C GLU A 12 -5.16 -4.58 14.55
N ASP A 13 -5.64 -4.57 13.30
CA ASP A 13 -4.74 -4.54 12.16
C ASP A 13 -4.34 -3.11 11.91
N LYS A 14 -5.29 -2.23 12.12
CA LYS A 14 -5.06 -0.80 12.06
C LYS A 14 -3.95 -0.38 13.02
N ALA A 15 -4.05 -0.79 14.27
CA ALA A 15 -3.06 -0.39 15.26
C ALA A 15 -1.72 -1.05 14.96
N LYS A 16 -1.77 -2.26 14.42
CA LYS A 16 -0.58 -2.95 13.94
C LYS A 16 0.04 -2.18 12.79
N TYR A 17 -0.81 -1.60 11.95
CA TYR A 17 -0.35 -0.79 10.83
C TYR A 17 0.14 0.54 11.32
N ASP A 18 -0.41 1.00 12.42
CA ASP A 18 0.05 2.20 13.09
C ASP A 18 1.46 1.96 13.63
N ALA A 19 1.78 0.70 13.89
CA ALA A 19 3.09 0.33 14.38
C ALA A 19 4.12 0.45 13.27
N ILE A 20 3.83 -0.12 12.11
CA ILE A 20 4.71 0.04 10.98
C ILE A 20 4.71 1.50 10.52
N PHE A 21 3.54 2.13 10.59
CA PHE A 21 3.37 3.54 10.28
C PHE A 21 4.34 4.40 11.10
N ASP A 22 4.23 4.29 12.41
CA ASP A 22 5.03 5.08 13.35
C ASP A 22 6.52 4.82 13.16
N SER A 23 6.85 3.61 12.77
CA SER A 23 8.24 3.19 12.62
C SER A 23 8.93 3.96 11.49
N LEU A 24 8.13 4.49 10.58
CA LEU A 24 8.67 5.16 9.42
C LEU A 24 8.84 6.65 9.64
N SER A 25 8.43 7.12 10.83
CA SER A 25 8.43 8.54 11.17
C SER A 25 7.52 9.31 10.20
N PRO A 26 6.19 9.17 10.37
CA PRO A 26 5.21 9.73 9.44
C PRO A 26 5.15 11.24 9.42
N VAL A 27 4.50 11.73 8.39
CA VAL A 27 4.32 13.14 8.16
C VAL A 27 2.88 13.55 8.47
N ASN A 28 2.66 14.10 9.66
CA ASN A 28 1.32 14.56 10.09
C ASN A 28 0.33 13.40 10.24
N GLY A 29 0.85 12.18 10.39
CA GLY A 29 -0.02 11.01 10.42
C GLY A 29 -0.30 10.50 9.03
N PHE A 30 0.47 11.00 8.08
CA PHE A 30 0.43 10.55 6.70
C PHE A 30 1.81 10.04 6.32
N LEU A 31 1.87 8.96 5.60
CA LEU A 31 3.15 8.49 5.08
C LEU A 31 3.17 8.63 3.57
N SER A 32 4.32 8.89 3.00
CA SER A 32 4.41 9.06 1.56
C SER A 32 5.25 7.98 0.91
N GLY A 33 5.20 7.98 -0.42
CA GLY A 33 5.68 6.87 -1.21
C GLY A 33 7.10 6.44 -0.92
N ASP A 34 7.99 7.38 -0.67
CA ASP A 34 9.39 7.03 -0.48
C ASP A 34 9.59 6.18 0.78
N LYS A 35 8.67 6.31 1.73
CA LYS A 35 8.67 5.48 2.94
C LYS A 35 7.68 4.32 2.78
N VAL A 36 6.48 4.67 2.35
CA VAL A 36 5.40 3.71 2.24
C VAL A 36 5.72 2.61 1.24
N LYS A 37 6.35 2.97 0.14
CA LYS A 37 6.65 2.02 -0.92
C LYS A 37 7.52 0.87 -0.45
N PRO A 38 8.66 1.13 0.21
CA PRO A 38 9.48 0.05 0.73
C PRO A 38 8.78 -0.73 1.85
N VAL A 39 7.70 -0.19 2.41
CA VAL A 39 6.84 -0.99 3.28
C VAL A 39 5.72 -1.67 2.46
N LEU A 40 5.43 -1.13 1.29
CA LEU A 40 4.51 -1.78 0.36
C LEU A 40 5.21 -2.97 -0.26
N LEU A 41 6.45 -2.73 -0.65
CA LEU A 41 7.30 -3.76 -1.20
C LEU A 41 7.87 -4.62 -0.06
N ASN A 42 7.15 -4.63 1.06
CA ASN A 42 7.39 -5.59 2.13
C ASN A 42 6.98 -6.97 1.66
N SER A 43 6.10 -6.98 0.66
CA SER A 43 5.66 -8.21 0.03
C SER A 43 6.54 -8.45 -1.21
N LYS A 44 6.39 -9.60 -1.85
CA LYS A 44 7.09 -9.87 -3.09
C LYS A 44 6.24 -9.39 -4.27
N LEU A 45 5.12 -8.77 -3.94
CA LEU A 45 4.21 -8.20 -4.93
C LEU A 45 4.92 -7.15 -5.76
N PRO A 46 4.55 -7.01 -7.03
CA PRO A 46 5.16 -6.04 -7.94
C PRO A 46 4.53 -4.65 -7.80
N VAL A 47 5.28 -3.63 -8.21
CA VAL A 47 4.84 -2.25 -8.07
C VAL A 47 3.60 -1.96 -8.90
N ASP A 48 3.32 -2.83 -9.87
CA ASP A 48 2.08 -2.76 -10.64
C ASP A 48 0.87 -2.85 -9.71
N ILE A 49 0.90 -3.84 -8.81
CA ILE A 49 -0.20 -4.01 -7.87
C ILE A 49 -0.07 -3.01 -6.74
N LEU A 50 1.15 -2.77 -6.32
CA LEU A 50 1.44 -1.87 -5.20
C LEU A 50 0.98 -0.45 -5.54
N GLY A 51 1.20 -0.07 -6.79
CA GLY A 51 0.79 1.23 -7.26
C GLY A 51 -0.71 1.34 -7.36
N ARG A 52 -1.33 0.30 -7.91
CA ARG A 52 -2.78 0.28 -8.03
C ARG A 52 -3.41 0.29 -6.65
N VAL A 53 -2.77 -0.39 -5.71
CA VAL A 53 -3.18 -0.34 -4.32
C VAL A 53 -3.05 1.08 -3.76
N TRP A 54 -1.91 1.74 -4.02
CA TRP A 54 -1.73 3.16 -3.68
C TRP A 54 -2.89 3.99 -4.22
N GLU A 55 -3.25 3.74 -5.47
CA GLU A 55 -4.31 4.48 -6.13
C GLU A 55 -5.65 4.30 -5.41
N LEU A 56 -5.95 3.06 -5.03
CA LEU A 56 -7.23 2.74 -4.40
C LEU A 56 -7.25 3.08 -2.92
N SER A 57 -6.14 2.80 -2.23
CA SER A 57 -6.09 2.97 -0.78
C SER A 57 -6.00 4.43 -0.38
N ASP A 58 -5.30 5.23 -1.18
CA ASP A 58 -5.19 6.65 -0.91
C ASP A 58 -6.49 7.35 -1.33
N ILE A 59 -7.41 7.33 -0.39
CA ILE A 59 -8.77 7.85 -0.54
C ILE A 59 -8.80 9.19 -1.25
N ASP A 60 -8.03 10.12 -0.72
CA ASP A 60 -8.09 11.50 -1.17
C ASP A 60 -7.06 11.79 -2.26
N HIS A 61 -6.35 10.72 -2.65
CA HIS A 61 -5.37 10.73 -3.76
C HIS A 61 -4.45 11.94 -3.69
N ASP A 62 -3.95 12.20 -2.50
CA ASP A 62 -3.12 13.36 -2.22
C ASP A 62 -1.64 13.05 -2.39
N GLY A 63 -1.32 11.78 -2.59
CA GLY A 63 0.08 11.39 -2.72
C GLY A 63 0.65 10.96 -1.38
N MET A 64 -0.20 10.91 -0.38
CA MET A 64 0.18 10.42 0.93
C MET A 64 -0.87 9.43 1.41
N LEU A 65 -0.45 8.52 2.26
CA LEU A 65 -1.36 7.56 2.83
C LEU A 65 -1.55 7.88 4.30
N ASP A 66 -2.75 8.28 4.62
CA ASP A 66 -3.11 8.64 5.98
C ASP A 66 -3.26 7.38 6.81
N ARG A 67 -3.28 7.54 8.12
CA ARG A 67 -3.45 6.42 9.04
C ARG A 67 -4.57 5.46 8.57
N ASP A 68 -5.70 6.01 8.15
CA ASP A 68 -6.79 5.19 7.61
C ASP A 68 -6.47 4.66 6.23
N GLU A 69 -5.94 5.53 5.36
CA GLU A 69 -5.70 5.19 3.97
C GLU A 69 -4.71 4.02 3.88
N PHE A 70 -3.70 4.09 4.71
CA PHE A 70 -2.64 3.11 4.72
C PHE A 70 -3.09 1.81 5.35
N ALA A 71 -3.93 1.91 6.37
CA ALA A 71 -4.50 0.74 6.98
C ALA A 71 -5.22 -0.05 5.90
N VAL A 72 -5.87 0.72 5.02
CA VAL A 72 -6.49 0.18 3.83
C VAL A 72 -5.46 -0.48 2.92
N ALA A 73 -4.39 0.25 2.62
CA ALA A 73 -3.34 -0.21 1.72
C ALA A 73 -2.74 -1.52 2.19
N MET A 74 -2.24 -1.54 3.41
CA MET A 74 -1.53 -2.69 3.95
C MET A 74 -2.47 -3.89 4.14
N PHE A 75 -3.75 -3.61 4.38
CA PHE A 75 -4.74 -4.67 4.46
C PHE A 75 -4.88 -5.35 3.10
N LEU A 76 -4.83 -4.54 2.05
CA LEU A 76 -4.97 -5.05 0.69
C LEU A 76 -3.70 -5.80 0.26
N VAL A 77 -2.59 -5.47 0.91
CA VAL A 77 -1.34 -6.15 0.64
C VAL A 77 -1.40 -7.58 1.17
N TYR A 78 -1.83 -7.73 2.43
CA TYR A 78 -2.06 -9.05 2.99
C TYR A 78 -3.11 -9.81 2.19
N CYS A 79 -4.11 -9.08 1.73
CA CYS A 79 -5.19 -9.64 0.93
C CYS A 79 -4.64 -10.45 -0.25
N ALA A 80 -3.69 -9.86 -0.98
CA ALA A 80 -3.07 -10.54 -2.10
C ALA A 80 -2.24 -11.73 -1.64
N LEU A 81 -1.57 -11.57 -0.50
CA LEU A 81 -0.72 -12.63 0.05
C LEU A 81 -1.53 -13.84 0.49
N GLU A 82 -2.73 -13.61 1.00
CA GLU A 82 -3.60 -14.71 1.41
C GLU A 82 -4.45 -15.17 0.23
N LYS A 83 -4.14 -14.63 -0.94
CA LYS A 83 -4.75 -15.02 -2.21
C LYS A 83 -6.22 -14.63 -2.28
N GLU A 84 -6.62 -13.70 -1.43
CA GLU A 84 -7.93 -13.08 -1.54
C GLU A 84 -7.91 -12.07 -2.68
N PRO A 85 -8.63 -12.35 -3.77
CA PRO A 85 -8.64 -11.51 -4.97
C PRO A 85 -8.95 -10.05 -4.67
N VAL A 86 -8.15 -9.16 -5.24
CA VAL A 86 -8.26 -7.74 -5.00
C VAL A 86 -9.00 -7.07 -6.16
N PRO A 87 -10.06 -6.32 -5.87
CA PRO A 87 -10.80 -5.57 -6.88
C PRO A 87 -10.05 -4.32 -7.33
N MET A 88 -10.43 -3.79 -8.48
CA MET A 88 -9.79 -2.59 -9.02
C MET A 88 -10.68 -1.38 -8.77
N SER A 89 -11.83 -1.64 -8.17
CA SER A 89 -12.73 -0.60 -7.71
C SER A 89 -12.72 -0.60 -6.19
N LEU A 90 -13.13 0.50 -5.58
CA LEU A 90 -13.03 0.63 -4.14
C LEU A 90 -14.14 -0.12 -3.43
N PRO A 91 -13.75 -1.11 -2.62
CA PRO A 91 -14.67 -1.84 -1.77
C PRO A 91 -15.03 -0.99 -0.57
N PRO A 92 -16.30 -0.57 -0.49
CA PRO A 92 -16.76 0.40 0.50
C PRO A 92 -16.65 -0.11 1.93
N ALA A 93 -16.51 -1.42 2.07
CA ALA A 93 -16.22 -2.02 3.36
C ALA A 93 -14.87 -1.54 3.88
N LEU A 94 -14.05 -0.99 3.00
CA LEU A 94 -12.73 -0.49 3.41
C LEU A 94 -12.57 0.97 3.11
N VAL A 95 -13.64 1.65 2.72
CA VAL A 95 -13.57 3.09 2.59
C VAL A 95 -13.89 3.70 3.96
N PRO A 96 -12.83 4.19 4.64
CA PRO A 96 -12.91 4.63 6.04
C PRO A 96 -14.12 5.49 6.32
N PRO A 97 -15.06 4.96 7.11
CA PRO A 97 -16.27 5.67 7.55
C PRO A 97 -15.96 7.05 8.14
N SER A 98 -14.75 7.22 8.66
CA SER A 98 -14.32 8.51 9.20
C SER A 98 -13.98 9.46 8.05
N LYS A 99 -13.47 8.90 6.98
CA LYS A 99 -13.00 9.67 5.84
C LYS A 99 -14.06 9.75 4.74
N ARG A 100 -15.31 9.69 5.14
CA ARG A 100 -16.42 9.88 4.23
C ARG A 100 -16.90 11.31 4.29
N PRO B 6 9.02 2.11 -22.76
CA PRO B 6 8.98 2.36 -21.33
C PRO B 6 7.73 1.77 -20.68
N SER B 7 6.64 1.78 -21.43
CA SER B 7 5.39 1.24 -20.95
C SER B 7 4.79 0.31 -22.00
N VAL B 8 4.53 -0.93 -21.61
CA VAL B 8 3.93 -1.91 -22.52
C VAL B 8 2.44 -1.66 -22.63
N THR B 9 1.87 -1.22 -21.52
CA THR B 9 0.47 -0.84 -21.43
C THR B 9 0.30 0.07 -20.23
N GLU B 10 0.76 -0.42 -19.09
CA GLU B 10 0.80 0.35 -17.88
C GLU B 10 2.26 0.60 -17.48
N ALA B 11 2.50 0.84 -16.19
CA ALA B 11 3.83 1.17 -15.67
C ALA B 11 4.13 2.65 -15.91
N SER B 12 3.07 3.43 -15.85
CA SER B 12 3.13 4.88 -15.99
C SER B 12 1.74 5.53 -15.84
N PRO B 13 0.66 4.94 -16.43
CA PRO B 13 -0.69 5.53 -16.36
C PRO B 13 -1.34 5.37 -14.99
N TRP B 14 -0.78 6.04 -14.01
CA TRP B 14 -1.38 6.15 -12.69
C TRP B 14 -1.63 7.61 -12.38
N ARG B 15 -2.05 7.89 -11.16
CA ARG B 15 -2.62 9.20 -10.85
C ARG B 15 -1.56 10.22 -10.49
N ALA B 16 -0.33 9.99 -10.98
CA ALA B 16 0.81 10.89 -10.80
C ALA B 16 1.31 10.92 -9.35
N THR B 17 0.40 10.82 -8.39
CA THR B 17 0.76 10.76 -6.98
C THR B 17 1.27 9.38 -6.61
N ASN B 18 1.36 8.52 -7.61
CA ASN B 18 1.71 7.12 -7.40
C ASN B 18 3.20 6.89 -7.55
N PRO B 19 3.89 6.65 -6.43
CA PRO B 19 5.34 6.45 -6.40
C PRO B 19 5.72 5.02 -6.80
N PHE B 20 4.86 4.40 -7.61
CA PHE B 20 5.07 3.02 -8.07
C PHE B 20 5.02 2.94 -9.59
N LEU B 21 4.33 3.89 -10.22
CA LEU B 21 4.20 3.91 -11.66
C LEU B 21 5.58 4.04 -12.30
N ASN B 22 6.49 4.63 -11.53
CA ASN B 22 7.86 4.78 -11.93
C ASN B 22 8.65 3.50 -11.68
N GLU B 23 8.38 2.46 -12.47
CA GLU B 23 9.12 1.21 -12.33
C GLU B 23 10.10 1.02 -13.49
N THR B 24 9.75 1.56 -14.65
CA THR B 24 10.55 1.36 -15.86
C THR B 24 11.83 2.19 -15.85
N LEU B 25 11.95 3.04 -14.86
CA LEU B 25 13.11 3.94 -14.75
C LEU B 25 14.08 3.43 -13.71
N GLN B 26 13.80 2.24 -13.20
CA GLN B 26 14.58 1.61 -12.14
C GLN B 26 14.43 2.34 -10.81
N ASP B 27 13.84 1.66 -9.84
CA ASP B 27 13.60 2.27 -8.53
C ASP B 27 13.52 1.19 -7.46
N VAL B 28 12.44 0.40 -7.51
CA VAL B 28 12.21 -0.71 -6.59
C VAL B 28 11.99 -0.24 -5.14
N GLN B 29 13.07 0.13 -4.46
CA GLN B 29 13.00 0.59 -3.07
C GLN B 29 12.39 -0.45 -2.13
N PRO B 30 13.11 -1.56 -1.86
CA PRO B 30 12.67 -2.58 -0.92
C PRO B 30 13.22 -2.38 0.50
N SER B 31 12.37 -2.53 1.51
CA SER B 31 12.80 -2.44 2.90
C SER B 31 12.57 -3.75 3.65
N PRO B 32 13.50 -4.09 4.57
CA PRO B 32 13.39 -5.27 5.42
C PRO B 32 12.45 -5.04 6.60
N ILE B 33 11.44 -4.22 6.35
CA ILE B 33 10.39 -3.94 7.34
C ILE B 33 9.24 -4.90 7.11
N ASN B 34 9.52 -5.91 6.29
CA ASN B 34 8.48 -6.78 5.79
C ASN B 34 7.81 -7.62 6.84
N PRO B 35 6.49 -7.40 6.94
CA PRO B 35 5.59 -8.19 7.76
C PRO B 35 5.20 -9.47 7.01
N PHE B 36 5.78 -9.63 5.83
CA PHE B 36 5.46 -10.71 4.91
C PHE B 36 6.63 -11.66 4.74
N SER B 37 7.71 -11.35 5.43
CA SER B 37 8.94 -12.13 5.33
C SER B 37 8.66 -13.62 5.58
N ALA B 38 7.77 -13.89 6.53
CA ALA B 38 7.41 -15.25 6.90
C ALA B 38 6.50 -15.89 5.86
N PHE B 39 5.75 -15.07 5.14
CA PHE B 39 4.80 -15.56 4.14
C PHE B 39 5.50 -16.37 3.07
N PHE B 40 6.52 -15.77 2.48
CA PHE B 40 7.24 -16.39 1.37
C PHE B 40 8.12 -17.52 1.88
N GLU B 41 8.41 -17.44 3.16
CA GLU B 41 9.23 -18.42 3.83
C GLU B 41 8.42 -19.70 4.02
N GLU B 42 7.30 -19.59 4.73
CA GLU B 42 6.41 -20.72 4.95
C GLU B 42 5.10 -20.49 4.20
N GLN B 43 5.10 -20.79 2.90
CA GLN B 43 3.91 -20.57 2.09
C GLN B 43 2.87 -21.67 2.31
N GLU B 44 3.11 -22.83 1.72
CA GLU B 44 2.17 -23.94 1.82
C GLU B 44 2.48 -24.77 3.06
N ARG B 45 2.58 -24.12 4.20
CA ARG B 45 2.92 -24.79 5.45
C ARG B 45 1.64 -25.23 6.15
CA CA C . -4.41 10.40 0.93
N PRO A 6 -18.82 -1.34 8.04
CA PRO A 6 -17.84 -2.07 8.86
C PRO A 6 -16.45 -1.95 8.26
N TRP A 7 -15.83 -0.81 8.49
CA TRP A 7 -14.57 -0.53 7.88
C TRP A 7 -13.57 -1.61 8.22
N ALA A 8 -12.78 -1.99 7.23
CA ALA A 8 -11.86 -3.08 7.39
C ALA A 8 -10.66 -2.57 8.18
N VAL A 9 -9.55 -3.28 8.07
CA VAL A 9 -8.41 -3.05 8.93
C VAL A 9 -8.89 -2.87 10.35
N LYS A 10 -9.57 -3.89 10.84
CA LYS A 10 -10.14 -3.85 12.16
C LYS A 10 -9.06 -3.42 13.13
N PRO A 11 -9.45 -2.60 14.10
CA PRO A 11 -8.57 -1.96 15.08
C PRO A 11 -7.30 -2.74 15.47
N GLU A 12 -7.36 -4.07 15.51
CA GLU A 12 -6.17 -4.87 15.77
C GLU A 12 -5.16 -4.76 14.62
N ASP A 13 -5.65 -4.72 13.38
CA ASP A 13 -4.78 -4.61 12.21
C ASP A 13 -4.39 -3.17 12.06
N LYS A 14 -5.34 -2.28 12.30
CA LYS A 14 -5.08 -0.85 12.26
C LYS A 14 -3.99 -0.46 13.22
N ALA A 15 -4.12 -0.87 14.48
CA ALA A 15 -3.14 -0.50 15.48
C ALA A 15 -1.79 -1.12 15.14
N LYS A 16 -1.87 -2.28 14.52
CA LYS A 16 -0.69 -2.98 14.01
C LYS A 16 -0.05 -2.16 12.89
N TYR A 17 -0.89 -1.60 12.04
CA TYR A 17 -0.43 -0.81 10.91
C TYR A 17 0.04 0.56 11.34
N ASP A 18 -0.57 1.10 12.38
CA ASP A 18 -0.11 2.33 12.99
C ASP A 18 1.26 2.12 13.62
N ALA A 19 1.55 0.88 13.98
CA ALA A 19 2.84 0.54 14.57
C ALA A 19 3.92 0.60 13.52
N ILE A 20 3.66 0.02 12.35
CA ILE A 20 4.60 0.15 11.25
C ILE A 20 4.60 1.59 10.74
N PHE A 21 3.42 2.20 10.73
CA PHE A 21 3.24 3.60 10.33
C PHE A 21 4.19 4.52 11.10
N ASP A 22 4.04 4.52 12.42
CA ASP A 22 4.84 5.39 13.28
C ASP A 22 6.32 5.01 13.24
N SER A 23 6.59 3.74 12.97
CA SER A 23 7.97 3.25 12.94
C SER A 23 8.73 3.86 11.76
N LEU A 24 7.99 4.44 10.82
CA LEU A 24 8.60 5.02 9.63
C LEU A 24 8.79 6.53 9.80
N SER A 25 8.37 7.04 10.96
CA SER A 25 8.39 8.48 11.23
C SER A 25 7.52 9.20 10.20
N PRO A 26 6.19 9.15 10.37
CA PRO A 26 5.24 9.70 9.41
C PRO A 26 5.24 11.21 9.31
N VAL A 27 4.58 11.70 8.29
CA VAL A 27 4.42 13.10 8.05
C VAL A 27 3.00 13.52 8.40
N ASN A 28 2.82 14.02 9.61
CA ASN A 28 1.52 14.52 10.08
C ASN A 28 0.45 13.42 10.05
N GLY A 29 0.83 12.20 10.43
CA GLY A 29 -0.11 11.09 10.40
C GLY A 29 -0.37 10.58 9.01
N PHE A 30 0.47 11.00 8.08
CA PHE A 30 0.47 10.53 6.70
C PHE A 30 1.84 9.98 6.37
N LEU A 31 1.91 8.92 5.61
CA LEU A 31 3.17 8.45 5.11
C LEU A 31 3.20 8.58 3.59
N SER A 32 4.37 8.85 3.02
CA SER A 32 4.42 9.07 1.60
C SER A 32 5.23 8.02 0.87
N GLY A 33 5.27 8.17 -0.45
CA GLY A 33 5.75 7.13 -1.33
C GLY A 33 7.10 6.57 -0.98
N ASP A 34 8.07 7.42 -0.74
CA ASP A 34 9.43 6.96 -0.51
C ASP A 34 9.52 6.09 0.74
N LYS A 35 8.57 6.23 1.65
CA LYS A 35 8.50 5.39 2.83
C LYS A 35 7.54 4.23 2.60
N VAL A 36 6.34 4.57 2.12
CA VAL A 36 5.27 3.62 1.99
C VAL A 36 5.55 2.59 0.91
N LYS A 37 6.15 3.02 -0.17
CA LYS A 37 6.42 2.14 -1.29
C LYS A 37 7.18 0.88 -0.88
N PRO A 38 8.34 1.04 -0.23
CA PRO A 38 9.13 -0.10 0.22
C PRO A 38 8.45 -0.84 1.36
N VAL A 39 7.59 -0.14 2.07
CA VAL A 39 6.78 -0.78 3.09
C VAL A 39 5.45 -1.17 2.46
N LEU A 40 5.49 -1.21 1.13
CA LEU A 40 4.48 -1.85 0.31
C LEU A 40 5.13 -3.04 -0.39
N LEU A 41 6.41 -2.87 -0.69
CA LEU A 41 7.28 -3.98 -1.07
C LEU A 41 7.55 -4.86 0.15
N ASN A 42 6.71 -4.70 1.17
CA ASN A 42 6.65 -5.61 2.28
C ASN A 42 6.39 -7.03 1.77
N SER A 43 5.64 -7.08 0.67
CA SER A 43 5.24 -8.34 0.06
C SER A 43 6.14 -8.62 -1.14
N LYS A 44 5.95 -9.77 -1.77
CA LYS A 44 6.65 -10.09 -3.01
C LYS A 44 5.85 -9.58 -4.21
N LEU A 45 4.82 -8.80 -3.93
CA LEU A 45 3.96 -8.23 -4.96
C LEU A 45 4.70 -7.16 -5.73
N PRO A 46 4.41 -7.03 -7.03
CA PRO A 46 5.09 -6.08 -7.90
C PRO A 46 4.47 -4.68 -7.83
N VAL A 47 5.23 -3.68 -8.31
CA VAL A 47 4.83 -2.28 -8.18
C VAL A 47 3.58 -1.97 -9.01
N ASP A 48 3.23 -2.85 -9.93
CA ASP A 48 1.99 -2.69 -10.68
C ASP A 48 0.78 -2.77 -9.76
N ILE A 49 0.78 -3.77 -8.88
CA ILE A 49 -0.33 -3.94 -7.94
C ILE A 49 -0.21 -2.92 -6.83
N LEU A 50 1.01 -2.67 -6.41
CA LEU A 50 1.30 -1.74 -5.34
C LEU A 50 0.94 -0.31 -5.76
N GLY A 51 1.18 0.02 -7.02
CA GLY A 51 0.83 1.32 -7.55
C GLY A 51 -0.66 1.49 -7.63
N ARG A 52 -1.34 0.42 -8.01
CA ARG A 52 -2.80 0.42 -8.04
C ARG A 52 -3.33 0.54 -6.63
N VAL A 53 -2.69 -0.17 -5.71
CA VAL A 53 -3.02 -0.11 -4.31
C VAL A 53 -2.88 1.32 -3.79
N TRP A 54 -1.74 1.95 -4.08
CA TRP A 54 -1.53 3.38 -3.80
C TRP A 54 -2.69 4.23 -4.34
N GLU A 55 -3.15 3.91 -5.54
CA GLU A 55 -4.21 4.67 -6.17
C GLU A 55 -5.59 4.44 -5.50
N LEU A 56 -5.86 3.20 -5.09
CA LEU A 56 -7.13 2.88 -4.43
C LEU A 56 -7.10 3.23 -2.94
N SER A 57 -6.04 2.81 -2.26
CA SER A 57 -5.94 2.94 -0.81
C SER A 57 -5.76 4.39 -0.38
N ASP A 58 -5.19 5.21 -1.24
CA ASP A 58 -5.12 6.63 -0.99
C ASP A 58 -6.41 7.28 -1.48
N ILE A 59 -7.45 7.18 -0.64
CA ILE A 59 -8.80 7.59 -0.98
C ILE A 59 -8.90 9.07 -1.32
N ASP A 60 -8.18 9.90 -0.58
CA ASP A 60 -8.27 11.35 -0.78
C ASP A 60 -7.33 11.79 -1.89
N HIS A 61 -6.52 10.85 -2.37
CA HIS A 61 -5.65 11.07 -3.52
C HIS A 61 -4.69 12.23 -3.30
N ASP A 62 -4.30 12.42 -2.04
CA ASP A 62 -3.46 13.56 -1.66
C ASP A 62 -1.99 13.28 -1.94
N GLY A 63 -1.69 12.06 -2.38
CA GLY A 63 -0.31 11.69 -2.66
C GLY A 63 0.38 11.12 -1.44
N MET A 64 -0.36 11.04 -0.36
CA MET A 64 0.12 10.43 0.87
C MET A 64 -0.90 9.43 1.37
N LEU A 65 -0.49 8.56 2.25
CA LEU A 65 -1.40 7.61 2.84
C LEU A 65 -1.59 7.94 4.29
N ASP A 66 -2.81 8.34 4.61
CA ASP A 66 -3.19 8.67 5.97
C ASP A 66 -3.27 7.40 6.78
N ARG A 67 -3.26 7.52 8.09
CA ARG A 67 -3.36 6.36 8.97
C ARG A 67 -4.49 5.41 8.53
N ASP A 68 -5.63 5.97 8.11
CA ASP A 68 -6.73 5.15 7.60
C ASP A 68 -6.42 4.61 6.21
N GLU A 69 -5.88 5.47 5.36
CA GLU A 69 -5.62 5.11 3.96
C GLU A 69 -4.62 3.97 3.88
N PHE A 70 -3.60 4.05 4.72
CA PHE A 70 -2.52 3.10 4.70
C PHE A 70 -2.95 1.79 5.32
N ALA A 71 -3.78 1.88 6.35
CA ALA A 71 -4.33 0.71 6.97
C ALA A 71 -5.06 -0.09 5.90
N VAL A 72 -5.71 0.66 5.03
CA VAL A 72 -6.34 0.11 3.83
C VAL A 72 -5.29 -0.57 2.93
N ALA A 73 -4.22 0.17 2.64
CA ALA A 73 -3.18 -0.30 1.73
C ALA A 73 -2.54 -1.60 2.22
N MET A 74 -2.03 -1.58 3.45
CA MET A 74 -1.34 -2.74 4.01
C MET A 74 -2.30 -3.90 4.22
N PHE A 75 -3.57 -3.57 4.45
CA PHE A 75 -4.63 -4.58 4.52
C PHE A 75 -4.75 -5.30 3.18
N LEU A 76 -4.64 -4.54 2.10
CA LEU A 76 -4.76 -5.08 0.76
C LEU A 76 -3.51 -5.88 0.39
N VAL A 77 -2.40 -5.57 1.05
CA VAL A 77 -1.16 -6.29 0.82
C VAL A 77 -1.26 -7.71 1.38
N TYR A 78 -1.71 -7.85 2.63
CA TYR A 78 -1.97 -9.18 3.18
C TYR A 78 -3.10 -9.85 2.40
N CYS A 79 -4.07 -9.03 2.00
CA CYS A 79 -5.22 -9.51 1.25
C CYS A 79 -4.76 -10.28 0.01
N ALA A 80 -3.84 -9.67 -0.75
CA ALA A 80 -3.28 -10.34 -1.92
C ALA A 80 -2.41 -11.53 -1.51
N LEU A 81 -1.74 -11.40 -0.37
CA LEU A 81 -0.89 -12.47 0.15
C LEU A 81 -1.72 -13.71 0.50
N GLU A 82 -2.95 -13.49 0.94
CA GLU A 82 -3.84 -14.60 1.29
C GLU A 82 -4.70 -14.99 0.08
N LYS A 83 -4.30 -14.48 -1.09
CA LYS A 83 -4.85 -14.87 -2.38
C LYS A 83 -6.22 -14.24 -2.68
N GLU A 84 -6.52 -13.13 -2.01
CA GLU A 84 -7.67 -12.33 -2.37
C GLU A 84 -7.33 -11.46 -3.57
N PRO A 85 -8.16 -11.51 -4.63
CA PRO A 85 -7.93 -10.73 -5.86
C PRO A 85 -8.08 -9.23 -5.63
N VAL A 86 -7.22 -8.46 -6.27
CA VAL A 86 -7.26 -7.01 -6.14
C VAL A 86 -8.12 -6.41 -7.24
N PRO A 87 -9.31 -5.89 -6.88
CA PRO A 87 -10.26 -5.33 -7.85
C PRO A 87 -9.84 -3.96 -8.37
N MET A 88 -10.59 -3.47 -9.35
CA MET A 88 -10.31 -2.16 -9.94
C MET A 88 -11.06 -1.06 -9.19
N SER A 89 -11.96 -1.48 -8.34
CA SER A 89 -12.67 -0.58 -7.44
C SER A 89 -12.30 -0.91 -6.01
N LEU A 90 -12.52 0.01 -5.08
CA LEU A 90 -12.27 -0.31 -3.68
C LEU A 90 -13.52 -0.79 -2.98
N PRO A 91 -13.36 -1.85 -2.18
CA PRO A 91 -14.45 -2.44 -1.42
C PRO A 91 -14.81 -1.50 -0.30
N PRO A 92 -16.02 -0.96 -0.34
CA PRO A 92 -16.41 0.16 0.53
C PRO A 92 -16.42 -0.24 2.00
N ALA A 93 -16.32 -1.54 2.25
CA ALA A 93 -16.08 -2.04 3.59
C ALA A 93 -14.75 -1.53 4.12
N LEU A 94 -13.86 -1.11 3.23
CA LEU A 94 -12.57 -0.58 3.67
C LEU A 94 -12.32 0.82 3.13
N VAL A 95 -13.35 1.47 2.65
CA VAL A 95 -13.22 2.87 2.29
C VAL A 95 -13.46 3.70 3.55
N PRO A 96 -12.39 4.30 4.10
CA PRO A 96 -12.40 4.96 5.41
C PRO A 96 -13.58 5.89 5.59
N PRO A 97 -14.47 5.54 6.54
CA PRO A 97 -15.61 6.37 6.92
C PRO A 97 -15.25 7.85 7.14
N SER A 98 -14.01 8.11 7.57
CA SER A 98 -13.54 9.47 7.79
C SER A 98 -13.21 10.15 6.47
N LYS A 99 -12.97 9.34 5.45
CA LYS A 99 -12.54 9.84 4.15
C LYS A 99 -13.63 9.67 3.09
N ARG A 100 -14.84 9.37 3.53
CA ARG A 100 -15.97 9.24 2.61
C ARG A 100 -16.61 10.59 2.37
N PRO B 6 8.17 13.16 -28.90
CA PRO B 6 7.97 14.56 -28.50
C PRO B 6 6.86 14.72 -27.47
N SER B 7 7.21 15.24 -26.30
CA SER B 7 6.25 15.55 -25.24
C SER B 7 5.48 14.31 -24.78
N VAL B 8 6.07 13.14 -24.98
CA VAL B 8 5.42 11.90 -24.60
C VAL B 8 6.45 10.93 -24.00
N THR B 9 7.42 11.52 -23.31
CA THR B 9 8.45 10.76 -22.62
C THR B 9 7.87 10.13 -21.35
N GLU B 10 6.66 10.55 -20.99
CA GLU B 10 5.98 10.03 -19.82
C GLU B 10 4.98 8.97 -20.22
N ALA B 11 5.20 7.74 -19.77
CA ALA B 11 4.33 6.62 -20.12
C ALA B 11 3.76 5.97 -18.87
N SER B 12 3.86 6.67 -17.75
CA SER B 12 3.37 6.16 -16.48
C SER B 12 1.84 6.22 -16.41
N PRO B 13 1.19 5.07 -16.24
CA PRO B 13 -0.28 4.97 -16.22
C PRO B 13 -0.89 5.29 -14.85
N TRP B 14 -0.15 5.98 -14.02
CA TRP B 14 -0.63 6.32 -12.68
C TRP B 14 -0.68 7.82 -12.46
N ARG B 15 -1.42 8.20 -11.43
CA ARG B 15 -1.77 9.59 -11.16
C ARG B 15 -0.63 10.44 -10.61
N ALA B 16 0.57 10.28 -11.18
CA ALA B 16 1.74 11.11 -10.84
C ALA B 16 2.26 10.90 -9.42
N THR B 17 1.36 11.03 -8.44
CA THR B 17 1.72 10.90 -7.04
C THR B 17 1.96 9.44 -6.63
N ASN B 18 1.90 8.54 -7.59
CA ASN B 18 2.19 7.13 -7.33
C ASN B 18 3.70 6.87 -7.40
N PRO B 19 4.29 6.41 -6.30
CA PRO B 19 5.72 6.13 -6.21
C PRO B 19 6.05 4.72 -6.69
N PHE B 20 5.30 4.26 -7.70
CA PHE B 20 5.48 2.93 -8.29
C PHE B 20 5.43 3.00 -9.80
N LEU B 21 4.83 4.07 -10.33
CA LEU B 21 4.72 4.25 -11.77
C LEU B 21 6.11 4.39 -12.39
N ASN B 22 7.08 4.57 -11.53
CA ASN B 22 8.48 4.68 -11.92
C ASN B 22 9.18 3.32 -11.88
N GLU B 23 8.55 2.30 -12.46
CA GLU B 23 9.17 0.98 -12.56
C GLU B 23 10.09 0.90 -13.77
N THR B 24 9.70 1.59 -14.84
CA THR B 24 10.44 1.54 -16.11
C THR B 24 11.71 2.39 -16.05
N LEU B 25 12.43 2.29 -14.95
CA LEU B 25 13.65 3.06 -14.75
C LEU B 25 14.54 2.36 -13.73
N GLN B 26 14.16 2.46 -12.46
CA GLN B 26 14.88 1.80 -11.37
C GLN B 26 14.24 2.17 -10.04
N ASP B 27 13.35 1.31 -9.57
CA ASP B 27 12.67 1.56 -8.31
C ASP B 27 13.16 0.64 -7.21
N VAL B 28 13.54 -0.57 -7.62
CA VAL B 28 13.73 -1.70 -6.72
C VAL B 28 14.45 -1.31 -5.42
N GLN B 29 13.64 -1.10 -4.38
CA GLN B 29 14.11 -0.72 -3.06
C GLN B 29 13.15 -1.25 -2.01
N PRO B 30 13.32 -2.51 -1.57
CA PRO B 30 12.48 -3.13 -0.55
C PRO B 30 12.77 -2.57 0.85
N SER B 31 11.97 -2.97 1.82
CA SER B 31 12.13 -2.48 3.17
C SER B 31 12.39 -3.62 4.14
N PRO B 32 13.25 -3.40 5.15
CA PRO B 32 13.42 -4.32 6.27
C PRO B 32 12.30 -4.16 7.29
N ILE B 33 11.17 -3.66 6.79
CA ILE B 33 10.03 -3.30 7.61
C ILE B 33 8.86 -4.21 7.26
N ASN B 34 9.16 -5.26 6.52
CA ASN B 34 8.13 -6.04 5.89
C ASN B 34 7.62 -7.17 6.77
N PRO B 35 6.30 -7.15 7.02
CA PRO B 35 5.58 -8.17 7.78
C PRO B 35 5.21 -9.42 6.96
N PHE B 36 5.78 -9.57 5.76
CA PHE B 36 5.44 -10.67 4.88
C PHE B 36 6.59 -11.65 4.75
N SER B 37 7.55 -11.50 5.64
CA SER B 37 8.75 -12.35 5.65
C SER B 37 8.36 -13.85 5.69
N ALA B 38 7.28 -14.17 6.41
CA ALA B 38 6.79 -15.55 6.50
C ALA B 38 6.15 -16.01 5.22
N PHE B 39 5.68 -15.06 4.46
CA PHE B 39 5.11 -15.33 3.18
C PHE B 39 6.19 -15.62 2.16
N PHE B 40 7.36 -15.03 2.37
CA PHE B 40 8.50 -15.24 1.48
C PHE B 40 9.09 -16.63 1.65
N GLU B 41 8.68 -17.31 2.72
CA GLU B 41 9.10 -18.68 2.96
C GLU B 41 8.67 -19.58 1.80
N GLU B 42 7.36 -19.81 1.68
CA GLU B 42 6.82 -20.52 0.53
C GLU B 42 5.30 -20.41 0.50
N GLN B 43 4.79 -19.20 0.31
CA GLN B 43 3.37 -19.00 0.09
C GLN B 43 3.03 -19.27 -1.37
N GLU B 44 4.03 -19.07 -2.22
CA GLU B 44 3.92 -19.33 -3.64
C GLU B 44 5.32 -19.32 -4.26
N ARG B 45 5.50 -20.08 -5.32
CA ARG B 45 6.78 -20.12 -6.01
C ARG B 45 6.67 -19.42 -7.35
CA CA C . -4.33 10.25 0.90
N PRO A 6 -18.04 -1.71 7.33
CA PRO A 6 -17.29 -2.75 8.05
C PRO A 6 -15.82 -2.63 7.72
N TRP A 7 -15.24 -1.52 8.15
CA TRP A 7 -13.96 -1.08 7.64
C TRP A 7 -12.91 -2.16 7.77
N ALA A 8 -12.37 -2.54 6.62
CA ALA A 8 -11.55 -3.74 6.48
C ALA A 8 -10.51 -3.88 7.57
N VAL A 9 -9.72 -2.83 7.71
CA VAL A 9 -8.62 -2.85 8.63
C VAL A 9 -9.14 -2.72 10.04
N LYS A 10 -9.50 -3.85 10.62
CA LYS A 10 -9.92 -3.90 11.99
C LYS A 10 -8.89 -3.22 12.86
N PRO A 11 -9.37 -2.41 13.81
CA PRO A 11 -8.58 -1.73 14.84
C PRO A 11 -7.37 -2.53 15.33
N GLU A 12 -7.49 -3.86 15.36
CA GLU A 12 -6.36 -4.73 15.69
C GLU A 12 -5.26 -4.61 14.64
N ASP A 13 -5.67 -4.63 13.37
CA ASP A 13 -4.70 -4.57 12.29
C ASP A 13 -4.28 -3.15 12.10
N LYS A 14 -5.24 -2.23 12.28
CA LYS A 14 -4.96 -0.82 12.18
C LYS A 14 -3.89 -0.40 13.17
N ALA A 15 -4.03 -0.77 14.43
CA ALA A 15 -3.09 -0.37 15.44
C ALA A 15 -1.72 -0.99 15.17
N LYS A 16 -1.77 -2.18 14.60
CA LYS A 16 -0.56 -2.89 14.17
C LYS A 16 0.09 -2.14 13.00
N TYR A 17 -0.75 -1.62 12.13
CA TYR A 17 -0.29 -0.88 10.98
C TYR A 17 0.18 0.51 11.37
N ASP A 18 -0.43 1.05 12.41
CA ASP A 18 0.02 2.29 13.02
C ASP A 18 1.38 2.09 13.68
N ALA A 19 1.68 0.84 14.04
CA ALA A 19 2.95 0.51 14.65
C ALA A 19 4.05 0.56 13.62
N ILE A 20 3.80 -0.04 12.45
CA ILE A 20 4.76 0.08 11.37
C ILE A 20 4.78 1.51 10.87
N PHE A 21 3.59 2.12 10.84
CA PHE A 21 3.40 3.51 10.43
C PHE A 21 4.33 4.45 11.20
N ASP A 22 4.18 4.46 12.52
CA ASP A 22 4.96 5.36 13.37
C ASP A 22 6.45 5.05 13.32
N SER A 23 6.78 3.80 13.00
CA SER A 23 8.17 3.39 12.91
C SER A 23 8.85 4.07 11.71
N LEU A 24 8.04 4.49 10.75
CA LEU A 24 8.56 5.07 9.51
C LEU A 24 8.71 6.58 9.61
N SER A 25 8.40 7.13 10.80
CA SER A 25 8.45 8.57 11.04
C SER A 25 7.52 9.32 10.07
N PRO A 26 6.20 9.21 10.27
CA PRO A 26 5.21 9.78 9.36
C PRO A 26 5.14 11.29 9.39
N VAL A 27 4.35 11.80 8.47
CA VAL A 27 4.13 13.21 8.31
C VAL A 27 2.68 13.55 8.67
N ASN A 28 2.46 14.02 9.88
CA ASN A 28 1.11 14.41 10.34
C ASN A 28 0.15 13.22 10.40
N GLY A 29 0.69 12.02 10.55
CA GLY A 29 -0.14 10.83 10.50
C GLY A 29 -0.40 10.41 9.06
N PHE A 30 0.41 10.94 8.16
CA PHE A 30 0.39 10.58 6.74
C PHE A 30 1.78 10.09 6.34
N LEU A 31 1.85 9.02 5.61
CA LEU A 31 3.11 8.58 5.06
C LEU A 31 3.07 8.72 3.54
N SER A 32 4.22 8.93 2.92
CA SER A 32 4.23 9.06 1.48
C SER A 32 5.10 8.02 0.81
N GLY A 33 5.13 8.11 -0.52
CA GLY A 33 5.61 7.03 -1.38
C GLY A 33 6.98 6.52 -1.05
N ASP A 34 7.93 7.39 -0.78
CA ASP A 34 9.31 6.95 -0.62
C ASP A 34 9.48 6.16 0.68
N LYS A 35 8.54 6.31 1.61
CA LYS A 35 8.51 5.48 2.82
C LYS A 35 7.56 4.31 2.63
N VAL A 36 6.37 4.63 2.15
CA VAL A 36 5.32 3.64 2.04
C VAL A 36 5.65 2.57 1.02
N LYS A 37 6.31 2.94 -0.07
CA LYS A 37 6.60 1.98 -1.11
C LYS A 37 7.47 0.83 -0.63
N PRO A 38 8.64 1.08 -0.02
CA PRO A 38 9.46 -0.02 0.46
C PRO A 38 8.79 -0.77 1.59
N VAL A 39 7.87 -0.10 2.27
CA VAL A 39 7.07 -0.76 3.27
C VAL A 39 5.72 -1.13 2.64
N LEU A 40 5.78 -1.27 1.31
CA LEU A 40 4.75 -1.92 0.51
C LEU A 40 5.40 -3.10 -0.20
N LEU A 41 6.67 -2.90 -0.56
CA LEU A 41 7.53 -3.98 -0.99
C LEU A 41 8.00 -4.77 0.23
N ASN A 42 7.27 -4.59 1.34
CA ASN A 42 7.33 -5.48 2.48
C ASN A 42 6.84 -6.87 2.06
N SER A 43 6.06 -6.86 1.00
CA SER A 43 5.47 -8.07 0.46
C SER A 43 6.27 -8.50 -0.77
N LYS A 44 5.93 -9.66 -1.33
CA LYS A 44 6.55 -10.10 -2.58
C LYS A 44 5.75 -9.55 -3.77
N LEU A 45 4.85 -8.61 -3.48
CA LEU A 45 3.97 -8.04 -4.49
C LEU A 45 4.72 -7.10 -5.41
N PRO A 46 4.47 -7.22 -6.72
CA PRO A 46 5.02 -6.30 -7.74
C PRO A 46 4.50 -4.87 -7.57
N VAL A 47 5.28 -3.90 -8.06
CA VAL A 47 4.91 -2.48 -7.92
C VAL A 47 3.68 -2.16 -8.77
N ASP A 48 3.37 -3.01 -9.74
CA ASP A 48 2.18 -2.84 -10.55
C ASP A 48 0.94 -2.87 -9.69
N ILE A 49 0.84 -3.88 -8.84
CA ILE A 49 -0.31 -3.99 -7.95
C ILE A 49 -0.16 -3.06 -6.75
N LEU A 50 1.07 -2.92 -6.25
CA LEU A 50 1.34 -2.00 -5.14
C LEU A 50 0.95 -0.58 -5.52
N GLY A 51 1.23 -0.22 -6.76
CA GLY A 51 0.92 1.09 -7.24
C GLY A 51 -0.56 1.31 -7.40
N ARG A 52 -1.26 0.32 -7.94
CA ARG A 52 -2.69 0.43 -8.10
C ARG A 52 -3.37 0.40 -6.73
N VAL A 53 -2.78 -0.33 -5.80
CA VAL A 53 -3.22 -0.28 -4.42
C VAL A 53 -3.08 1.15 -3.88
N TRP A 54 -1.92 1.77 -4.11
CA TRP A 54 -1.68 3.18 -3.78
C TRP A 54 -2.79 4.08 -4.35
N GLU A 55 -3.21 3.80 -5.58
CA GLU A 55 -4.25 4.60 -6.23
C GLU A 55 -5.57 4.55 -5.44
N LEU A 56 -5.97 3.35 -5.06
CA LEU A 56 -7.24 3.16 -4.38
C LEU A 56 -7.15 3.49 -2.89
N SER A 57 -6.14 2.93 -2.23
CA SER A 57 -6.01 3.01 -0.78
C SER A 57 -5.85 4.46 -0.32
N ASP A 58 -5.23 5.27 -1.15
CA ASP A 58 -5.14 6.70 -0.87
C ASP A 58 -6.43 7.37 -1.30
N ILE A 59 -7.42 7.30 -0.41
CA ILE A 59 -8.77 7.78 -0.67
C ILE A 59 -8.76 9.23 -1.11
N ASP A 60 -7.95 10.05 -0.47
CA ASP A 60 -7.93 11.49 -0.75
C ASP A 60 -7.32 11.74 -2.12
N HIS A 61 -6.54 10.77 -2.60
CA HIS A 61 -5.74 10.91 -3.81
C HIS A 61 -4.80 12.11 -3.64
N ASP A 62 -4.37 12.30 -2.40
CA ASP A 62 -3.55 13.44 -2.02
C ASP A 62 -2.06 13.14 -2.20
N GLY A 63 -1.76 11.92 -2.59
CA GLY A 63 -0.37 11.53 -2.79
C GLY A 63 0.26 10.99 -1.52
N MET A 64 -0.51 10.98 -0.44
CA MET A 64 -0.04 10.42 0.83
C MET A 64 -1.08 9.47 1.40
N LEU A 65 -0.62 8.55 2.22
CA LEU A 65 -1.50 7.60 2.87
C LEU A 65 -1.52 7.89 4.35
N ASP A 66 -2.64 8.35 4.84
CA ASP A 66 -2.77 8.61 6.26
C ASP A 66 -2.98 7.30 6.99
N ARG A 67 -3.01 7.35 8.30
CA ARG A 67 -3.18 6.17 9.14
C ARG A 67 -4.32 5.27 8.64
N ASP A 68 -5.44 5.87 8.23
CA ASP A 68 -6.56 5.11 7.70
C ASP A 68 -6.26 4.58 6.30
N GLU A 69 -5.74 5.46 5.44
CA GLU A 69 -5.50 5.11 4.04
C GLU A 69 -4.51 3.96 3.93
N PHE A 70 -3.48 4.02 4.75
CA PHE A 70 -2.41 3.04 4.69
C PHE A 70 -2.86 1.72 5.28
N ALA A 71 -3.67 1.81 6.32
CA ALA A 71 -4.27 0.62 6.90
C ALA A 71 -5.02 -0.10 5.79
N VAL A 72 -5.71 0.70 4.98
CA VAL A 72 -6.39 0.23 3.80
C VAL A 72 -5.41 -0.40 2.81
N ALA A 73 -4.34 0.34 2.51
CA ALA A 73 -3.34 -0.08 1.54
C ALA A 73 -2.79 -1.45 1.83
N MET A 74 -2.27 -1.63 3.03
CA MET A 74 -1.54 -2.84 3.36
C MET A 74 -2.47 -4.00 3.67
N PHE A 75 -3.69 -3.71 4.12
CA PHE A 75 -4.71 -4.74 4.26
C PHE A 75 -4.99 -5.36 2.89
N LEU A 76 -4.98 -4.52 1.86
CA LEU A 76 -5.18 -4.97 0.48
C LEU A 76 -3.95 -5.70 -0.02
N VAL A 77 -2.81 -5.36 0.55
CA VAL A 77 -1.57 -6.05 0.23
C VAL A 77 -1.62 -7.47 0.78
N TYR A 78 -1.92 -7.62 2.08
CA TYR A 78 -2.12 -8.95 2.68
C TYR A 78 -3.13 -9.74 1.88
N CYS A 79 -4.19 -9.07 1.47
CA CYS A 79 -5.25 -9.67 0.66
C CYS A 79 -4.66 -10.36 -0.57
N ALA A 80 -3.73 -9.70 -1.22
CA ALA A 80 -3.09 -10.26 -2.41
C ALA A 80 -2.18 -11.43 -2.06
N LEU A 81 -1.53 -11.36 -0.90
CA LEU A 81 -0.64 -12.44 -0.47
C LEU A 81 -1.41 -13.68 -0.04
N GLU A 82 -2.60 -13.48 0.52
CA GLU A 82 -3.41 -14.60 0.98
C GLU A 82 -4.31 -15.12 -0.15
N LYS A 83 -3.98 -14.71 -1.38
CA LYS A 83 -4.65 -15.20 -2.58
C LYS A 83 -6.13 -14.80 -2.63
N GLU A 84 -6.40 -13.54 -2.29
CA GLU A 84 -7.75 -13.00 -2.41
C GLU A 84 -7.69 -11.83 -3.39
N PRO A 85 -8.30 -11.99 -4.57
CA PRO A 85 -8.27 -10.98 -5.64
C PRO A 85 -8.63 -9.58 -5.17
N VAL A 86 -7.97 -8.59 -5.75
CA VAL A 86 -8.17 -7.20 -5.36
C VAL A 86 -8.98 -6.47 -6.43
N PRO A 87 -10.12 -5.88 -6.03
CA PRO A 87 -10.99 -5.14 -6.95
C PRO A 87 -10.30 -3.91 -7.56
N MET A 88 -10.75 -3.52 -8.74
CA MET A 88 -10.15 -2.41 -9.47
C MET A 88 -10.78 -1.09 -9.03
N SER A 89 -11.81 -1.21 -8.20
CA SER A 89 -12.47 -0.04 -7.64
C SER A 89 -12.57 -0.19 -6.12
N LEU A 90 -12.44 0.94 -5.43
CA LEU A 90 -12.36 0.97 -3.97
C LEU A 90 -13.54 0.28 -3.34
N PRO A 91 -13.25 -0.84 -2.66
CA PRO A 91 -14.25 -1.59 -1.90
C PRO A 91 -14.68 -0.79 -0.68
N PRO A 92 -15.94 -0.36 -0.67
CA PRO A 92 -16.47 0.56 0.34
C PRO A 92 -16.47 -0.03 1.75
N ALA A 93 -16.32 -1.34 1.82
CA ALA A 93 -16.06 -2.01 3.09
C ALA A 93 -14.77 -1.49 3.72
N LEU A 94 -13.89 -0.95 2.90
CA LEU A 94 -12.61 -0.45 3.37
C LEU A 94 -12.44 1.03 3.08
N VAL A 95 -13.51 1.69 2.66
CA VAL A 95 -13.47 3.13 2.50
C VAL A 95 -13.77 3.76 3.86
N PRO A 96 -12.76 4.43 4.45
CA PRO A 96 -12.86 4.94 5.81
C PRO A 96 -14.10 5.77 6.04
N PRO A 97 -15.02 5.26 6.87
CA PRO A 97 -16.24 5.97 7.29
C PRO A 97 -15.96 7.42 7.70
N SER A 98 -14.76 7.67 8.22
CA SER A 98 -14.34 9.01 8.62
C SER A 98 -14.28 9.96 7.41
N LYS A 99 -13.92 9.41 6.27
CA LYS A 99 -13.70 10.21 5.06
C LYS A 99 -14.97 10.33 4.24
N ARG A 100 -16.09 9.98 4.86
CA ARG A 100 -17.37 9.96 4.16
C ARG A 100 -18.34 10.91 4.83
N PRO B 6 2.99 -9.46 -20.72
CA PRO B 6 1.61 -9.50 -21.22
C PRO B 6 0.61 -9.77 -20.11
N SER B 7 1.12 -9.99 -18.90
CA SER B 7 0.29 -10.21 -17.74
C SER B 7 -0.19 -8.88 -17.15
N VAL B 8 0.09 -7.81 -17.87
CA VAL B 8 -0.34 -6.47 -17.49
C VAL B 8 -0.28 -5.53 -18.69
N THR B 9 0.72 -5.74 -19.54
CA THR B 9 0.92 -4.99 -20.76
C THR B 9 1.29 -3.53 -20.51
N GLU B 10 0.42 -2.79 -19.83
CA GLU B 10 0.64 -1.38 -19.59
C GLU B 10 -0.19 -0.91 -18.39
N ALA B 11 0.47 -0.72 -17.26
CA ALA B 11 -0.19 -0.20 -16.07
C ALA B 11 0.30 1.20 -15.77
N SER B 12 1.10 1.73 -16.69
CA SER B 12 1.74 3.02 -16.55
C SER B 12 0.76 4.18 -16.28
N PRO B 13 -0.40 4.23 -16.97
CA PRO B 13 -1.43 5.25 -16.71
C PRO B 13 -1.98 5.22 -15.29
N TRP B 14 -1.20 5.72 -14.36
CA TRP B 14 -1.64 5.94 -12.99
C TRP B 14 -2.13 7.36 -12.83
N ARG B 15 -2.47 7.72 -11.60
CA ARG B 15 -2.90 9.07 -11.29
C ARG B 15 -1.71 9.99 -11.05
N ALA B 16 -0.53 9.58 -11.54
CA ALA B 16 0.72 10.36 -11.48
C ALA B 16 1.27 10.47 -10.06
N THR B 17 0.39 10.75 -9.10
CA THR B 17 0.78 10.78 -7.69
C THR B 17 0.97 9.37 -7.15
N ASN B 18 1.66 8.54 -7.91
CA ASN B 18 1.90 7.17 -7.53
C ASN B 18 3.39 6.84 -7.60
N PRO B 19 4.01 6.55 -6.46
CA PRO B 19 5.46 6.27 -6.39
C PRO B 19 5.78 4.84 -6.83
N PHE B 20 4.98 4.30 -7.75
CA PHE B 20 5.16 2.94 -8.26
C PHE B 20 5.04 2.91 -9.77
N LEU B 21 4.61 4.02 -10.35
CA LEU B 21 4.48 4.12 -11.80
C LEU B 21 5.88 4.11 -12.39
N ASN B 22 6.83 4.26 -11.48
CA ASN B 22 8.25 4.26 -11.78
C ASN B 22 8.71 2.92 -12.36
N GLU B 23 7.85 1.91 -12.31
CA GLU B 23 8.18 0.61 -12.89
C GLU B 23 8.47 0.74 -14.38
N THR B 24 7.66 1.56 -15.06
CA THR B 24 7.79 1.77 -16.49
C THR B 24 9.20 2.25 -16.85
N LEU B 25 9.86 2.82 -15.87
CA LEU B 25 11.22 3.28 -16.01
C LEU B 25 12.17 2.23 -15.47
N GLN B 26 12.25 2.17 -14.14
CA GLN B 26 13.06 1.19 -13.42
C GLN B 26 13.06 1.53 -11.94
N ASP B 27 12.47 0.68 -11.11
CA ASP B 27 12.36 0.98 -9.69
C ASP B 27 12.10 -0.27 -8.86
N VAL B 28 12.81 -0.36 -7.74
CA VAL B 28 12.59 -1.41 -6.77
C VAL B 28 13.25 -1.03 -5.44
N GLN B 29 12.42 -0.79 -4.44
CA GLN B 29 12.92 -0.39 -3.12
C GLN B 29 12.30 -1.27 -2.04
N PRO B 30 13.05 -2.27 -1.57
CA PRO B 30 12.59 -3.18 -0.52
C PRO B 30 12.98 -2.74 0.89
N SER B 31 12.12 -3.02 1.85
CA SER B 31 12.41 -2.75 3.25
C SER B 31 12.28 -4.01 4.08
N PRO B 32 13.27 -4.26 4.97
CA PRO B 32 13.22 -5.34 5.96
C PRO B 32 12.12 -5.07 6.98
N ILE B 33 11.43 -3.95 6.79
CA ILE B 33 10.26 -3.57 7.55
C ILE B 33 9.06 -4.37 7.04
N ASN B 34 9.29 -5.64 6.75
CA ASN B 34 8.28 -6.44 6.11
C ASN B 34 7.56 -7.39 7.05
N PRO B 35 6.25 -7.13 7.19
CA PRO B 35 5.33 -7.98 7.96
C PRO B 35 4.94 -9.25 7.20
N PHE B 36 5.52 -9.39 6.01
CA PHE B 36 5.22 -10.51 5.12
C PHE B 36 6.37 -11.47 5.06
N SER B 37 7.33 -11.23 5.94
CA SER B 37 8.49 -12.09 6.06
C SER B 37 8.08 -13.55 6.25
N ALA B 38 7.10 -13.78 7.13
CA ALA B 38 6.58 -15.11 7.38
C ALA B 38 5.70 -15.59 6.23
N PHE B 39 5.12 -14.65 5.50
CA PHE B 39 4.19 -14.98 4.41
C PHE B 39 4.88 -15.82 3.34
N PHE B 40 6.12 -15.47 3.04
CA PHE B 40 6.86 -16.14 1.98
C PHE B 40 7.14 -17.59 2.39
N GLU B 41 7.17 -17.78 3.70
CA GLU B 41 7.39 -19.09 4.29
C GLU B 41 6.06 -19.84 4.41
N GLU B 42 4.98 -19.09 4.44
CA GLU B 42 3.64 -19.63 4.65
C GLU B 42 3.08 -20.23 3.37
N GLN B 43 3.37 -19.59 2.24
CA GLN B 43 2.82 -20.02 0.97
C GLN B 43 3.65 -21.13 0.32
N GLU B 44 4.90 -21.26 0.74
CA GLU B 44 5.77 -22.29 0.19
C GLU B 44 5.89 -23.46 1.16
N ARG B 45 5.00 -24.44 1.00
CA ARG B 45 5.00 -25.60 1.88
C ARG B 45 4.80 -26.88 1.06
CA CA C . -4.38 10.08 1.10
N PRO A 6 -18.66 -1.36 7.55
CA PRO A 6 -17.65 -2.13 8.30
C PRO A 6 -16.29 -1.94 7.66
N TRP A 7 -15.68 -0.81 7.95
CA TRP A 7 -14.44 -0.45 7.33
C TRP A 7 -13.41 -1.53 7.55
N ALA A 8 -12.60 -1.76 6.53
CA ALA A 8 -11.61 -2.79 6.57
C ALA A 8 -10.54 -2.42 7.56
N VAL A 9 -9.40 -3.09 7.46
CA VAL A 9 -8.30 -2.89 8.40
C VAL A 9 -8.83 -2.79 9.79
N LYS A 10 -9.44 -3.86 10.24
CA LYS A 10 -10.03 -3.93 11.55
C LYS A 10 -9.05 -3.43 12.57
N PRO A 11 -9.55 -2.66 13.53
CA PRO A 11 -8.81 -2.01 14.61
C PRO A 11 -7.56 -2.77 15.10
N GLU A 12 -7.63 -4.10 15.14
CA GLU A 12 -6.46 -4.90 15.50
C GLU A 12 -5.36 -4.81 14.43
N ASP A 13 -5.75 -4.82 13.17
CA ASP A 13 -4.81 -4.73 12.07
C ASP A 13 -4.43 -3.28 11.87
N LYS A 14 -5.39 -2.41 12.09
CA LYS A 14 -5.16 -0.98 12.05
C LYS A 14 -4.11 -0.57 13.06
N ALA A 15 -4.29 -0.98 14.30
CA ALA A 15 -3.36 -0.59 15.35
C ALA A 15 -1.99 -1.20 15.09
N LYS A 16 -2.03 -2.37 14.47
CA LYS A 16 -0.82 -3.06 14.04
C LYS A 16 -0.13 -2.25 12.94
N TYR A 17 -0.94 -1.68 12.06
CA TYR A 17 -0.43 -0.82 10.99
C TYR A 17 -0.01 0.53 11.53
N ASP A 18 -0.68 0.95 12.59
CA ASP A 18 -0.31 2.15 13.32
C ASP A 18 1.10 1.99 13.85
N ALA A 19 1.46 0.75 14.16
CA ALA A 19 2.76 0.43 14.71
C ALA A 19 3.84 0.56 13.66
N ILE A 20 3.59 -0.04 12.48
CA ILE A 20 4.55 0.08 11.39
C ILE A 20 4.60 1.53 10.93
N PHE A 21 3.44 2.17 10.93
CA PHE A 21 3.30 3.58 10.58
C PHE A 21 4.23 4.43 11.43
N ASP A 22 4.03 4.35 12.75
CA ASP A 22 4.75 5.19 13.71
C ASP A 22 6.27 4.96 13.65
N SER A 23 6.66 3.73 13.36
CA SER A 23 8.07 3.36 13.37
C SER A 23 8.82 4.03 12.21
N LEU A 24 8.07 4.48 11.20
CA LEU A 24 8.67 5.10 10.03
C LEU A 24 8.85 6.59 10.22
N SER A 25 8.43 7.08 11.39
CA SER A 25 8.43 8.51 11.71
C SER A 25 7.63 9.29 10.64
N PRO A 26 6.31 9.09 10.60
CA PRO A 26 5.45 9.64 9.55
C PRO A 26 5.38 11.16 9.53
N VAL A 27 4.82 11.66 8.45
CA VAL A 27 4.66 13.08 8.24
C VAL A 27 3.27 13.52 8.68
N ASN A 28 3.18 14.02 9.91
CA ASN A 28 1.91 14.54 10.46
C ASN A 28 0.82 13.46 10.52
N GLY A 29 1.23 12.19 10.62
CA GLY A 29 0.26 11.11 10.63
C GLY A 29 -0.07 10.63 9.23
N PHE A 30 0.70 11.11 8.27
CA PHE A 30 0.61 10.71 6.87
C PHE A 30 1.94 10.11 6.44
N LEU A 31 1.90 9.04 5.69
CA LEU A 31 3.11 8.51 5.09
C LEU A 31 2.99 8.59 3.59
N SER A 32 4.09 8.84 2.90
CA SER A 32 4.03 8.98 1.45
C SER A 32 4.91 7.99 0.73
N GLY A 33 4.93 8.11 -0.60
CA GLY A 33 5.49 7.09 -1.46
C GLY A 33 6.88 6.62 -1.10
N ASP A 34 7.80 7.54 -0.88
CA ASP A 34 9.19 7.17 -0.68
C ASP A 34 9.36 6.27 0.55
N LYS A 35 8.44 6.39 1.50
CA LYS A 35 8.45 5.53 2.68
C LYS A 35 7.49 4.35 2.53
N VAL A 36 6.27 4.64 2.09
CA VAL A 36 5.24 3.63 2.01
C VAL A 36 5.52 2.61 0.91
N LYS A 37 6.02 3.06 -0.22
CA LYS A 37 6.32 2.18 -1.34
C LYS A 37 7.19 1.00 -0.93
N PRO A 38 8.34 1.25 -0.28
CA PRO A 38 9.21 0.18 0.20
C PRO A 38 8.63 -0.61 1.37
N VAL A 39 7.66 -0.03 2.09
CA VAL A 39 6.92 -0.82 3.05
C VAL A 39 5.87 -1.64 2.30
N LEU A 40 5.61 -1.23 1.07
CA LEU A 40 4.72 -1.97 0.19
C LEU A 40 5.52 -3.06 -0.50
N LEU A 41 6.77 -2.76 -0.80
CA LEU A 41 7.73 -3.74 -1.28
C LEU A 41 8.17 -4.64 -0.13
N ASN A 42 7.52 -4.47 1.02
CA ASN A 42 7.71 -5.37 2.14
C ASN A 42 7.18 -6.74 1.79
N SER A 43 6.32 -6.77 0.79
CA SER A 43 5.79 -8.01 0.25
C SER A 43 6.55 -8.36 -1.02
N LYS A 44 6.29 -9.53 -1.57
CA LYS A 44 6.90 -9.94 -2.83
C LYS A 44 6.02 -9.47 -3.99
N LEU A 45 5.05 -8.63 -3.66
CA LEU A 45 4.09 -8.12 -4.63
C LEU A 45 4.75 -7.17 -5.63
N PRO A 46 4.38 -7.28 -6.90
CA PRO A 46 4.83 -6.37 -7.96
C PRO A 46 4.32 -4.94 -7.74
N VAL A 47 5.10 -3.96 -8.19
CA VAL A 47 4.74 -2.56 -8.05
C VAL A 47 3.47 -2.24 -8.83
N ASP A 48 3.13 -3.07 -9.79
CA ASP A 48 1.90 -2.88 -10.57
C ASP A 48 0.67 -3.03 -9.68
N ILE A 49 0.67 -4.04 -8.82
CA ILE A 49 -0.45 -4.24 -7.91
C ILE A 49 -0.34 -3.27 -6.75
N LEU A 50 0.89 -2.99 -6.34
CA LEU A 50 1.15 -2.02 -5.29
C LEU A 50 0.71 -0.63 -5.73
N GLY A 51 0.84 -0.36 -7.02
CA GLY A 51 0.39 0.90 -7.58
C GLY A 51 -1.12 0.97 -7.66
N ARG A 52 -1.76 -0.13 -8.03
CA ARG A 52 -3.22 -0.21 -8.00
C ARG A 52 -3.69 -0.02 -6.58
N VAL A 53 -3.00 -0.68 -5.66
CA VAL A 53 -3.29 -0.55 -4.25
C VAL A 53 -3.14 0.90 -3.78
N TRP A 54 -2.02 1.54 -4.10
CA TRP A 54 -1.80 2.96 -3.81
C TRP A 54 -2.95 3.82 -4.35
N GLU A 55 -3.27 3.63 -5.62
CA GLU A 55 -4.28 4.43 -6.30
C GLU A 55 -5.64 4.28 -5.63
N LEU A 56 -5.91 3.10 -5.10
CA LEU A 56 -7.14 2.86 -4.34
C LEU A 56 -7.02 3.31 -2.88
N SER A 57 -5.90 2.98 -2.25
CA SER A 57 -5.72 3.16 -0.81
C SER A 57 -5.69 4.63 -0.41
N ASP A 58 -5.14 5.48 -1.26
CA ASP A 58 -5.12 6.90 -0.96
C ASP A 58 -6.44 7.52 -1.42
N ILE A 59 -7.43 7.41 -0.52
CA ILE A 59 -8.81 7.82 -0.77
C ILE A 59 -8.90 9.23 -1.35
N ASP A 60 -8.16 10.14 -0.75
CA ASP A 60 -8.26 11.55 -1.12
C ASP A 60 -7.29 11.92 -2.23
N HIS A 61 -6.44 10.97 -2.59
CA HIS A 61 -5.49 11.14 -3.71
C HIS A 61 -4.61 12.35 -3.52
N ASP A 62 -4.24 12.60 -2.27
CA ASP A 62 -3.45 13.78 -1.91
C ASP A 62 -1.96 13.48 -2.06
N GLY A 63 -1.64 12.24 -2.42
CA GLY A 63 -0.25 11.87 -2.59
C GLY A 63 0.33 11.31 -1.31
N MET A 64 -0.48 11.29 -0.26
CA MET A 64 -0.06 10.77 1.02
C MET A 64 -1.09 9.78 1.52
N LEU A 65 -0.62 8.82 2.27
CA LEU A 65 -1.47 7.81 2.85
C LEU A 65 -1.59 8.10 4.32
N ASP A 66 -2.73 8.61 4.76
CA ASP A 66 -2.89 8.90 6.16
C ASP A 66 -3.07 7.59 6.89
N ARG A 67 -3.06 7.63 8.20
CA ARG A 67 -3.13 6.42 9.01
C ARG A 67 -4.24 5.45 8.52
N ASP A 68 -5.39 6.00 8.13
CA ASP A 68 -6.47 5.17 7.58
C ASP A 68 -6.17 4.70 6.17
N GLU A 69 -5.67 5.61 5.33
CA GLU A 69 -5.44 5.32 3.92
C GLU A 69 -4.36 4.25 3.76
N PHE A 70 -3.37 4.31 4.62
CA PHE A 70 -2.29 3.34 4.59
C PHE A 70 -2.74 2.02 5.16
N ALA A 71 -3.57 2.08 6.18
CA ALA A 71 -4.13 0.88 6.76
C ALA A 71 -4.84 0.12 5.66
N VAL A 72 -5.49 0.89 4.80
CA VAL A 72 -6.11 0.38 3.59
C VAL A 72 -5.09 -0.33 2.71
N ALA A 73 -3.98 0.36 2.44
CA ALA A 73 -2.93 -0.15 1.58
C ALA A 73 -2.35 -1.46 2.12
N MET A 74 -1.86 -1.43 3.35
CA MET A 74 -1.19 -2.59 3.94
C MET A 74 -2.17 -3.75 4.13
N PHE A 75 -3.44 -3.43 4.32
CA PHE A 75 -4.48 -4.45 4.41
C PHE A 75 -4.58 -5.21 3.09
N LEU A 76 -4.43 -4.47 1.99
CA LEU A 76 -4.54 -5.05 0.66
C LEU A 76 -3.27 -5.83 0.32
N VAL A 77 -2.17 -5.48 0.98
CA VAL A 77 -0.90 -6.16 0.77
C VAL A 77 -0.92 -7.56 1.34
N TYR A 78 -1.36 -7.70 2.61
CA TYR A 78 -1.52 -9.04 3.17
C TYR A 78 -2.64 -9.78 2.47
N CYS A 79 -3.66 -9.04 2.03
CA CYS A 79 -4.76 -9.61 1.28
C CYS A 79 -4.23 -10.40 0.08
N ALA A 80 -3.30 -9.80 -0.64
CA ALA A 80 -2.70 -10.47 -1.79
C ALA A 80 -1.76 -11.59 -1.34
N LEU A 81 -1.08 -11.38 -0.21
CA LEU A 81 -0.17 -12.37 0.34
C LEU A 81 -0.90 -13.65 0.74
N GLU A 82 -2.10 -13.51 1.29
CA GLU A 82 -2.90 -14.66 1.68
C GLU A 82 -3.79 -15.10 0.54
N LYS A 83 -3.57 -14.50 -0.62
CA LYS A 83 -4.28 -14.82 -1.85
C LYS A 83 -5.78 -14.57 -1.74
N GLU A 84 -6.16 -13.71 -0.80
CA GLU A 84 -7.51 -13.19 -0.74
C GLU A 84 -7.69 -12.23 -1.91
N PRO A 85 -8.66 -12.51 -2.80
CA PRO A 85 -8.85 -11.73 -4.03
C PRO A 85 -8.90 -10.23 -3.77
N VAL A 86 -8.05 -9.50 -4.48
CA VAL A 86 -7.99 -8.05 -4.37
C VAL A 86 -8.77 -7.43 -5.53
N PRO A 87 -9.84 -6.71 -5.21
CA PRO A 87 -10.70 -6.09 -6.21
C PRO A 87 -9.98 -5.01 -7.02
N MET A 88 -10.42 -4.83 -8.25
CA MET A 88 -9.89 -3.78 -9.12
C MET A 88 -10.69 -2.52 -8.92
N SER A 89 -11.87 -2.69 -8.37
CA SER A 89 -12.76 -1.59 -8.06
C SER A 89 -12.65 -1.26 -6.58
N LEU A 90 -13.00 -0.04 -6.22
CA LEU A 90 -12.93 0.42 -4.84
C LEU A 90 -14.02 -0.22 -4.01
N PRO A 91 -13.63 -1.10 -3.09
CA PRO A 91 -14.52 -1.70 -2.13
C PRO A 91 -14.80 -0.73 -0.99
N PRO A 92 -16.02 -0.23 -0.92
CA PRO A 92 -16.41 0.81 0.04
C PRO A 92 -16.28 0.34 1.48
N ALA A 93 -16.19 -0.98 1.65
CA ALA A 93 -15.88 -1.55 2.95
C ALA A 93 -14.54 -1.09 3.45
N LEU A 94 -13.67 -0.63 2.56
CA LEU A 94 -12.33 -0.19 2.98
C LEU A 94 -12.08 1.26 2.63
N VAL A 95 -13.11 1.99 2.28
CA VAL A 95 -12.97 3.41 2.09
C VAL A 95 -13.46 4.14 3.36
N PRO A 96 -12.49 4.67 4.14
CA PRO A 96 -12.75 5.24 5.46
C PRO A 96 -14.00 6.08 5.55
N PRO A 97 -14.98 5.61 6.35
CA PRO A 97 -16.19 6.36 6.69
C PRO A 97 -15.90 7.81 7.10
N SER A 98 -14.69 8.07 7.58
CA SER A 98 -14.27 9.41 7.95
C SER A 98 -14.15 10.31 6.71
N LYS A 99 -14.02 9.68 5.56
CA LYS A 99 -13.85 10.39 4.31
C LYS A 99 -15.09 10.25 3.43
N ARG A 100 -16.23 9.99 4.06
CA ARG A 100 -17.51 9.93 3.36
C ARG A 100 -18.65 10.30 4.29
N PRO B 6 9.35 15.80 -26.03
CA PRO B 6 8.30 16.77 -26.32
C PRO B 6 7.29 16.86 -25.18
N SER B 7 6.95 15.69 -24.64
CA SER B 7 6.07 15.58 -23.50
C SER B 7 6.31 14.23 -22.82
N VAL B 8 7.30 14.20 -21.93
CA VAL B 8 7.70 12.96 -21.28
C VAL B 8 6.90 12.79 -19.99
N THR B 9 6.01 13.74 -19.74
CA THR B 9 5.11 13.67 -18.60
C THR B 9 4.28 12.39 -18.63
N GLU B 10 4.13 11.79 -19.82
CA GLU B 10 3.47 10.50 -19.92
C GLU B 10 4.50 9.39 -19.95
N ALA B 11 5.07 9.13 -18.79
CA ALA B 11 5.92 7.97 -18.60
C ALA B 11 5.38 7.16 -17.45
N SER B 12 4.11 7.40 -17.16
CA SER B 12 3.45 6.79 -16.04
C SER B 12 2.01 6.43 -16.37
N PRO B 13 1.62 5.18 -16.09
CA PRO B 13 0.24 4.70 -16.26
C PRO B 13 -0.62 4.99 -15.03
N TRP B 14 -0.07 5.78 -14.13
CA TRP B 14 -0.74 6.10 -12.88
C TRP B 14 -0.96 7.60 -12.74
N ARG B 15 -1.64 7.97 -11.67
CA ARG B 15 -2.16 9.32 -11.51
C ARG B 15 -1.18 10.26 -10.81
N ALA B 16 0.11 10.13 -11.17
CA ALA B 16 1.18 11.02 -10.67
C ALA B 16 1.48 10.82 -9.18
N THR B 17 0.45 10.79 -8.37
CA THR B 17 0.58 10.62 -6.93
C THR B 17 1.21 9.28 -6.56
N ASN B 18 1.19 8.36 -7.51
CA ASN B 18 1.70 7.01 -7.32
C ASN B 18 3.23 6.97 -7.39
N PRO B 19 3.89 6.37 -6.38
CA PRO B 19 5.32 6.14 -6.37
C PRO B 19 5.67 4.71 -6.86
N PHE B 20 4.82 4.18 -7.74
CA PHE B 20 5.05 2.85 -8.34
C PHE B 20 4.99 2.94 -9.86
N LEU B 21 4.45 4.05 -10.35
CA LEU B 21 4.48 4.34 -11.77
C LEU B 21 5.92 4.56 -12.20
N ASN B 22 6.71 5.06 -11.25
CA ASN B 22 8.15 5.11 -11.35
C ASN B 22 8.73 3.94 -10.57
N GLU B 23 8.29 2.76 -10.98
CA GLU B 23 8.59 1.50 -10.28
C GLU B 23 10.07 1.36 -9.94
N THR B 24 10.89 1.28 -10.96
CA THR B 24 12.33 1.23 -10.78
C THR B 24 12.98 2.27 -11.67
N LEU B 25 13.21 1.93 -12.94
CA LEU B 25 13.90 2.81 -13.90
C LEU B 25 15.14 3.50 -13.31
N GLN B 26 14.95 4.62 -12.65
CA GLN B 26 16.07 5.40 -12.11
C GLN B 26 16.01 5.48 -10.58
N ASP B 27 15.01 4.83 -10.01
CA ASP B 27 14.78 4.84 -8.58
C ASP B 27 14.73 3.41 -8.05
N VAL B 28 15.28 3.20 -6.88
CA VAL B 28 15.22 1.89 -6.26
C VAL B 28 15.47 1.98 -4.75
N GLN B 29 14.59 1.36 -3.98
CA GLN B 29 14.68 1.39 -2.53
C GLN B 29 13.79 0.34 -1.89
N PRO B 30 14.32 -0.87 -1.66
CA PRO B 30 13.64 -1.92 -0.92
C PRO B 30 13.92 -1.81 0.58
N SER B 31 12.92 -1.47 1.36
CA SER B 31 13.09 -1.30 2.79
C SER B 31 12.94 -2.62 3.53
N PRO B 32 13.97 -3.03 4.29
CA PRO B 32 13.95 -4.26 5.11
C PRO B 32 13.06 -4.13 6.34
N ILE B 33 11.91 -3.53 6.13
CA ILE B 33 10.91 -3.34 7.17
C ILE B 33 9.93 -4.49 7.12
N ASN B 34 10.16 -5.37 6.16
CA ASN B 34 9.17 -6.31 5.66
C ASN B 34 8.43 -7.09 6.73
N PRO B 35 7.17 -6.73 6.99
CA PRO B 35 6.22 -7.53 7.76
C PRO B 35 5.88 -8.85 7.03
N PHE B 36 6.26 -8.93 5.76
CA PHE B 36 5.99 -10.10 4.93
C PHE B 36 7.23 -10.97 4.82
N SER B 37 8.17 -10.73 5.70
CA SER B 37 9.44 -11.46 5.71
C SER B 37 9.22 -12.98 5.67
N ALA B 38 8.32 -13.48 6.51
CA ALA B 38 8.05 -14.91 6.57
C ALA B 38 7.39 -15.41 5.29
N PHE B 39 6.70 -14.51 4.60
CA PHE B 39 6.03 -14.83 3.33
C PHE B 39 7.05 -15.13 2.23
N PHE B 40 8.19 -14.47 2.29
CA PHE B 40 9.28 -14.74 1.36
C PHE B 40 9.89 -16.09 1.64
N GLU B 41 9.77 -16.52 2.89
CA GLU B 41 10.44 -17.70 3.39
C GLU B 41 9.57 -18.94 3.22
N GLU B 42 8.55 -19.08 4.06
CA GLU B 42 7.69 -20.25 4.04
C GLU B 42 6.54 -20.06 3.06
N GLN B 43 6.87 -20.04 1.79
CA GLN B 43 5.87 -19.92 0.75
C GLN B 43 5.36 -21.29 0.32
N GLU B 44 6.24 -22.05 -0.35
CA GLU B 44 5.86 -23.34 -0.92
C GLU B 44 4.58 -23.19 -1.73
N ARG B 45 4.58 -22.22 -2.62
CA ARG B 45 3.41 -21.86 -3.40
C ARG B 45 3.85 -21.38 -4.78
CA CA C . -4.45 10.64 0.99
#